data_1OTM
# 
_entry.id   1OTM 
# 
_audit_conform.dict_name       mmcif_pdbx.dic 
_audit_conform.dict_version    5.376 
_audit_conform.dict_location   http://mmcif.pdb.org/dictionaries/ascii/mmcif_pdbx.dic 
# 
loop_
_database_2.database_id 
_database_2.database_code 
_database_2.pdbx_database_accession 
_database_2.pdbx_DOI 
PDB   1OTM         pdb_00001otm 10.2210/pdb1otm/pdb 
RCSB  RCSB018655   ?            ?                   
WWPDB D_1000018655 ?            ?                   
# 
_pdbx_database_related.db_name        PDB 
_pdbx_database_related.db_id          1d0b 
_pdbx_database_related.details        'Internalin B LRR domain' 
_pdbx_database_related.content_type   unspecified 
# 
_pdbx_database_status.status_code                     REL 
_pdbx_database_status.entry_id                        1OTM 
_pdbx_database_status.recvd_initial_deposition_date   2003-03-21 
_pdbx_database_status.deposit_site                    RCSB 
_pdbx_database_status.process_site                    RCSB 
_pdbx_database_status.status_code_sf                  REL 
_pdbx_database_status.SG_entry                        . 
_pdbx_database_status.pdb_format_compatible           Y 
_pdbx_database_status.status_code_mr                  ? 
_pdbx_database_status.status_code_cs                  ? 
_pdbx_database_status.methods_development_category    ? 
_pdbx_database_status.status_code_nmr_data            ? 
# 
loop_
_audit_author.name 
_audit_author.pdbx_ordinal 
'Marino, M.'       1 
'Copp, J.'         2 
'Dramsi, S.'       3 
'Chapman, T.'      4 
'van der Geer, P.' 5 
'Cossart, P.'      6 
'Ghosh, P.'        7 
# 
_citation.id                        primary 
_citation.title                     'Characterization of the calcium-binding sites of Listeria monocytogenes InlB' 
_citation.journal_abbrev            Biochem.Biophys.Res.Commun. 
_citation.journal_volume            316 
_citation.page_first                379 
_citation.page_last                 386 
_citation.year                      2004 
_citation.journal_id_ASTM           BBRCA9 
_citation.country                   US 
_citation.journal_id_ISSN           0006-291X 
_citation.journal_id_CSD            0146 
_citation.book_publisher            ? 
_citation.pdbx_database_id_PubMed   15020228 
_citation.pdbx_database_id_DOI      10.1016/j.bbrc.2004.02.064 
# 
loop_
_citation_author.citation_id 
_citation_author.name 
_citation_author.ordinal 
_citation_author.identifier_ORCID 
primary 'Marino, M.'       1 ? 
primary 'Banerjee, M.'     2 ? 
primary 'Copp, J.'         3 ? 
primary 'Dramsi, S.'       4 ? 
primary 'Chapman, T.'      5 ? 
primary 'Van Der Geer, P.' 6 ? 
primary 'Cossart, P.'      7 ? 
primary 'Ghosh, P.'        8 ? 
# 
_cell.entry_id           1OTM 
_cell.length_a           45.296 
_cell.length_b           57.215 
_cell.length_c           84.840 
_cell.angle_alpha        90.00 
_cell.angle_beta         90.00 
_cell.angle_gamma        90.00 
_cell.Z_PDB              4 
_cell.pdbx_unique_axis   ? 
# 
_symmetry.entry_id                         1OTM 
_symmetry.space_group_name_H-M             'P 21 21 21' 
_symmetry.pdbx_full_space_group_name_H-M   ? 
_symmetry.cell_setting                     ? 
_symmetry.Int_Tables_number                19 
# 
loop_
_entity.id 
_entity.type 
_entity.src_method 
_entity.pdbx_description 
_entity.formula_weight 
_entity.pdbx_number_of_molecules 
_entity.pdbx_ec 
_entity.pdbx_mutation 
_entity.pdbx_fragment 
_entity.details 
1 polymer man 'internalin B' 26128.980 1   ? 'D51A, D59A' 'LRR domain' ? 
2 water   nat water          18.015    123 ? ?            ?            ? 
# 
_entity_poly.entity_id                      1 
_entity_poly.type                           'polypeptide(L)' 
_entity_poly.nstd_linkage                   no 
_entity_poly.nstd_monomer                   no 
_entity_poly.pdbx_seq_one_letter_code       
;MGSSHHHHHHSSGLVPRGSHMASETITVSTPIKQIFPDAAFAETIKANLKKKSVTDAVTQNELNSIDQIIANNSDIKSVQ
GIQYLPNVTKLFLNGNKLTDIKPLTNLKNLGWLFLDENKIKDLSSLKDLKKLKSLSLEHNGISDINGLVHLPQLESLYLG
NNKITDITVLSRLTKLDTLSLEDNQISDIVPLAGLTKLQNLYLSKNHISDLRALAGLKNLDVLELFSQECLNKPIN
;
_entity_poly.pdbx_seq_one_letter_code_can   
;MGSSHHHHHHSSGLVPRGSHMASETITVSTPIKQIFPDAAFAETIKANLKKKSVTDAVTQNELNSIDQIIANNSDIKSVQ
GIQYLPNVTKLFLNGNKLTDIKPLTNLKNLGWLFLDENKIKDLSSLKDLKKLKSLSLEHNGISDINGLVHLPQLESLYLG
NNKITDITVLSRLTKLDTLSLEDNQISDIVPLAGLTKLQNLYLSKNHISDLRALAGLKNLDVLELFSQECLNKPIN
;
_entity_poly.pdbx_strand_id                 A 
_entity_poly.pdbx_target_identifier         ? 
# 
loop_
_entity_poly_seq.entity_id 
_entity_poly_seq.num 
_entity_poly_seq.mon_id 
_entity_poly_seq.hetero 
1 1   MET n 
1 2   GLY n 
1 3   SER n 
1 4   SER n 
1 5   HIS n 
1 6   HIS n 
1 7   HIS n 
1 8   HIS n 
1 9   HIS n 
1 10  HIS n 
1 11  SER n 
1 12  SER n 
1 13  GLY n 
1 14  LEU n 
1 15  VAL n 
1 16  PRO n 
1 17  ARG n 
1 18  GLY n 
1 19  SER n 
1 20  HIS n 
1 21  MET n 
1 22  ALA n 
1 23  SER n 
1 24  GLU n 
1 25  THR n 
1 26  ILE n 
1 27  THR n 
1 28  VAL n 
1 29  SER n 
1 30  THR n 
1 31  PRO n 
1 32  ILE n 
1 33  LYS n 
1 34  GLN n 
1 35  ILE n 
1 36  PHE n 
1 37  PRO n 
1 38  ASP n 
1 39  ALA n 
1 40  ALA n 
1 41  PHE n 
1 42  ALA n 
1 43  GLU n 
1 44  THR n 
1 45  ILE n 
1 46  LYS n 
1 47  ALA n 
1 48  ASN n 
1 49  LEU n 
1 50  LYS n 
1 51  LYS n 
1 52  LYS n 
1 53  SER n 
1 54  VAL n 
1 55  THR n 
1 56  ASP n 
1 57  ALA n 
1 58  VAL n 
1 59  THR n 
1 60  GLN n 
1 61  ASN n 
1 62  GLU n 
1 63  LEU n 
1 64  ASN n 
1 65  SER n 
1 66  ILE n 
1 67  ASP n 
1 68  GLN n 
1 69  ILE n 
1 70  ILE n 
1 71  ALA n 
1 72  ASN n 
1 73  ASN n 
1 74  SER n 
1 75  ASP n 
1 76  ILE n 
1 77  LYS n 
1 78  SER n 
1 79  VAL n 
1 80  GLN n 
1 81  GLY n 
1 82  ILE n 
1 83  GLN n 
1 84  TYR n 
1 85  LEU n 
1 86  PRO n 
1 87  ASN n 
1 88  VAL n 
1 89  THR n 
1 90  LYS n 
1 91  LEU n 
1 92  PHE n 
1 93  LEU n 
1 94  ASN n 
1 95  GLY n 
1 96  ASN n 
1 97  LYS n 
1 98  LEU n 
1 99  THR n 
1 100 ASP n 
1 101 ILE n 
1 102 LYS n 
1 103 PRO n 
1 104 LEU n 
1 105 THR n 
1 106 ASN n 
1 107 LEU n 
1 108 LYS n 
1 109 ASN n 
1 110 LEU n 
1 111 GLY n 
1 112 TRP n 
1 113 LEU n 
1 114 PHE n 
1 115 LEU n 
1 116 ASP n 
1 117 GLU n 
1 118 ASN n 
1 119 LYS n 
1 120 ILE n 
1 121 LYS n 
1 122 ASP n 
1 123 LEU n 
1 124 SER n 
1 125 SER n 
1 126 LEU n 
1 127 LYS n 
1 128 ASP n 
1 129 LEU n 
1 130 LYS n 
1 131 LYS n 
1 132 LEU n 
1 133 LYS n 
1 134 SER n 
1 135 LEU n 
1 136 SER n 
1 137 LEU n 
1 138 GLU n 
1 139 HIS n 
1 140 ASN n 
1 141 GLY n 
1 142 ILE n 
1 143 SER n 
1 144 ASP n 
1 145 ILE n 
1 146 ASN n 
1 147 GLY n 
1 148 LEU n 
1 149 VAL n 
1 150 HIS n 
1 151 LEU n 
1 152 PRO n 
1 153 GLN n 
1 154 LEU n 
1 155 GLU n 
1 156 SER n 
1 157 LEU n 
1 158 TYR n 
1 159 LEU n 
1 160 GLY n 
1 161 ASN n 
1 162 ASN n 
1 163 LYS n 
1 164 ILE n 
1 165 THR n 
1 166 ASP n 
1 167 ILE n 
1 168 THR n 
1 169 VAL n 
1 170 LEU n 
1 171 SER n 
1 172 ARG n 
1 173 LEU n 
1 174 THR n 
1 175 LYS n 
1 176 LEU n 
1 177 ASP n 
1 178 THR n 
1 179 LEU n 
1 180 SER n 
1 181 LEU n 
1 182 GLU n 
1 183 ASP n 
1 184 ASN n 
1 185 GLN n 
1 186 ILE n 
1 187 SER n 
1 188 ASP n 
1 189 ILE n 
1 190 VAL n 
1 191 PRO n 
1 192 LEU n 
1 193 ALA n 
1 194 GLY n 
1 195 LEU n 
1 196 THR n 
1 197 LYS n 
1 198 LEU n 
1 199 GLN n 
1 200 ASN n 
1 201 LEU n 
1 202 TYR n 
1 203 LEU n 
1 204 SER n 
1 205 LYS n 
1 206 ASN n 
1 207 HIS n 
1 208 ILE n 
1 209 SER n 
1 210 ASP n 
1 211 LEU n 
1 212 ARG n 
1 213 ALA n 
1 214 LEU n 
1 215 ALA n 
1 216 GLY n 
1 217 LEU n 
1 218 LYS n 
1 219 ASN n 
1 220 LEU n 
1 221 ASP n 
1 222 VAL n 
1 223 LEU n 
1 224 GLU n 
1 225 LEU n 
1 226 PHE n 
1 227 SER n 
1 228 GLN n 
1 229 GLU n 
1 230 CYS n 
1 231 LEU n 
1 232 ASN n 
1 233 LYS n 
1 234 PRO n 
1 235 ILE n 
1 236 ASN n 
# 
_entity_src_gen.entity_id                          1 
_entity_src_gen.pdbx_src_id                        1 
_entity_src_gen.pdbx_alt_source_flag               sample 
_entity_src_gen.pdbx_seq_type                      ? 
_entity_src_gen.pdbx_beg_seq_num                   ? 
_entity_src_gen.pdbx_end_seq_num                   ? 
_entity_src_gen.gene_src_common_name               ? 
_entity_src_gen.gene_src_genus                     Listeria 
_entity_src_gen.pdbx_gene_src_gene                 ? 
_entity_src_gen.gene_src_species                   ? 
_entity_src_gen.gene_src_strain                    ? 
_entity_src_gen.gene_src_tissue                    ? 
_entity_src_gen.gene_src_tissue_fraction           ? 
_entity_src_gen.gene_src_details                   ? 
_entity_src_gen.pdbx_gene_src_fragment             ? 
_entity_src_gen.pdbx_gene_src_scientific_name      'Listeria monocytogenes' 
_entity_src_gen.pdbx_gene_src_ncbi_taxonomy_id     1639 
_entity_src_gen.pdbx_gene_src_variant              ? 
_entity_src_gen.pdbx_gene_src_cell_line            ? 
_entity_src_gen.pdbx_gene_src_atcc                 ? 
_entity_src_gen.pdbx_gene_src_organ                ? 
_entity_src_gen.pdbx_gene_src_organelle            ? 
_entity_src_gen.pdbx_gene_src_cell                 ? 
_entity_src_gen.pdbx_gene_src_cellular_location    ? 
_entity_src_gen.host_org_common_name               ? 
_entity_src_gen.pdbx_host_org_scientific_name      'Escherichia coli BL21(DE3)' 
_entity_src_gen.pdbx_host_org_ncbi_taxonomy_id     469008 
_entity_src_gen.host_org_genus                     Escherichia 
_entity_src_gen.pdbx_host_org_gene                 ? 
_entity_src_gen.pdbx_host_org_organ                ? 
_entity_src_gen.host_org_species                   'Escherichia coli' 
_entity_src_gen.pdbx_host_org_tissue               ? 
_entity_src_gen.pdbx_host_org_tissue_fraction      ? 
_entity_src_gen.pdbx_host_org_strain               'BL21(DE3)' 
_entity_src_gen.pdbx_host_org_variant              ? 
_entity_src_gen.pdbx_host_org_cell_line            ? 
_entity_src_gen.pdbx_host_org_atcc                 ? 
_entity_src_gen.pdbx_host_org_culture_collection   ? 
_entity_src_gen.pdbx_host_org_cell                 ? 
_entity_src_gen.pdbx_host_org_organelle            ? 
_entity_src_gen.pdbx_host_org_cellular_location    ? 
_entity_src_gen.pdbx_host_org_vector_type          plasmid 
_entity_src_gen.pdbx_host_org_vector               'T7 promoter' 
_entity_src_gen.host_org_details                   ? 
_entity_src_gen.expression_system_id               ? 
_entity_src_gen.plasmid_name                       'pet28b (Novagen)' 
_entity_src_gen.plasmid_details                    ? 
_entity_src_gen.pdbx_description                   ? 
# 
_struct_ref.id                         1 
_struct_ref.db_name                    UNP 
_struct_ref.db_code                    INLB_LISMO 
_struct_ref.entity_id                  1 
_struct_ref.pdbx_seq_one_letter_code   
;ETITVPTPIKQIFSDDAFAETIKDNLKKKSVTDAVTQNELNSIDQIIANNSDIKSVQGIQYLPNVTKLFLNGNKLTDIKP
LANLKNLGWLFLDENKVKDLSSLKDLKKLKSLSLEHNGISDINGLVHLPQLESLYLGNNKITDITVLSRLTKLDTLSLED
NQISDIVPLAGLTKLQNLYLSKNHISDLRALAGLKNLDVLELFSQECLNKPIN
;
_struct_ref.pdbx_align_begin           36 
_struct_ref.pdbx_db_accession          P25147 
_struct_ref.pdbx_db_isoform            ? 
# 
_struct_ref_seq.align_id                      1 
_struct_ref_seq.ref_id                        1 
_struct_ref_seq.pdbx_PDB_id_code              1OTM 
_struct_ref_seq.pdbx_strand_id                A 
_struct_ref_seq.seq_align_beg                 24 
_struct_ref_seq.pdbx_seq_align_beg_ins_code   ? 
_struct_ref_seq.seq_align_end                 236 
_struct_ref_seq.pdbx_seq_align_end_ins_code   ? 
_struct_ref_seq.pdbx_db_accession             P25147 
_struct_ref_seq.db_align_beg                  36 
_struct_ref_seq.pdbx_db_align_beg_ins_code    ? 
_struct_ref_seq.db_align_end                  248 
_struct_ref_seq.pdbx_db_align_end_ins_code    ? 
_struct_ref_seq.pdbx_auth_seq_align_beg       36 
_struct_ref_seq.pdbx_auth_seq_align_end       248 
# 
loop_
_struct_ref_seq_dif.align_id 
_struct_ref_seq_dif.pdbx_pdb_id_code 
_struct_ref_seq_dif.mon_id 
_struct_ref_seq_dif.pdbx_pdb_strand_id 
_struct_ref_seq_dif.seq_num 
_struct_ref_seq_dif.pdbx_pdb_ins_code 
_struct_ref_seq_dif.pdbx_seq_db_name 
_struct_ref_seq_dif.pdbx_seq_db_accession_code 
_struct_ref_seq_dif.db_mon_id 
_struct_ref_seq_dif.pdbx_seq_db_seq_num 
_struct_ref_seq_dif.details 
_struct_ref_seq_dif.pdbx_auth_seq_num 
_struct_ref_seq_dif.pdbx_ordinal 
1 1OTM MET A 1   ? UNP P25147 ?   ?   'expression tag'      13  1  
1 1OTM GLY A 2   ? UNP P25147 ?   ?   'expression tag'      14  2  
1 1OTM SER A 3   ? UNP P25147 ?   ?   'expression tag'      15  3  
1 1OTM SER A 4   ? UNP P25147 ?   ?   'expression tag'      16  4  
1 1OTM HIS A 5   ? UNP P25147 ?   ?   'expression tag'      17  5  
1 1OTM HIS A 6   ? UNP P25147 ?   ?   'expression tag'      18  6  
1 1OTM HIS A 7   ? UNP P25147 ?   ?   'expression tag'      19  7  
1 1OTM HIS A 8   ? UNP P25147 ?   ?   'expression tag'      20  8  
1 1OTM HIS A 9   ? UNP P25147 ?   ?   'expression tag'      21  9  
1 1OTM HIS A 10  ? UNP P25147 ?   ?   'expression tag'      22  10 
1 1OTM SER A 11  ? UNP P25147 ?   ?   'expression tag'      23  11 
1 1OTM SER A 12  ? UNP P25147 ?   ?   'expression tag'      24  12 
1 1OTM GLY A 13  ? UNP P25147 ?   ?   'expression tag'      25  13 
1 1OTM LEU A 14  ? UNP P25147 ?   ?   'expression tag'      26  14 
1 1OTM VAL A 15  ? UNP P25147 ?   ?   'expression tag'      27  15 
1 1OTM PRO A 16  ? UNP P25147 ?   ?   'expression tag'      28  16 
1 1OTM ARG A 17  ? UNP P25147 ?   ?   'expression tag'      29  17 
1 1OTM GLY A 18  ? UNP P25147 ?   ?   'expression tag'      30  18 
1 1OTM SER A 19  ? UNP P25147 ?   ?   'expression tag'      31  19 
1 1OTM HIS A 20  ? UNP P25147 ?   ?   'expression tag'      32  20 
1 1OTM MET A 21  ? UNP P25147 ?   ?   'expression tag'      33  21 
1 1OTM ALA A 22  ? UNP P25147 ?   ?   'expression tag'      34  22 
1 1OTM SER A 23  ? UNP P25147 ?   ?   'expression tag'      35  23 
1 1OTM SER A 29  ? UNP P25147 PRO 41  variant               41  24 
1 1OTM PRO A 37  ? UNP P25147 SER 49  variant               49  25 
1 1OTM ALA A 39  ? UNP P25147 ASP 51  'engineered mutation' 51  26 
1 1OTM ALA A 47  ? UNP P25147 ASP 59  'engineered mutation' 59  27 
1 1OTM THR A 105 ? UNP P25147 ALA 117 variant               117 28 
1 1OTM ILE A 120 ? UNP P25147 VAL 132 variant               132 29 
# 
loop_
_chem_comp.id 
_chem_comp.type 
_chem_comp.mon_nstd_flag 
_chem_comp.name 
_chem_comp.pdbx_synonyms 
_chem_comp.formula 
_chem_comp.formula_weight 
ALA 'L-peptide linking' y ALANINE         ? 'C3 H7 N O2'     89.093  
ARG 'L-peptide linking' y ARGININE        ? 'C6 H15 N4 O2 1' 175.209 
ASN 'L-peptide linking' y ASPARAGINE      ? 'C4 H8 N2 O3'    132.118 
ASP 'L-peptide linking' y 'ASPARTIC ACID' ? 'C4 H7 N O4'     133.103 
CYS 'L-peptide linking' y CYSTEINE        ? 'C3 H7 N O2 S'   121.158 
GLN 'L-peptide linking' y GLUTAMINE       ? 'C5 H10 N2 O3'   146.144 
GLU 'L-peptide linking' y 'GLUTAMIC ACID' ? 'C5 H9 N O4'     147.129 
GLY 'peptide linking'   y GLYCINE         ? 'C2 H5 N O2'     75.067  
HIS 'L-peptide linking' y HISTIDINE       ? 'C6 H10 N3 O2 1' 156.162 
HOH non-polymer         . WATER           ? 'H2 O'           18.015  
ILE 'L-peptide linking' y ISOLEUCINE      ? 'C6 H13 N O2'    131.173 
LEU 'L-peptide linking' y LEUCINE         ? 'C6 H13 N O2'    131.173 
LYS 'L-peptide linking' y LYSINE          ? 'C6 H15 N2 O2 1' 147.195 
MET 'L-peptide linking' y METHIONINE      ? 'C5 H11 N O2 S'  149.211 
PHE 'L-peptide linking' y PHENYLALANINE   ? 'C9 H11 N O2'    165.189 
PRO 'L-peptide linking' y PROLINE         ? 'C5 H9 N O2'     115.130 
SER 'L-peptide linking' y SERINE          ? 'C3 H7 N O3'     105.093 
THR 'L-peptide linking' y THREONINE       ? 'C4 H9 N O3'     119.119 
TRP 'L-peptide linking' y TRYPTOPHAN      ? 'C11 H12 N2 O2'  204.225 
TYR 'L-peptide linking' y TYROSINE        ? 'C9 H11 N O3'    181.189 
VAL 'L-peptide linking' y VALINE          ? 'C5 H11 N O2'    117.146 
# 
_exptl.entry_id          1OTM 
_exptl.method            'X-RAY DIFFRACTION' 
_exptl.crystals_number   1 
# 
_exptl_crystal.id                    1 
_exptl_crystal.density_meas          ? 
_exptl_crystal.density_Matthews      2.26 
_exptl_crystal.density_percent_sol   45.09 
_exptl_crystal.description           ? 
# 
_exptl_crystal_grow.crystal_id      1 
_exptl_crystal_grow.method          'VAPOR DIFFUSION, HANGING DROP' 
_exptl_crystal_grow.temp            298 
_exptl_crystal_grow.temp_details    ? 
_exptl_crystal_grow.pH              6.5 
_exptl_crystal_grow.pdbx_details    'Peg 8000, Mes, Calcium acetate, DTT, pH 6.5, VAPOR DIFFUSION, HANGING DROP, temperature 298K' 
_exptl_crystal_grow.pdbx_pH_range   . 
# 
_diffrn.id                     1 
_diffrn.ambient_temp           110 
_diffrn.ambient_temp_details   ? 
_diffrn.crystal_id             1 
# 
_diffrn_detector.diffrn_id              1 
_diffrn_detector.detector               'IMAGE PLATE' 
_diffrn_detector.type                   MARRESEARCH 
_diffrn_detector.pdbx_collection_date   2000-02-11 
_diffrn_detector.details                Osmic 
# 
_diffrn_radiation.diffrn_id                        1 
_diffrn_radiation.wavelength_id                    1 
_diffrn_radiation.pdbx_monochromatic_or_laue_m_l   M 
_diffrn_radiation.monochromator                    ? 
_diffrn_radiation.pdbx_diffrn_protocol             'SINGLE WAVELENGTH' 
_diffrn_radiation.pdbx_scattering_type             x-ray 
# 
_diffrn_radiation_wavelength.id           1 
_diffrn_radiation_wavelength.wavelength   1.5418 
_diffrn_radiation_wavelength.wt           1.0 
# 
_diffrn_source.diffrn_id                   1 
_diffrn_source.source                      'ROTATING ANODE' 
_diffrn_source.type                        RIGAKU 
_diffrn_source.pdbx_synchrotron_site       ? 
_diffrn_source.pdbx_synchrotron_beamline   ? 
_diffrn_source.pdbx_wavelength             1.5418 
_diffrn_source.pdbx_wavelength_list        ? 
# 
_reflns.entry_id                     1OTM 
_reflns.observed_criterion_sigma_F   0 
_reflns.observed_criterion_sigma_I   0 
_reflns.d_resolution_high            1.93 
_reflns.d_resolution_low             15.0 
_reflns.number_all                   17061 
_reflns.number_obs                   16502 
_reflns.percent_possible_obs         96.7 
_reflns.pdbx_Rmerge_I_obs            ? 
_reflns.pdbx_Rsym_value              0.051 
_reflns.pdbx_netI_over_sigmaI        18.0 
_reflns.B_iso_Wilson_estimate        ? 
_reflns.pdbx_redundancy              2.93 
_reflns.R_free_details               ? 
_reflns.limit_h_max                  ? 
_reflns.limit_h_min                  ? 
_reflns.limit_k_max                  ? 
_reflns.limit_k_min                  ? 
_reflns.limit_l_max                  ? 
_reflns.limit_l_min                  ? 
_reflns.observed_criterion_F_max     ? 
_reflns.observed_criterion_F_min     ? 
_reflns.pdbx_diffrn_id               1 
_reflns.pdbx_ordinal                 1 
# 
_reflns_shell.d_res_high             1.93 
_reflns_shell.d_res_low              2.00 
_reflns_shell.percent_possible_all   95.5 
_reflns_shell.Rmerge_I_obs           ? 
_reflns_shell.pdbx_Rsym_value        0.55 
_reflns_shell.meanI_over_sigI_obs    1.56 
_reflns_shell.pdbx_redundancy        ? 
_reflns_shell.percent_possible_obs   ? 
_reflns_shell.number_unique_all      ? 
_reflns_shell.pdbx_diffrn_id         ? 
_reflns_shell.pdbx_ordinal           1 
# 
_refine.entry_id                                 1OTM 
_refine.ls_d_res_high                            1.93 
_refine.ls_d_res_low                             15 
_refine.pdbx_ls_sigma_F                          0 
_refine.pdbx_ls_sigma_I                          ? 
_refine.ls_number_reflns_all                     17134 
_refine.ls_number_reflns_obs                     16483 
_refine.ls_number_reflns_R_free                  1631 
_refine.ls_percent_reflns_obs                    ? 
_refine.ls_R_factor_all                          0.206 
_refine.ls_R_factor_obs                          0.206 
_refine.ls_R_factor_R_work                       0.201 
_refine.ls_R_factor_R_free                       0.2401 
_refine.ls_redundancy_reflns_obs                 ? 
_refine.pdbx_data_cutoff_high_absF               ? 
_refine.pdbx_data_cutoff_low_absF                ? 
_refine.ls_number_parameters                     ? 
_refine.ls_number_restraints                     ? 
_refine.ls_percent_reflns_R_free                 ? 
_refine.ls_R_factor_R_free_error                 ? 
_refine.ls_R_factor_R_free_error_details         ? 
_refine.pdbx_method_to_determine_struct          'MOLECULAR REPLACEMENT' 
_refine.pdbx_starting_model                      'PDB ENTRY 1d0b' 
_refine.pdbx_ls_cross_valid_method               THROUGHOUT 
_refine.pdbx_R_Free_selection_details            RANDOM 
_refine.pdbx_stereochem_target_val_spec_case     ? 
_refine.pdbx_stereochemistry_target_values       'Engh & Huber' 
_refine.solvent_model_details                    ? 
_refine.solvent_model_param_bsol                 ? 
_refine.solvent_model_param_ksol                 ? 
_refine.occupancy_max                            ? 
_refine.occupancy_min                            ? 
_refine.pdbx_isotropic_thermal_model             ? 
_refine.B_iso_mean                               ? 
_refine.aniso_B[1][1]                            ? 
_refine.aniso_B[1][2]                            ? 
_refine.aniso_B[1][3]                            ? 
_refine.aniso_B[2][2]                            ? 
_refine.aniso_B[2][3]                            ? 
_refine.aniso_B[3][3]                            ? 
_refine.details                                  ? 
_refine.B_iso_min                                ? 
_refine.B_iso_max                                ? 
_refine.correlation_coeff_Fo_to_Fc               ? 
_refine.correlation_coeff_Fo_to_Fc_free          ? 
_refine.pdbx_solvent_vdw_probe_radii             ? 
_refine.pdbx_solvent_ion_probe_radii             ? 
_refine.pdbx_solvent_shrinkage_radii             ? 
_refine.overall_SU_R_Cruickshank_DPI             ? 
_refine.overall_SU_R_free                        ? 
_refine.overall_SU_B                             ? 
_refine.overall_SU_ML                            ? 
_refine.pdbx_overall_ESU_R                       ? 
_refine.pdbx_overall_ESU_R_Free                  ? 
_refine.pdbx_data_cutoff_high_rms_absF           ? 
_refine.pdbx_refine_id                           'X-RAY DIFFRACTION' 
_refine.pdbx_diffrn_id                           1 
_refine.pdbx_TLS_residual_ADP_flag               ? 
_refine.pdbx_overall_phase_error                 ? 
_refine.pdbx_overall_SU_R_free_Cruickshank_DPI   ? 
_refine.pdbx_overall_SU_R_Blow_DPI               ? 
_refine.pdbx_overall_SU_R_free_Blow_DPI          ? 
# 
_refine_hist.pdbx_refine_id                   'X-RAY DIFFRACTION' 
_refine_hist.cycle_id                         LAST 
_refine_hist.pdbx_number_atoms_protein        1616 
_refine_hist.pdbx_number_atoms_nucleic_acid   0 
_refine_hist.pdbx_number_atoms_ligand         0 
_refine_hist.number_atoms_solvent             123 
_refine_hist.number_atoms_total               1739 
_refine_hist.d_res_high                       1.93 
_refine_hist.d_res_low                        15 
# 
loop_
_refine_ls_restr.type 
_refine_ls_restr.dev_ideal 
_refine_ls_restr.dev_ideal_target 
_refine_ls_restr.weight 
_refine_ls_restr.number 
_refine_ls_restr.pdbx_refine_id 
_refine_ls_restr.pdbx_restraint_function 
c_bond_d    .004235 ? ? ? 'X-RAY DIFFRACTION' ? 
c_angle_deg 1.18043 ? ? ? 'X-RAY DIFFRACTION' ? 
# 
_struct.entry_id                  1OTM 
_struct.title                     'Calcium-binding mutant of the internalin B LRR domain' 
_struct.pdbx_model_details        ? 
_struct.pdbx_CASP_flag            ? 
_struct.pdbx_model_type_details   ? 
# 
_struct_keywords.entry_id        1OTM 
_struct_keywords.pdbx_keywords   'CELL ADHESION' 
_struct_keywords.text            'internalin, InlB, calcium-binding, invasion, Listeria, CELL ADHESION' 
# 
loop_
_struct_asym.id 
_struct_asym.pdbx_blank_PDB_chainid_flag 
_struct_asym.pdbx_modified 
_struct_asym.entity_id 
_struct_asym.details 
A N N 1 ? 
B N N 2 ? 
# 
loop_
_struct_conf.conf_type_id 
_struct_conf.id 
_struct_conf.pdbx_PDB_helix_id 
_struct_conf.beg_label_comp_id 
_struct_conf.beg_label_asym_id 
_struct_conf.beg_label_seq_id 
_struct_conf.pdbx_beg_PDB_ins_code 
_struct_conf.end_label_comp_id 
_struct_conf.end_label_asym_id 
_struct_conf.end_label_seq_id 
_struct_conf.pdbx_end_PDB_ins_code 
_struct_conf.beg_auth_comp_id 
_struct_conf.beg_auth_asym_id 
_struct_conf.beg_auth_seq_id 
_struct_conf.end_auth_comp_id 
_struct_conf.end_auth_asym_id 
_struct_conf.end_auth_seq_id 
_struct_conf.pdbx_PDB_helix_class 
_struct_conf.details 
_struct_conf.pdbx_PDB_helix_length 
HELX_P HELX_P1  1  ILE A 32  ? PHE A 36  ? ILE A 44  PHE A 48  1 ? 5  
HELX_P HELX_P2  2  ASP A 38  ? LEU A 49  ? ASP A 50  LEU A 61  1 ? 12 
HELX_P HELX_P3  3  THR A 59  ? SER A 65  ? THR A 71  SER A 77  1 ? 7  
HELX_P HELX_P4  4  GLY A 81  ? LEU A 85  ? GLY A 93  LEU A 97  5 ? 5  
HELX_P HELX_P5  5  ILE A 101 ? THR A 105 ? ILE A 113 THR A 117 5 ? 5  
HELX_P HELX_P6  6  LEU A 123 ? LYS A 127 ? LEU A 135 LYS A 139 5 ? 5  
HELX_P HELX_P7  7  ILE A 145 ? LEU A 151 ? ILE A 157 LEU A 163 5 ? 7  
HELX_P HELX_P8  8  ILE A 167 ? LEU A 173 ? ILE A 179 LEU A 185 5 ? 7  
HELX_P HELX_P9  9  ILE A 189 ? ALA A 193 ? ILE A 201 ALA A 205 5 ? 5  
HELX_P HELX_P10 10 LEU A 211 ? ALA A 215 ? LEU A 223 ALA A 227 5 ? 5  
# 
_struct_conf_type.id          HELX_P 
_struct_conf_type.criteria    ? 
_struct_conf_type.reference   ? 
# 
loop_
_struct_sheet.id 
_struct_sheet.type 
_struct_sheet.number_strands 
_struct_sheet.details 
A ? 2 ? 
B ? 8 ? 
# 
loop_
_struct_sheet_order.sheet_id 
_struct_sheet_order.range_id_1 
_struct_sheet_order.range_id_2 
_struct_sheet_order.offset 
_struct_sheet_order.sense 
A 1 2 ? anti-parallel 
B 1 2 ? parallel      
B 2 3 ? parallel      
B 3 4 ? parallel      
B 4 5 ? parallel      
B 5 6 ? parallel      
B 6 7 ? parallel      
B 7 8 ? parallel      
# 
loop_
_struct_sheet_range.sheet_id 
_struct_sheet_range.id 
_struct_sheet_range.beg_label_comp_id 
_struct_sheet_range.beg_label_asym_id 
_struct_sheet_range.beg_label_seq_id 
_struct_sheet_range.pdbx_beg_PDB_ins_code 
_struct_sheet_range.end_label_comp_id 
_struct_sheet_range.end_label_asym_id 
_struct_sheet_range.end_label_seq_id 
_struct_sheet_range.pdbx_end_PDB_ins_code 
_struct_sheet_range.beg_auth_comp_id 
_struct_sheet_range.beg_auth_asym_id 
_struct_sheet_range.beg_auth_seq_id 
_struct_sheet_range.end_auth_comp_id 
_struct_sheet_range.end_auth_asym_id 
_struct_sheet_range.end_auth_seq_id 
A 1 THR A 30  ? PRO A 31  ? THR A 42  PRO A 43  
A 2 ALA A 57  ? VAL A 58  ? ALA A 69  VAL A 70  
B 1 GLN A 68  ? ILE A 70  ? GLN A 80  ILE A 82  
B 2 LYS A 90  ? PHE A 92  ? LYS A 102 PHE A 104 
B 3 TRP A 112 ? PHE A 114 ? TRP A 124 PHE A 126 
B 4 SER A 134 ? SER A 136 ? SER A 146 SER A 148 
B 5 SER A 156 ? TYR A 158 ? SER A 168 TYR A 170 
B 6 THR A 178 ? SER A 180 ? THR A 190 SER A 192 
B 7 ASN A 200 ? TYR A 202 ? ASN A 212 TYR A 214 
B 8 VAL A 222 ? GLU A 224 ? VAL A 234 GLU A 236 
# 
loop_
_pdbx_struct_sheet_hbond.sheet_id 
_pdbx_struct_sheet_hbond.range_id_1 
_pdbx_struct_sheet_hbond.range_id_2 
_pdbx_struct_sheet_hbond.range_1_label_atom_id 
_pdbx_struct_sheet_hbond.range_1_label_comp_id 
_pdbx_struct_sheet_hbond.range_1_label_asym_id 
_pdbx_struct_sheet_hbond.range_1_label_seq_id 
_pdbx_struct_sheet_hbond.range_1_PDB_ins_code 
_pdbx_struct_sheet_hbond.range_1_auth_atom_id 
_pdbx_struct_sheet_hbond.range_1_auth_comp_id 
_pdbx_struct_sheet_hbond.range_1_auth_asym_id 
_pdbx_struct_sheet_hbond.range_1_auth_seq_id 
_pdbx_struct_sheet_hbond.range_2_label_atom_id 
_pdbx_struct_sheet_hbond.range_2_label_comp_id 
_pdbx_struct_sheet_hbond.range_2_label_asym_id 
_pdbx_struct_sheet_hbond.range_2_label_seq_id 
_pdbx_struct_sheet_hbond.range_2_PDB_ins_code 
_pdbx_struct_sheet_hbond.range_2_auth_atom_id 
_pdbx_struct_sheet_hbond.range_2_auth_comp_id 
_pdbx_struct_sheet_hbond.range_2_auth_asym_id 
_pdbx_struct_sheet_hbond.range_2_auth_seq_id 
A 1 2 N THR A 30  ? N THR A 42  O VAL A 58  ? O VAL A 70  
B 1 2 N ILE A 69  ? N ILE A 81  O PHE A 92  ? O PHE A 104 
B 2 3 N LEU A 91  ? N LEU A 103 O PHE A 114 ? O PHE A 126 
B 3 4 N LEU A 113 ? N LEU A 125 O SER A 134 ? O SER A 146 
B 4 5 N LEU A 135 ? N LEU A 147 O TYR A 158 ? O TYR A 170 
B 5 6 N LEU A 157 ? N LEU A 169 O SER A 180 ? O SER A 192 
B 6 7 N LEU A 179 ? N LEU A 191 O ASN A 200 ? O ASN A 212 
B 7 8 N LEU A 201 ? N LEU A 213 O VAL A 222 ? O VAL A 234 
# 
_atom_sites.entry_id                    1OTM 
_atom_sites.fract_transf_matrix[1][1]   0.02157226 
_atom_sites.fract_transf_matrix[1][2]   -0.00241206 
_atom_sites.fract_transf_matrix[1][3]   -0.00402658 
_atom_sites.fract_transf_matrix[2][1]   0.00286819 
_atom_sites.fract_transf_matrix[2][2]   0.01630702 
_atom_sites.fract_transf_matrix[2][3]   0.00559778 
_atom_sites.fract_transf_matrix[3][1]   0.00159332 
_atom_sites.fract_transf_matrix[3][2]   -0.00404157 
_atom_sites.fract_transf_matrix[3][3]   0.01095721 
_atom_sites.fract_transf_vector[1]      0.608685 
_atom_sites.fract_transf_vector[2]      0.113262 
_atom_sites.fract_transf_vector[3]      0.603325 
# 
loop_
_atom_type.symbol 
C 
N 
O 
S 
# 
loop_
_atom_site.group_PDB 
_atom_site.id 
_atom_site.type_symbol 
_atom_site.label_atom_id 
_atom_site.label_alt_id 
_atom_site.label_comp_id 
_atom_site.label_asym_id 
_atom_site.label_entity_id 
_atom_site.label_seq_id 
_atom_site.pdbx_PDB_ins_code 
_atom_site.Cartn_x 
_atom_site.Cartn_y 
_atom_site.Cartn_z 
_atom_site.occupancy 
_atom_site.B_iso_or_equiv 
_atom_site.pdbx_formal_charge 
_atom_site.auth_seq_id 
_atom_site.auth_comp_id 
_atom_site.auth_asym_id 
_atom_site.auth_atom_id 
_atom_site.pdbx_PDB_model_num 
ATOM   1    N N   . GLU A 1 24  ? -6.143  -2.831  -19.612 1.00 78.88 ? 36  GLU A N   1 
ATOM   2    C CA  . GLU A 1 24  ? -7.181  -3.066  -20.653 1.00 76.30 ? 36  GLU A CA  1 
ATOM   3    C C   . GLU A 1 24  ? -7.685  -4.509  -20.569 1.00 70.07 ? 36  GLU A C   1 
ATOM   4    O O   . GLU A 1 24  ? -7.880  -5.038  -19.473 1.00 58.52 ? 36  GLU A O   1 
ATOM   5    C CB  . GLU A 1 24  ? -6.597  -2.774  -22.043 1.00 85.94 ? 36  GLU A CB  1 
ATOM   6    C CG  . GLU A 1 24  ? -7.616  -2.756  -23.184 1.00 89.37 ? 36  GLU A CG  1 
ATOM   7    C CD  . GLU A 1 24  ? -8.704  -1.709  -23.001 1.00 93.94 ? 36  GLU A CD  1 
ATOM   8    O OE1 . GLU A 1 24  ? -9.511  -1.833  -22.053 1.00 87.25 ? 36  GLU A OE1 1 
ATOM   9    O OE2 . GLU A 1 24  ? -8.753  -0.758  -23.812 1.00 91.66 ? 36  GLU A OE2 1 
ATOM   10   N N   . THR A 1 25  ? -7.894  -5.144  -21.720 1.00 47.95 ? 37  THR A N   1 
ATOM   11   C CA  . THR A 1 25  ? -8.382  -6.520  -21.749 1.00 55.39 ? 37  THR A CA  1 
ATOM   12   C C   . THR A 1 25  ? -7.803  -7.282  -22.935 1.00 45.23 ? 37  THR A C   1 
ATOM   13   O O   . THR A 1 25  ? -7.319  -6.679  -23.891 1.00 47.92 ? 37  THR A O   1 
ATOM   14   C CB  . THR A 1 25  ? -9.921  -6.568  -21.878 1.00 57.06 ? 37  THR A CB  1 
ATOM   15   O OG1 . THR A 1 25  ? -10.304 -6.032  -23.149 1.00 51.61 ? 37  THR A OG1 1 
ATOM   16   C CG2 . THR A 1 25  ? -10.591 -5.753  -20.777 1.00 44.11 ? 37  THR A CG2 1 
ATOM   17   N N   . ILE A 1 26  ? -7.847  -8.608  -22.868 1.00 38.91 ? 38  ILE A N   1 
ATOM   18   C CA  . ILE A 1 26  ? -7.363  -9.428  -23.971 1.00 46.60 ? 38  ILE A CA  1 
ATOM   19   C C   . ILE A 1 26  ? -8.608  -9.927  -24.694 1.00 51.04 ? 38  ILE A C   1 
ATOM   20   O O   . ILE A 1 26  ? -9.610  -10.270 -24.062 1.00 41.83 ? 38  ILE A O   1 
ATOM   21   C CB  . ILE A 1 26  ? -6.507  -10.620 -23.485 1.00 42.34 ? 38  ILE A CB  1 
ATOM   22   C CG1 . ILE A 1 26  ? -7.342  -11.577 -22.633 1.00 29.25 ? 38  ILE A CG1 1 
ATOM   23   C CG2 . ILE A 1 26  ? -5.323  -10.102 -22.680 1.00 44.05 ? 38  ILE A CG2 1 
ATOM   24   C CD1 . ILE A 1 26  ? -6.556  -12.778 -22.142 1.00 37.36 ? 38  ILE A CD1 1 
ATOM   25   N N   . THR A 1 27  ? -8.548  -9.952  -26.019 1.00 43.65 ? 39  THR A N   1 
ATOM   26   C CA  . THR A 1 27  ? -9.692  -10.362 -26.821 1.00 54.17 ? 39  THR A CA  1 
ATOM   27   C C   . THR A 1 27  ? -9.629  -11.815 -27.268 1.00 52.13 ? 39  THR A C   1 
ATOM   28   O O   . THR A 1 27  ? -10.543 -12.313 -27.927 1.00 47.00 ? 39  THR A O   1 
ATOM   29   C CB  . THR A 1 27  ? -9.831  -9.444  -28.060 1.00 56.52 ? 39  THR A CB  1 
ATOM   30   O OG1 . THR A 1 27  ? -10.903 -9.905  -28.889 1.00 78.86 ? 39  THR A OG1 1 
ATOM   31   C CG2 . THR A 1 27  ? -8.539  -9.435  -28.861 1.00 59.12 ? 39  THR A CG2 1 
ATOM   32   N N   . VAL A 1 28  ? -8.557  -12.503 -26.901 1.00 40.70 ? 40  VAL A N   1 
ATOM   33   C CA  . VAL A 1 28  ? -8.405  -13.895 -27.286 1.00 39.76 ? 40  VAL A CA  1 
ATOM   34   C C   . VAL A 1 28  ? -7.526  -14.635 -26.285 1.00 39.61 ? 40  VAL A C   1 
ATOM   35   O O   . VAL A 1 28  ? -6.778  -14.017 -25.530 1.00 46.92 ? 40  VAL A O   1 
ATOM   36   C CB  . VAL A 1 28  ? -7.768  -13.999 -28.688 1.00 55.95 ? 40  VAL A CB  1 
ATOM   37   C CG1 . VAL A 1 28  ? -6.382  -13.369 -28.672 1.00 48.30 ? 40  VAL A CG1 1 
ATOM   38   C CG2 . VAL A 1 28  ? -7.695  -15.452 -29.126 1.00 62.13 ? 40  VAL A CG2 1 
ATOM   39   N N   . SER A 1 29  ? -7.631  -15.959 -26.281 1.00 38.41 ? 41  SER A N   1 
ATOM   40   C CA  . SER A 1 29  ? -6.835  -16.791 -25.388 1.00 39.54 ? 41  SER A CA  1 
ATOM   41   C C   . SER A 1 29  ? -5.372  -16.397 -25.598 1.00 49.47 ? 41  SER A C   1 
ATOM   42   O O   . SER A 1 29  ? -4.872  -16.417 -26.727 1.00 36.28 ? 41  SER A O   1 
ATOM   43   C CB  . SER A 1 29  ? -7.054  -18.266 -25.732 1.00 47.19 ? 41  SER A CB  1 
ATOM   44   O OG  . SER A 1 29  ? -6.421  -19.115 -24.796 1.00 71.72 ? 41  SER A OG  1 
ATOM   45   N N   . THR A 1 30  ? -4.696  -16.032 -24.510 1.00 32.61 ? 42  THR A N   1 
ATOM   46   C CA  . THR A 1 30  ? -3.304  -15.587 -24.570 1.00 30.33 ? 42  THR A CA  1 
ATOM   47   C C   . THR A 1 30  ? -2.469  -16.226 -23.460 1.00 40.48 ? 42  THR A C   1 
ATOM   48   O O   . THR A 1 30  ? -2.940  -16.378 -22.330 1.00 27.63 ? 42  THR A O   1 
ATOM   49   C CB  . THR A 1 30  ? -3.223  -14.053 -24.409 1.00 36.36 ? 42  THR A CB  1 
ATOM   50   O OG1 . THR A 1 30  ? -4.139  -13.428 -25.316 1.00 40.56 ? 42  THR A OG1 1 
ATOM   51   C CG2 . THR A 1 30  ? -1.814  -13.551 -24.693 1.00 35.26 ? 42  THR A CG2 1 
ATOM   52   N N   . PRO A 1 31  ? -1.215  -16.606 -23.766 1.00 38.11 ? 43  PRO A N   1 
ATOM   53   C CA  . PRO A 1 31  ? -0.360  -17.223 -22.750 1.00 33.91 ? 43  PRO A CA  1 
ATOM   54   C C   . PRO A 1 31  ? -0.121  -16.269 -21.589 1.00 30.86 ? 43  PRO A C   1 
ATOM   55   O O   . PRO A 1 31  ? 0.085   -15.067 -21.785 1.00 29.54 ? 43  PRO A O   1 
ATOM   56   C CB  . PRO A 1 31  ? 0.927   -17.530 -23.513 1.00 34.26 ? 43  PRO A CB  1 
ATOM   57   C CG  . PRO A 1 31  ? 0.449   -17.728 -24.918 1.00 39.50 ? 43  PRO A CG  1 
ATOM   58   C CD  . PRO A 1 31  ? -0.538  -16.599 -25.076 1.00 35.62 ? 43  PRO A CD  1 
ATOM   59   N N   . ILE A 1 32  ? -0.153  -16.810 -20.377 1.00 31.86 ? 44  ILE A N   1 
ATOM   60   C CA  . ILE A 1 32  ? 0.072   -16.008 -19.184 1.00 26.66 ? 44  ILE A CA  1 
ATOM   61   C C   . ILE A 1 32  ? 1.387   -15.245 -19.299 1.00 28.20 ? 44  ILE A C   1 
ATOM   62   O O   . ILE A 1 32  ? 1.460   -14.065 -18.975 1.00 32.66 ? 44  ILE A O   1 
ATOM   63   C CB  . ILE A 1 32  ? 0.107   -16.905 -17.923 1.00 23.63 ? 44  ILE A CB  1 
ATOM   64   C CG1 . ILE A 1 32  ? -1.299  -17.442 -17.644 1.00 28.45 ? 44  ILE A CG1 1 
ATOM   65   C CG2 . ILE A 1 32  ? 0.667   -16.132 -16.732 1.00 26.11 ? 44  ILE A CG2 1 
ATOM   66   C CD1 . ILE A 1 32  ? -1.358  -18.498 -16.554 1.00 27.75 ? 44  ILE A CD1 1 
ATOM   67   N N   . LYS A 1 33  ? 2.423   -15.925 -19.775 1.00 35.20 ? 45  LYS A N   1 
ATOM   68   C CA  . LYS A 1 33  ? 3.731   -15.308 -19.906 1.00 27.99 ? 45  LYS A CA  1 
ATOM   69   C C   . LYS A 1 33  ? 3.753   -14.118 -20.863 1.00 35.16 ? 45  LYS A C   1 
ATOM   70   O O   . LYS A 1 33  ? 4.635   -13.273 -20.767 1.00 32.10 ? 45  LYS A O   1 
ATOM   71   C CB  . LYS A 1 33  ? 4.768   -16.346 -20.354 1.00 29.90 ? 45  LYS A CB  1 
ATOM   72   C CG  . LYS A 1 33  ? 4.474   -16.983 -21.706 1.00 46.66 ? 45  LYS A CG  1 
ATOM   73   C CD  . LYS A 1 33  ? 5.654   -17.812 -22.213 1.00 45.99 ? 45  LYS A CD  1 
ATOM   74   C CE  . LYS A 1 33  ? 6.862   -16.928 -22.506 1.00 42.62 ? 45  LYS A CE  1 
ATOM   75   N NZ  . LYS A 1 33  ? 8.029   -17.695 -23.034 1.00 38.76 ? 45  LYS A NZ  1 
ATOM   76   N N   . GLN A 1 34  ? 2.791   -14.038 -21.777 1.00 28.27 ? 46  GLN A N   1 
ATOM   77   C CA  . GLN A 1 34  ? 2.769   -12.919 -22.720 1.00 33.31 ? 46  GLN A CA  1 
ATOM   78   C C   . GLN A 1 34  ? 2.130   -11.678 -22.100 1.00 40.35 ? 46  GLN A C   1 
ATOM   79   O O   . GLN A 1 34  ? 2.434   -10.555 -22.497 1.00 41.63 ? 46  GLN A O   1 
ATOM   80   C CB  . GLN A 1 34  ? 2.013   -13.299 -24.003 1.00 26.94 ? 46  GLN A CB  1 
ATOM   81   C CG  . GLN A 1 34  ? 2.705   -14.330 -24.887 1.00 32.95 ? 46  GLN A CG  1 
ATOM   82   C CD  . GLN A 1 34  ? 4.099   -13.893 -25.311 1.00 37.85 ? 46  GLN A CD  1 
ATOM   83   O OE1 . GLN A 1 34  ? 4.314   -12.737 -25.662 1.00 32.93 ? 46  GLN A OE1 1 
ATOM   84   N NE2 . GLN A 1 34  ? 5.049   -14.821 -25.287 1.00 42.09 ? 46  GLN A NE2 1 
ATOM   85   N N   . ILE A 1 35  ? 1.249   -11.890 -21.125 1.00 36.37 ? 47  ILE A N   1 
ATOM   86   C CA  . ILE A 1 35  ? 0.562   -10.794 -20.440 1.00 31.53 ? 47  ILE A CA  1 
ATOM   87   C C   . ILE A 1 35  ? 1.393   -10.310 -19.251 1.00 29.87 ? 47  ILE A C   1 
ATOM   88   O O   . ILE A 1 35  ? 1.486   -9.111  -18.991 1.00 28.65 ? 47  ILE A O   1 
ATOM   89   C CB  . ILE A 1 35  ? -0.815  -11.254 -19.913 1.00 27.80 ? 47  ILE A CB  1 
ATOM   90   C CG1 . ILE A 1 35  ? -1.627  -11.869 -21.050 1.00 34.59 ? 47  ILE A CG1 1 
ATOM   91   C CG2 . ILE A 1 35  ? -1.566  -10.078 -19.301 1.00 30.38 ? 47  ILE A CG2 1 
ATOM   92   C CD1 . ILE A 1 35  ? -2.859  -12.594 -20.575 1.00 36.68 ? 47  ILE A CD1 1 
ATOM   93   N N   . PHE A 1 36  ? 1.993   -11.253 -18.533 1.00 26.83 ? 48  PHE A N   1 
ATOM   94   C CA  . PHE A 1 36  ? 2.814   -10.921 -17.372 1.00 28.76 ? 48  PHE A CA  1 
ATOM   95   C C   . PHE A 1 36  ? 4.272   -11.279 -17.670 1.00 23.66 ? 48  PHE A C   1 
ATOM   96   O O   . PHE A 1 36  ? 4.679   -12.431 -17.532 1.00 31.68 ? 48  PHE A O   1 
ATOM   97   C CB  . PHE A 1 36  ? 2.296   -11.686 -16.143 1.00 28.33 ? 48  PHE A CB  1 
ATOM   98   C CG  . PHE A 1 36  ? 0.804   -11.584 -15.964 1.00 27.29 ? 48  PHE A CG  1 
ATOM   99   C CD1 . PHE A 1 36  ? -0.049  -12.494 -16.588 1.00 31.03 ? 48  PHE A CD1 1 
ATOM   100  C CD2 . PHE A 1 36  ? 0.247   -10.536 -15.235 1.00 32.26 ? 48  PHE A CD2 1 
ATOM   101  C CE1 . PHE A 1 36  ? -1.437  -12.359 -16.494 1.00 31.42 ? 48  PHE A CE1 1 
ATOM   102  C CE2 . PHE A 1 36  ? -1.137  -10.392 -15.135 1.00 38.37 ? 48  PHE A CE2 1 
ATOM   103  C CZ  . PHE A 1 36  ? -1.981  -11.308 -15.768 1.00 28.86 ? 48  PHE A CZ  1 
ATOM   104  N N   . PRO A 1 37  ? 5.070   -10.280 -18.094 1.00 27.42 ? 49  PRO A N   1 
ATOM   105  C CA  . PRO A 1 37  ? 6.491   -10.409 -18.440 1.00 39.28 ? 49  PRO A CA  1 
ATOM   106  C C   . PRO A 1 37  ? 7.393   -10.882 -17.306 1.00 35.62 ? 49  PRO A C   1 
ATOM   107  O O   . PRO A 1 37  ? 8.343   -11.624 -17.532 1.00 31.84 ? 49  PRO A O   1 
ATOM   108  C CB  . PRO A 1 37  ? 6.863   -9.003  -18.910 1.00 42.34 ? 49  PRO A CB  1 
ATOM   109  C CG  . PRO A 1 37  ? 5.568   -8.454  -19.418 1.00 51.32 ? 49  PRO A CG  1 
ATOM   110  C CD  . PRO A 1 37  ? 4.602   -8.909  -18.359 1.00 33.24 ? 49  PRO A CD  1 
ATOM   111  N N   . ASP A 1 38  ? 7.104   -10.439 -16.090 1.00 35.15 ? 50  ASP A N   1 
ATOM   112  C CA  . ASP A 1 38  ? 7.913   -10.845 -14.945 1.00 35.20 ? 50  ASP A CA  1 
ATOM   113  C C   . ASP A 1 38  ? 7.651   -12.327 -14.691 1.00 30.52 ? 50  ASP A C   1 
ATOM   114  O O   . ASP A 1 38  ? 6.523   -12.723 -14.395 1.00 34.05 ? 50  ASP A O   1 
ATOM   115  C CB  . ASP A 1 38  ? 7.539   -10.006 -13.721 1.00 39.39 ? 50  ASP A CB  1 
ATOM   116  C CG  . ASP A 1 38  ? 8.464   -10.244 -12.540 1.00 33.33 ? 50  ASP A CG  1 
ATOM   117  O OD1 . ASP A 1 38  ? 8.364   -11.312 -11.896 1.00 38.32 ? 50  ASP A OD1 1 
ATOM   118  O OD2 . ASP A 1 38  ? 9.293   -9.355  -12.263 1.00 33.24 ? 50  ASP A OD2 1 
ATOM   119  N N   . ALA A 1 39  ? 8.694   -13.144 -14.820 1.00 22.67 ? 51  ALA A N   1 
ATOM   120  C CA  . ALA A 1 39  ? 8.571   -14.585 -14.632 1.00 23.69 ? 51  ALA A CA  1 
ATOM   121  C C   . ALA A 1 39  ? 7.994   -14.975 -13.279 1.00 25.57 ? 51  ALA A C   1 
ATOM   122  O O   . ALA A 1 39  ? 7.270   -15.960 -13.175 1.00 29.86 ? 51  ALA A O   1 
ATOM   123  C CB  . ALA A 1 39  ? 9.933   -15.266 -14.834 1.00 29.60 ? 51  ALA A CB  1 
ATOM   124  N N   . ALA A 1 40  ? 8.322   -14.210 -12.244 1.00 27.98 ? 52  ALA A N   1 
ATOM   125  C CA  . ALA A 1 40  ? 7.826   -14.500 -10.907 1.00 29.52 ? 52  ALA A CA  1 
ATOM   126  C C   . ALA A 1 40  ? 6.354   -14.125 -10.792 1.00 24.85 ? 52  ALA A C   1 
ATOM   127  O O   . ALA A 1 40  ? 5.572   -14.852 -10.184 1.00 25.95 ? 52  ALA A O   1 
ATOM   128  C CB  . ALA A 1 40  ? 8.647   -13.748 -9.866  1.00 31.50 ? 52  ALA A CB  1 
ATOM   129  N N   . PHE A 1 41  ? 5.965   -13.000 -11.384 1.00 28.32 ? 53  PHE A N   1 
ATOM   130  C CA  . PHE A 1 41  ? 4.570   -12.592 -11.302 1.00 28.77 ? 53  PHE A CA  1 
ATOM   131  C C   . PHE A 1 41  ? 3.699   -13.534 -12.120 1.00 35.98 ? 53  PHE A C   1 
ATOM   132  O O   . PHE A 1 41  ? 2.579   -13.859 -11.718 1.00 31.71 ? 53  PHE A O   1 
ATOM   133  C CB  . PHE A 1 41  ? 4.387   -11.148 -11.780 1.00 27.68 ? 53  PHE A CB  1 
ATOM   134  C CG  . PHE A 1 41  ? 3.040   -10.564 -11.423 1.00 30.33 ? 53  PHE A CG  1 
ATOM   135  C CD1 . PHE A 1 41  ? 2.479   -10.802 -10.168 1.00 24.81 ? 53  PHE A CD1 1 
ATOM   136  C CD2 . PHE A 1 41  ? 2.336   -9.782  -12.335 1.00 25.57 ? 53  PHE A CD2 1 
ATOM   137  C CE1 . PHE A 1 41  ? 1.240   -10.270 -9.825  1.00 34.38 ? 53  PHE A CE1 1 
ATOM   138  C CE2 . PHE A 1 41  ? 1.095   -9.244  -12.004 1.00 23.37 ? 53  PHE A CE2 1 
ATOM   139  C CZ  . PHE A 1 41  ? 0.543   -9.490  -10.745 1.00 27.10 ? 53  PHE A CZ  1 
ATOM   140  N N   . ALA A 1 42  ? 4.223   -13.983 -13.258 1.00 30.85 ? 54  ALA A N   1 
ATOM   141  C CA  . ALA A 1 42  ? 3.496   -14.906 -14.124 1.00 29.60 ? 54  ALA A CA  1 
ATOM   142  C C   . ALA A 1 42  ? 3.206   -16.176 -13.334 1.00 32.77 ? 54  ALA A C   1 
ATOM   143  O O   . ALA A 1 42  ? 2.115   -16.745 -13.425 1.00 28.36 ? 54  ALA A O   1 
ATOM   144  C CB  . ALA A 1 42  ? 4.323   -15.229 -15.355 1.00 34.71 ? 54  ALA A CB  1 
ATOM   145  N N   . GLU A 1 43  ? 4.191   -16.618 -12.557 1.00 22.28 ? 55  GLU A N   1 
ATOM   146  C CA  . GLU A 1 43  ? 4.025   -17.806 -11.728 1.00 32.20 ? 55  GLU A CA  1 
ATOM   147  C C   . GLU A 1 43  ? 2.893   -17.546 -10.739 1.00 25.92 ? 55  GLU A C   1 
ATOM   148  O O   . GLU A 1 43  ? 2.048   -18.411 -10.516 1.00 29.07 ? 55  GLU A O   1 
ATOM   149  C CB  . GLU A 1 43  ? 5.328   -18.110 -10.981 1.00 30.46 ? 55  GLU A CB  1 
ATOM   150  C CG  . GLU A 1 43  ? 5.241   -19.158 -9.871  1.00 36.68 ? 55  GLU A CG  1 
ATOM   151  C CD  . GLU A 1 43  ? 4.585   -20.457 -10.303 1.00 37.97 ? 55  GLU A CD  1 
ATOM   152  O OE1 . GLU A 1 43  ? 4.776   -20.883 -11.460 1.00 35.14 ? 55  GLU A OE1 1 
ATOM   153  O OE2 . GLU A 1 43  ? 3.880   -21.064 -9.469  1.00 44.72 ? 55  GLU A OE2 1 
ATOM   154  N N   . THR A 1 44  ? 2.880   -16.345 -10.161 1.00 24.21 ? 56  THR A N   1 
ATOM   155  C CA  . THR A 1 44  ? 1.843   -15.955 -9.208  1.00 27.95 ? 56  THR A CA  1 
ATOM   156  C C   . THR A 1 44  ? 0.450   -16.079 -9.832  1.00 29.48 ? 56  THR A C   1 
ATOM   157  O O   . THR A 1 44  ? -0.473  -16.603 -9.215  1.00 24.09 ? 56  THR A O   1 
ATOM   158  C CB  . THR A 1 44  ? 2.040   -14.489 -8.736  1.00 31.39 ? 56  THR A CB  1 
ATOM   159  O OG1 . THR A 1 44  ? 3.229   -14.399 -7.946  1.00 30.67 ? 56  THR A OG1 1 
ATOM   160  C CG2 . THR A 1 44  ? 0.858   -14.024 -7.896  1.00 30.11 ? 56  THR A CG2 1 
ATOM   161  N N   . ILE A 1 45  ? 0.303   -15.590 -11.058 1.00 25.15 ? 57  ILE A N   1 
ATOM   162  C CA  . ILE A 1 45  ? -0.980  -15.650 -11.742 1.00 19.20 ? 57  ILE A CA  1 
ATOM   163  C C   . ILE A 1 45  ? -1.352  -17.098 -12.081 1.00 26.61 ? 57  ILE A C   1 
ATOM   164  O O   . ILE A 1 45  ? -2.510  -17.509 -11.931 1.00 26.89 ? 57  ILE A O   1 
ATOM   165  C CB  . ILE A 1 45  ? -0.944  -14.796 -13.028 1.00 19.73 ? 57  ILE A CB  1 
ATOM   166  C CG1 . ILE A 1 45  ? -0.632  -13.336 -12.667 1.00 24.53 ? 57  ILE A CG1 1 
ATOM   167  C CG2 . ILE A 1 45  ? -2.282  -14.903 -13.766 1.00 23.62 ? 57  ILE A CG2 1 
ATOM   168  C CD1 . ILE A 1 45  ? -1.705  -12.647 -11.822 1.00 29.66 ? 57  ILE A CD1 1 
ATOM   169  N N   . LYS A 1 46  ? -0.366  -17.870 -12.532 1.00 23.06 ? 58  LYS A N   1 
ATOM   170  C CA  . LYS A 1 46  ? -0.586  -19.271 -12.864 1.00 23.54 ? 58  LYS A CA  1 
ATOM   171  C C   . LYS A 1 46  ? -1.107  -20.026 -11.640 1.00 26.41 ? 58  LYS A C   1 
ATOM   172  O O   . LYS A 1 46  ? -2.076  -20.779 -11.729 1.00 28.77 ? 58  LYS A O   1 
ATOM   173  C CB  . LYS A 1 46  ? 0.721   -19.918 -13.333 1.00 30.34 ? 58  LYS A CB  1 
ATOM   174  C CG  . LYS A 1 46  ? 0.602   -21.400 -13.672 1.00 33.09 ? 58  LYS A CG  1 
ATOM   175  C CD  . LYS A 1 46  ? 1.765   -22.211 -13.102 1.00 39.09 ? 58  LYS A CD  1 
ATOM   176  C CE  . LYS A 1 46  ? 1.691   -22.297 -11.583 1.00 38.52 ? 58  LYS A CE  1 
ATOM   177  N NZ  . LYS A 1 46  ? 2.792   -23.121 -11.010 1.00 35.43 ? 58  LYS A NZ  1 
ATOM   178  N N   . ALA A 1 47  ? -0.464  -19.820 -10.497 1.00 27.04 ? 59  ALA A N   1 
ATOM   179  C CA  . ALA A 1 47  ? -0.870  -20.505 -9.269  1.00 33.24 ? 59  ALA A CA  1 
ATOM   180  C C   . ALA A 1 47  ? -2.241  -20.021 -8.805  1.00 35.11 ? 59  ALA A C   1 
ATOM   181  O O   . ALA A 1 47  ? -3.047  -20.802 -8.292  1.00 31.08 ? 59  ALA A O   1 
ATOM   182  C CB  . ALA A 1 47  ? 0.172   -20.278 -8.173  1.00 34.58 ? 59  ALA A CB  1 
ATOM   183  N N   . ASN A 1 48  ? -2.505  -18.734 -9.007  1.00 26.76 ? 60  ASN A N   1 
ATOM   184  C CA  . ASN A 1 48  ? -3.777  -18.138 -8.615  1.00 29.01 ? 60  ASN A CA  1 
ATOM   185  C C   . ASN A 1 48  ? -4.939  -18.758 -9.394  1.00 35.55 ? 60  ASN A C   1 
ATOM   186  O O   . ASN A 1 48  ? -5.979  -19.077 -8.821  1.00 37.23 ? 60  ASN A O   1 
ATOM   187  C CB  . ASN A 1 48  ? -3.726  -16.625 -8.845  1.00 27.12 ? 60  ASN A CB  1 
ATOM   188  C CG  . ASN A 1 48  ? -5.025  -15.929 -8.495  1.00 37.54 ? 60  ASN A CG  1 
ATOM   189  O OD1 . ASN A 1 48  ? -6.028  -16.088 -9.187  1.00 36.77 ? 60  ASN A OD1 1 
ATOM   190  N ND2 . ASN A 1 48  ? -5.012  -15.151 -7.410  1.00 29.90 ? 60  ASN A ND2 1 
ATOM   191  N N   . LEU A 1 49  ? -4.753  -18.939 -10.699 1.00 31.08 ? 61  LEU A N   1 
ATOM   192  C CA  . LEU A 1 49  ? -5.788  -19.515 -11.544 1.00 26.45 ? 61  LEU A CA  1 
ATOM   193  C C   . LEU A 1 49  ? -5.756  -21.032 -11.595 1.00 30.38 ? 61  LEU A C   1 
ATOM   194  O O   . LEU A 1 49  ? -6.555  -21.648 -12.294 1.00 34.63 ? 61  LEU A O   1 
ATOM   195  C CB  . LEU A 1 49  ? -5.681  -18.965 -12.965 1.00 30.88 ? 61  LEU A CB  1 
ATOM   196  C CG  . LEU A 1 49  ? -6.075  -17.500 -13.109 1.00 31.74 ? 61  LEU A CG  1 
ATOM   197  C CD1 . LEU A 1 49  ? -6.066  -17.111 -14.582 1.00 37.75 ? 61  LEU A CD1 1 
ATOM   198  C CD2 . LEU A 1 49  ? -7.460  -17.285 -12.502 1.00 28.45 ? 61  LEU A CD2 1 
ATOM   199  N N   . LYS A 1 50  ? -4.829  -21.632 -10.862 1.00 38.08 ? 62  LYS A N   1 
ATOM   200  C CA  . LYS A 1 50  ? -4.708  -23.082 -10.830 1.00 40.30 ? 62  LYS A CA  1 
ATOM   201  C C   . LYS A 1 50  ? -4.361  -23.667 -12.197 1.00 41.61 ? 62  LYS A C   1 
ATOM   202  O O   . LYS A 1 50  ? -4.826  -24.753 -12.542 1.00 35.93 ? 62  LYS A O   1 
ATOM   203  C CB  . LYS A 1 50  ? -6.016  -23.709 -10.334 1.00 42.11 ? 62  LYS A CB  1 
ATOM   204  C CG  . LYS A 1 50  ? -6.550  -23.105 -9.046  1.00 46.63 ? 62  LYS A CG  1 
ATOM   205  C CD  . LYS A 1 50  ? -5.579  -23.274 -7.893  1.00 49.53 ? 62  LYS A CD  1 
ATOM   206  C CE  . LYS A 1 50  ? -6.137  -22.658 -6.620  0.00 47.56 ? 62  LYS A CE  1 
ATOM   207  N NZ  . LYS A 1 50  ? -5.207  -22.813 -5.470  0.00 47.53 ? 62  LYS A NZ  1 
ATOM   208  N N   . LYS A 1 51  ? -3.564  -22.945 -12.982 1.00 29.32 ? 63  LYS A N   1 
ATOM   209  C CA  . LYS A 1 51  ? -3.158  -23.436 -14.298 1.00 37.66 ? 63  LYS A CA  1 
ATOM   210  C C   . LYS A 1 51  ? -1.890  -24.258 -14.091 1.00 35.99 ? 63  LYS A C   1 
ATOM   211  O O   . LYS A 1 51  ? -1.215  -24.108 -13.080 1.00 33.40 ? 63  LYS A O   1 
ATOM   212  C CB  . LYS A 1 51  ? -2.865  -22.273 -15.253 1.00 36.21 ? 63  LYS A CB  1 
ATOM   213  C CG  . LYS A 1 51  ? -4.067  -21.405 -15.604 1.00 39.46 ? 63  LYS A CG  1 
ATOM   214  C CD  . LYS A 1 51  ? -5.116  -22.188 -16.375 1.00 46.07 ? 63  LYS A CD  1 
ATOM   215  C CE  . LYS A 1 51  ? -6.288  -21.297 -16.764 1.00 43.87 ? 63  LYS A CE  1 
ATOM   216  N NZ  . LYS A 1 51  ? -7.295  -22.022 -17.588 1.00 37.55 ? 63  LYS A NZ  1 
ATOM   217  N N   . LYS A 1 52  ? -1.554  -25.116 -15.049 1.00 42.43 ? 64  LYS A N   1 
ATOM   218  C CA  . LYS A 1 52  ? -0.365  -25.955 -14.915 1.00 44.70 ? 64  LYS A CA  1 
ATOM   219  C C   . LYS A 1 52  ? 0.949   -25.275 -15.283 1.00 36.94 ? 64  LYS A C   1 
ATOM   220  O O   . LYS A 1 52  ? 1.997   -25.617 -14.739 1.00 39.10 ? 64  LYS A O   1 
ATOM   221  C CB  . LYS A 1 52  ? -0.525  -27.235 -15.744 1.00 47.54 ? 64  LYS A CB  1 
ATOM   222  C CG  . LYS A 1 52  ? -1.615  -28.169 -15.229 1.00 53.75 ? 64  LYS A CG  1 
ATOM   223  C CD  . LYS A 1 52  ? -1.685  -29.459 -16.028 0.00 49.99 ? 64  LYS A CD  1 
ATOM   224  C CE  . LYS A 1 52  ? -2.750  -30.390 -15.467 0.00 49.74 ? 64  LYS A CE  1 
ATOM   225  N NZ  . LYS A 1 52  ? -2.828  -31.674 -16.219 0.00 48.29 ? 64  LYS A NZ  1 
ATOM   226  N N   . SER A 1 53  ? 0.900   -24.311 -16.195 1.00 35.07 ? 65  SER A N   1 
ATOM   227  C CA  . SER A 1 53  ? 2.118   -23.633 -16.626 1.00 36.37 ? 65  SER A CA  1 
ATOM   228  C C   . SER A 1 53  ? 1.903   -22.174 -17.003 1.00 29.71 ? 65  SER A C   1 
ATOM   229  O O   . SER A 1 53  ? 0.808   -21.783 -17.420 1.00 29.71 ? 65  SER A O   1 
ATOM   230  C CB  . SER A 1 53  ? 2.712   -24.386 -17.822 1.00 35.04 ? 65  SER A CB  1 
ATOM   231  O OG  . SER A 1 53  ? 3.746   -23.641 -18.444 1.00 42.07 ? 65  SER A OG  1 
ATOM   232  N N   . VAL A 1 54  ? 2.952   -21.366 -16.861 1.00 29.04 ? 66  VAL A N   1 
ATOM   233  C CA  . VAL A 1 54  ? 2.856   -19.960 -17.231 1.00 31.85 ? 66  VAL A CA  1 
ATOM   234  C C   . VAL A 1 54  ? 2.785   -19.851 -18.752 1.00 30.00 ? 66  VAL A C   1 
ATOM   235  O O   . VAL A 1 54  ? 2.649   -18.754 -19.298 1.00 29.70 ? 66  VAL A O   1 
ATOM   236  C CB  . VAL A 1 54  ? 4.059   -19.130 -16.722 1.00 29.39 ? 66  VAL A CB  1 
ATOM   237  C CG1 . VAL A 1 54  ? 4.055   -19.101 -15.197 1.00 30.10 ? 66  VAL A CG1 1 
ATOM   238  C CG2 . VAL A 1 54  ? 5.368   -19.710 -17.254 1.00 24.71 ? 66  VAL A CG2 1 
ATOM   239  N N   . THR A 1 55  ? 2.891   -20.989 -19.434 1.00 29.75 ? 67  THR A N   1 
ATOM   240  C CA  . THR A 1 55  ? 2.795   -20.989 -20.892 1.00 38.58 ? 67  THR A CA  1 
ATOM   241  C C   . THR A 1 55  ? 1.344   -21.255 -21.289 1.00 38.93 ? 67  THR A C   1 
ATOM   242  O O   . THR A 1 55  ? 0.975   -21.091 -22.456 1.00 31.96 ? 67  THR A O   1 
ATOM   243  C CB  . THR A 1 55  ? 3.690   -22.063 -21.547 1.00 34.15 ? 67  THR A CB  1 
ATOM   244  O OG1 . THR A 1 55  ? 3.315   -23.356 -21.073 1.00 30.92 ? 67  THR A OG1 1 
ATOM   245  C CG2 . THR A 1 55  ? 5.149   -21.804 -21.244 1.00 29.90 ? 67  THR A CG2 1 
ATOM   246  N N   . ASP A 1 56  ? 0.526   -21.666 -20.319 1.00 31.01 ? 68  ASP A N   1 
ATOM   247  C CA  . ASP A 1 56  ? -0.891  -21.926 -20.582 1.00 37.22 ? 68  ASP A CA  1 
ATOM   248  C C   . ASP A 1 56  ? -1.590  -20.632 -20.956 1.00 36.73 ? 68  ASP A C   1 
ATOM   249  O O   . ASP A 1 56  ? -1.201  -19.547 -20.512 1.00 28.42 ? 68  ASP A O   1 
ATOM   250  C CB  . ASP A 1 56  ? -1.605  -22.509 -19.359 1.00 40.80 ? 68  ASP A CB  1 
ATOM   251  C CG  . ASP A 1 56  ? -1.161  -23.911 -19.033 1.00 44.69 ? 68  ASP A CG  1 
ATOM   252  O OD1 . ASP A 1 56  ? -0.780  -24.637 -19.973 1.00 48.35 ? 68  ASP A OD1 1 
ATOM   253  O OD2 . ASP A 1 56  ? -1.211  -24.290 -17.840 1.00 42.89 ? 68  ASP A OD2 1 
ATOM   254  N N   . ALA A 1 57  ? -2.635  -20.754 -21.765 1.00 38.58 ? 69  ALA A N   1 
ATOM   255  C CA  . ALA A 1 57  ? -3.404  -19.597 -22.204 1.00 32.27 ? 69  ALA A CA  1 
ATOM   256  C C   . ALA A 1 57  ? -4.514  -19.270 -21.209 1.00 34.13 ? 69  ALA A C   1 
ATOM   257  O O   . ALA A 1 57  ? -5.032  -20.156 -20.529 1.00 39.71 ? 69  ALA A O   1 
ATOM   258  C CB  . ALA A 1 57  ? -4.001  -19.869 -23.573 1.00 38.30 ? 69  ALA A CB  1 
ATOM   259  N N   . VAL A 1 58  ? -4.859  -17.993 -21.115 1.00 30.81 ? 70  VAL A N   1 
ATOM   260  C CA  . VAL A 1 58  ? -5.929  -17.551 -20.232 1.00 31.59 ? 70  VAL A CA  1 
ATOM   261  C C   . VAL A 1 58  ? -6.829  -16.610 -21.007 1.00 34.40 ? 70  VAL A C   1 
ATOM   262  O O   . VAL A 1 58  ? -6.413  -16.025 -22.012 1.00 36.74 ? 70  VAL A O   1 
ATOM   263  C CB  . VAL A 1 58  ? -5.403  -16.798 -18.997 1.00 32.49 ? 70  VAL A CB  1 
ATOM   264  C CG1 . VAL A 1 58  ? -4.658  -17.752 -18.085 1.00 39.55 ? 70  VAL A CG1 1 
ATOM   265  C CG2 . VAL A 1 58  ? -4.507  -15.650 -19.438 1.00 26.96 ? 70  VAL A CG2 1 
ATOM   266  N N   . THR A 1 59  ? -8.065  -16.480 -20.537 1.00 29.81 ? 71  THR A N   1 
ATOM   267  C CA  . THR A 1 59  ? -9.052  -15.608 -21.167 1.00 23.44 ? 71  THR A CA  1 
ATOM   268  C C   . THR A 1 59  ? -9.363  -14.445 -20.243 1.00 28.06 ? 71  THR A C   1 
ATOM   269  O O   . THR A 1 59  ? -9.042  -14.476 -19.049 1.00 29.66 ? 71  THR A O   1 
ATOM   270  C CB  . THR A 1 59  ? -10.373 -16.359 -21.431 1.00 32.81 ? 71  THR A CB  1 
ATOM   271  O OG1 . THR A 1 59  ? -10.886 -16.862 -20.190 1.00 30.74 ? 71  THR A OG1 1 
ATOM   272  C CG2 . THR A 1 59  ? -10.155 -17.519 -22.384 1.00 34.62 ? 71  THR A CG2 1 
ATOM   273  N N   . GLN A 1 60  ? -10.002 -13.417 -20.791 1.00 24.81 ? 72  GLN A N   1 
ATOM   274  C CA  . GLN A 1 60  ? -10.356 -12.264 -19.985 1.00 26.54 ? 72  GLN A CA  1 
ATOM   275  C C   . GLN A 1 60  ? -11.348 -12.676 -18.897 1.00 37.39 ? 72  GLN A C   1 
ATOM   276  O O   . GLN A 1 60  ? -11.348 -12.096 -17.808 1.00 33.25 ? 72  GLN A O   1 
ATOM   277  C CB  . GLN A 1 60  ? -10.957 -11.160 -20.859 1.00 33.38 ? 72  GLN A CB  1 
ATOM   278  C CG  . GLN A 1 60  ? -11.099 -9.822  -20.142 1.00 34.25 ? 72  GLN A CG  1 
ATOM   279  C CD  . GLN A 1 60  ? -9.782  -9.334  -19.559 1.00 38.95 ? 72  GLN A CD  1 
ATOM   280  O OE1 . GLN A 1 60  ? -8.779  -9.226  -20.267 1.00 31.67 ? 72  GLN A OE1 1 
ATOM   281  N NE2 . GLN A 1 60  ? -9.780  -9.030  -18.264 1.00 26.85 ? 72  GLN A NE2 1 
ATOM   282  N N   . ASN A 1 61  ? -12.188 -13.674 -19.181 1.00 29.15 ? 73  ASN A N   1 
ATOM   283  C CA  . ASN A 1 61  ? -13.160 -14.131 -18.181 1.00 32.13 ? 73  ASN A CA  1 
ATOM   284  C C   . ASN A 1 61  ? -12.439 -14.667 -16.950 1.00 26.76 ? 73  ASN A C   1 
ATOM   285  O O   . ASN A 1 61  ? -12.882 -14.461 -15.821 1.00 30.49 ? 73  ASN A O   1 
ATOM   286  C CB  . ASN A 1 61  ? -14.064 -15.236 -18.736 1.00 29.62 ? 73  ASN A CB  1 
ATOM   287  C CG  . ASN A 1 61  ? -15.053 -14.727 -19.768 1.00 36.45 ? 73  ASN A CG  1 
ATOM   288  O OD1 . ASN A 1 61  ? -15.506 -13.580 -19.702 1.00 32.01 ? 73  ASN A OD1 1 
ATOM   289  N ND2 . ASN A 1 61  ? -15.413 -15.590 -20.716 1.00 36.26 ? 73  ASN A ND2 1 
ATOM   290  N N   . GLU A 1 62  ? -11.338 -15.372 -17.177 1.00 25.98 ? 74  GLU A N   1 
ATOM   291  C CA  . GLU A 1 62  ? -10.558 -15.925 -16.080 1.00 27.04 ? 74  GLU A CA  1 
ATOM   292  C C   . GLU A 1 62  ? -9.850  -14.809 -15.325 1.00 33.36 ? 74  GLU A C   1 
ATOM   293  O O   . GLU A 1 62  ? -9.791  -14.825 -14.098 1.00 25.47 ? 74  GLU A O   1 
ATOM   294  C CB  . GLU A 1 62  ? -9.541  -16.934 -16.612 1.00 23.15 ? 74  GLU A CB  1 
ATOM   295  C CG  . GLU A 1 62  ? -10.190 -18.169 -17.202 1.00 29.17 ? 74  GLU A CG  1 
ATOM   296  C CD  . GLU A 1 62  ? -9.188  -19.124 -17.818 1.00 39.09 ? 74  GLU A CD  1 
ATOM   297  O OE1 . GLU A 1 62  ? -8.403  -18.683 -18.680 1.00 31.95 ? 74  GLU A OE1 1 
ATOM   298  O OE2 . GLU A 1 62  ? -9.196  -20.316 -17.445 1.00 40.81 ? 74  GLU A OE2 1 
ATOM   299  N N   . LEU A 1 63  ? -9.319  -13.835 -16.054 1.00 28.45 ? 75  LEU A N   1 
ATOM   300  C CA  . LEU A 1 63  ? -8.635  -12.715 -15.419 1.00 31.10 ? 75  LEU A CA  1 
ATOM   301  C C   . LEU A 1 63  ? -9.627  -11.860 -14.632 1.00 33.83 ? 75  LEU A C   1 
ATOM   302  O O   . LEU A 1 63  ? -9.276  -11.273 -13.614 1.00 26.22 ? 75  LEU A O   1 
ATOM   303  C CB  . LEU A 1 63  ? -7.924  -11.858 -16.470 1.00 32.15 ? 75  LEU A CB  1 
ATOM   304  C CG  . LEU A 1 63  ? -6.794  -12.561 -17.226 1.00 32.76 ? 75  LEU A CG  1 
ATOM   305  C CD1 . LEU A 1 63  ? -6.112  -11.567 -18.158 1.00 30.34 ? 75  LEU A CD1 1 
ATOM   306  C CD2 . LEU A 1 63  ? -5.786  -13.144 -16.232 1.00 25.54 ? 75  LEU A CD2 1 
ATOM   307  N N   . ASN A 1 64  ? -10.866 -11.792 -15.111 1.00 31.53 ? 76  ASN A N   1 
ATOM   308  C CA  . ASN A 1 64  ? -11.908 -11.012 -14.443 1.00 25.38 ? 76  ASN A CA  1 
ATOM   309  C C   . ASN A 1 64  ? -12.277 -11.643 -13.100 1.00 24.47 ? 76  ASN A C   1 
ATOM   310  O O   . ASN A 1 64  ? -12.760 -10.958 -12.205 1.00 25.32 ? 76  ASN A O   1 
ATOM   311  C CB  . ASN A 1 64  ? -13.178 -10.962 -15.299 1.00 27.08 ? 76  ASN A CB  1 
ATOM   312  C CG  . ASN A 1 64  ? -13.084 -9.990  -16.461 1.00 32.21 ? 76  ASN A CG  1 
ATOM   313  O OD1 . ASN A 1 64  ? -13.980 -9.948  -17.306 1.00 36.12 ? 76  ASN A OD1 1 
ATOM   314  N ND2 . ASN A 1 64  ? -12.017 -9.204  -16.510 1.00 32.02 ? 76  ASN A ND2 1 
ATOM   315  N N   . SER A 1 65  ? -12.067 -12.949 -12.969 1.00 29.04 ? 77  SER A N   1 
ATOM   316  C CA  . SER A 1 65  ? -12.425 -13.645 -11.731 1.00 32.26 ? 77  SER A CA  1 
ATOM   317  C C   . SER A 1 65  ? -11.463 -13.410 -10.574 1.00 29.26 ? 77  SER A C   1 
ATOM   318  O O   . SER A 1 65  ? -11.754 -13.781 -9.435  1.00 27.85 ? 77  SER A O   1 
ATOM   319  C CB  . SER A 1 65  ? -12.526 -15.154 -11.974 1.00 26.86 ? 77  SER A CB  1 
ATOM   320  O OG  . SER A 1 65  ? -11.241 -15.739 -12.124 1.00 31.75 ? 77  SER A OG  1 
ATOM   321  N N   . ILE A 1 66  ? -10.324 -12.793 -10.851 1.00 30.89 ? 78  ILE A N   1 
ATOM   322  C CA  . ILE A 1 66  ? -9.341  -12.562 -9.795  1.00 27.43 ? 78  ILE A CA  1 
ATOM   323  C C   . ILE A 1 66  ? -9.626  -11.311 -8.980  1.00 28.18 ? 78  ILE A C   1 
ATOM   324  O O   . ILE A 1 66  ? -9.629  -10.205 -9.506  1.00 23.79 ? 78  ILE A O   1 
ATOM   325  C CB  . ILE A 1 66  ? -7.909  -12.460 -10.374 1.00 29.12 ? 78  ILE A CB  1 
ATOM   326  C CG1 . ILE A 1 66  ? -7.601  -13.700 -11.225 1.00 29.96 ? 78  ILE A CG1 1 
ATOM   327  C CG2 . ILE A 1 66  ? -6.898  -12.351 -9.229  1.00 21.30 ? 78  ILE A CG2 1 
ATOM   328  C CD1 . ILE A 1 66  ? -6.211  -13.696 -11.857 1.00 22.72 ? 78  ILE A CD1 1 
ATOM   329  N N   . ASP A 1 67  ? -9.873  -11.484 -7.689  1.00 23.25 ? 79  ASP A N   1 
ATOM   330  C CA  . ASP A 1 67  ? -10.130 -10.332 -6.839  1.00 29.63 ? 79  ASP A CA  1 
ATOM   331  C C   . ASP A 1 67  ? -9.081  -10.288 -5.733  1.00 31.89 ? 79  ASP A C   1 
ATOM   332  O O   . ASP A 1 67  ? -9.013  -9.335  -4.959  1.00 26.98 ? 79  ASP A O   1 
ATOM   333  C CB  . ASP A 1 67  ? -11.528 -10.418 -6.227  1.00 33.46 ? 79  ASP A CB  1 
ATOM   334  C CG  . ASP A 1 67  ? -11.607 -11.423 -5.098  1.00 34.60 ? 79  ASP A CG  1 
ATOM   335  O OD1 . ASP A 1 67  ? -11.323 -12.610 -5.339  1.00 41.74 ? 79  ASP A OD1 1 
ATOM   336  O OD2 . ASP A 1 67  ? -11.949 -11.016 -3.966  1.00 55.67 ? 79  ASP A OD2 1 
ATOM   337  N N   . GLN A 1 68  ? -8.244  -11.315 -5.682  1.00 27.07 ? 80  GLN A N   1 
ATOM   338  C CA  . GLN A 1 68  ? -7.225  -11.388 -4.648  1.00 28.88 ? 80  GLN A CA  1 
ATOM   339  C C   . GLN A 1 68  ? -5.924  -12.032 -5.117  1.00 28.61 ? 80  GLN A C   1 
ATOM   340  O O   . GLN A 1 68  ? -5.929  -13.130 -5.677  1.00 32.21 ? 80  GLN A O   1 
ATOM   341  C CB  . GLN A 1 68  ? -7.805  -12.164 -3.468  1.00 26.69 ? 80  GLN A CB  1 
ATOM   342  C CG  . GLN A 1 68  ? -6.833  -12.562 -2.395  1.00 37.12 ? 80  GLN A CG  1 
ATOM   343  C CD  . GLN A 1 68  ? -7.494  -13.469 -1.378  1.00 41.22 ? 80  GLN A CD  1 
ATOM   344  O OE1 . GLN A 1 68  ? -8.358  -13.035 -0.612  1.00 34.44 ? 80  GLN A OE1 1 
ATOM   345  N NE2 . GLN A 1 68  ? -7.112  -14.742 -1.381  1.00 40.35 ? 80  GLN A NE2 1 
ATOM   346  N N   . ILE A 1 69  ? -4.813  -11.339 -4.882  1.00 22.76 ? 81  ILE A N   1 
ATOM   347  C CA  . ILE A 1 69  ? -3.493  -11.840 -5.243  1.00 24.94 ? 81  ILE A CA  1 
ATOM   348  C C   . ILE A 1 69  ? -2.614  -11.839 -3.996  1.00 23.67 ? 81  ILE A C   1 
ATOM   349  O O   . ILE A 1 69  ? -2.387  -10.797 -3.379  1.00 29.23 ? 81  ILE A O   1 
ATOM   350  C CB  . ILE A 1 69  ? -2.839  -10.969 -6.339  1.00 32.46 ? 81  ILE A CB  1 
ATOM   351  C CG1 . ILE A 1 69  ? -3.634  -11.108 -7.641  1.00 28.73 ? 81  ILE A CG1 1 
ATOM   352  C CG2 . ILE A 1 69  ? -1.394  -11.384 -6.555  1.00 28.08 ? 81  ILE A CG2 1 
ATOM   353  C CD1 . ILE A 1 69  ? -3.130  -10.245 -8.769  1.00 25.58 ? 81  ILE A CD1 1 
ATOM   354  N N   . ILE A 1 70  ? -2.152  -13.020 -3.616  1.00 26.22 ? 82  ILE A N   1 
ATOM   355  C CA  . ILE A 1 70  ? -1.292  -13.177 -2.448  1.00 31.45 ? 82  ILE A CA  1 
ATOM   356  C C   . ILE A 1 70  ? 0.084   -13.532 -2.983  1.00 29.80 ? 82  ILE A C   1 
ATOM   357  O O   . ILE A 1 70  ? 0.316   -14.663 -3.406  1.00 31.12 ? 82  ILE A O   1 
ATOM   358  C CB  . ILE A 1 70  ? -1.768  -14.333 -1.538  1.00 27.24 ? 82  ILE A CB  1 
ATOM   359  C CG1 . ILE A 1 70  ? -3.253  -14.165 -1.207  1.00 36.57 ? 82  ILE A CG1 1 
ATOM   360  C CG2 . ILE A 1 70  ? -0.925  -14.377 -0.275  1.00 44.54 ? 82  ILE A CG2 1 
ATOM   361  C CD1 . ILE A 1 70  ? -3.600  -12.851 -0.541  1.00 39.44 ? 82  ILE A CD1 1 
ATOM   362  N N   . ALA A 1 71  ? 0.995   -12.568 -2.975  1.00 28.01 ? 83  ALA A N   1 
ATOM   363  C CA  . ALA A 1 71  ? 2.329   -12.821 -3.489  1.00 30.25 ? 83  ALA A CA  1 
ATOM   364  C C   . ALA A 1 71  ? 3.438   -12.158 -2.671  1.00 31.88 ? 83  ALA A C   1 
ATOM   365  O O   . ALA A 1 71  ? 4.274   -11.438 -3.220  1.00 30.23 ? 83  ALA A O   1 
ATOM   366  C CB  . ALA A 1 71  ? 2.405   -12.374 -4.945  1.00 24.08 ? 83  ALA A CB  1 
ATOM   367  N N   . ASN A 1 72  ? 3.442   -12.398 -1.362  1.00 33.23 ? 84  ASN A N   1 
ATOM   368  C CA  . ASN A 1 72  ? 4.480   -11.835 -0.511  1.00 26.78 ? 84  ASN A CA  1 
ATOM   369  C C   . ASN A 1 72  ? 5.767   -12.599 -0.794  1.00 32.09 ? 84  ASN A C   1 
ATOM   370  O O   . ASN A 1 72  ? 5.722   -13.781 -1.138  1.00 30.24 ? 84  ASN A O   1 
ATOM   371  C CB  . ASN A 1 72  ? 4.132   -11.977 0.976   1.00 28.12 ? 84  ASN A CB  1 
ATOM   372  C CG  . ASN A 1 72  ? 2.917   -11.160 1.383   1.00 34.87 ? 84  ASN A CG  1 
ATOM   373  O OD1 . ASN A 1 72  ? 2.729   -10.028 0.932   1.00 31.41 ? 84  ASN A OD1 1 
ATOM   374  N ND2 . ASN A 1 72  ? 2.090   -11.730 2.262   1.00 23.49 ? 84  ASN A ND2 1 
ATOM   375  N N   . ASN A 1 73  ? 6.903   -11.914 -0.667  1.00 30.49 ? 85  ASN A N   1 
ATOM   376  C CA  . ASN A 1 73  ? 8.225   -12.509 -0.880  1.00 34.27 ? 85  ASN A CA  1 
ATOM   377  C C   . ASN A 1 73  ? 8.290   -13.468 -2.066  1.00 36.98 ? 85  ASN A C   1 
ATOM   378  O O   . ASN A 1 73  ? 8.726   -14.619 -1.929  1.00 32.01 ? 85  ASN A O   1 
ATOM   379  C CB  . ASN A 1 73  ? 8.668   -13.245 0.386   1.00 31.78 ? 85  ASN A CB  1 
ATOM   380  C CG  . ASN A 1 73  ? 8.507   -12.399 1.637   1.00 40.58 ? 85  ASN A CG  1 
ATOM   381  O OD1 . ASN A 1 73  ? 7.414   -12.289 2.188   1.00 38.10 ? 85  ASN A OD1 1 
ATOM   382  N ND2 . ASN A 1 73  ? 9.597   -11.783 2.080   1.00 41.14 ? 85  ASN A ND2 1 
ATOM   383  N N   . SER A 1 74  ? 7.879   -12.998 -3.236  1.00 31.50 ? 86  SER A N   1 
ATOM   384  C CA  . SER A 1 74  ? 7.884   -13.860 -4.409  1.00 33.54 ? 86  SER A CA  1 
ATOM   385  C C   . SER A 1 74  ? 8.890   -13.453 -5.474  1.00 34.31 ? 86  SER A C   1 
ATOM   386  O O   . SER A 1 74  ? 8.819   -13.916 -6.614  1.00 35.00 ? 86  SER A O   1 
ATOM   387  C CB  . SER A 1 74  ? 6.479   -13.922 -5.002  1.00 35.44 ? 86  SER A CB  1 
ATOM   388  O OG  . SER A 1 74  ? 5.573   -14.439 -4.044  1.00 39.29 ? 86  SER A OG  1 
ATOM   389  N N   . ASP A 1 75  ? 9.821   -12.581 -5.096  1.00 32.35 ? 87  ASP A N   1 
ATOM   390  C CA  . ASP A 1 75  ? 10.870  -12.133 -5.998  1.00 36.26 ? 87  ASP A CA  1 
ATOM   391  C C   . ASP A 1 75  ? 10.331  -11.428 -7.245  1.00 35.22 ? 87  ASP A C   1 
ATOM   392  O O   . ASP A 1 75  ? 10.881  -11.565 -8.332  1.00 33.21 ? 87  ASP A O   1 
ATOM   393  C CB  . ASP A 1 75  ? 11.716  -13.344 -6.399  1.00 43.57 ? 87  ASP A CB  1 
ATOM   394  C CG  . ASP A 1 75  ? 13.007  -12.958 -7.078  1.00 53.94 ? 87  ASP A CG  1 
ATOM   395  O OD1 . ASP A 1 75  ? 13.681  -12.041 -6.572  1.00 43.33 ? 87  ASP A OD1 1 
ATOM   396  O OD2 . ASP A 1 75  ? 13.350  -13.575 -8.109  1.00 70.01 ? 87  ASP A OD2 1 
ATOM   397  N N   . ILE A 1 76  ? 9.264   -10.659 -7.077  1.00 31.30 ? 88  ILE A N   1 
ATOM   398  C CA  . ILE A 1 76  ? 8.650   -9.949  -8.194  1.00 29.70 ? 88  ILE A CA  1 
ATOM   399  C C   . ILE A 1 76  ? 9.274   -8.571  -8.412  1.00 30.63 ? 88  ILE A C   1 
ATOM   400  O O   . ILE A 1 76  ? 9.377   -7.782  -7.480  1.00 33.48 ? 88  ILE A O   1 
ATOM   401  C CB  . ILE A 1 76  ? 7.133   -9.793  -7.949  1.00 21.28 ? 88  ILE A CB  1 
ATOM   402  C CG1 . ILE A 1 76  ? 6.480   -11.176 -7.919  1.00 19.60 ? 88  ILE A CG1 1 
ATOM   403  C CG2 . ILE A 1 76  ? 6.508   -8.924  -9.043  1.00 34.14 ? 88  ILE A CG2 1 
ATOM   404  C CD1 . ILE A 1 76  ? 5.079   -11.204 -7.308  1.00 23.64 ? 88  ILE A CD1 1 
ATOM   405  N N   . LYS A 1 77  ? 9.699   -8.294  -9.643  1.00 31.99 ? 89  LYS A N   1 
ATOM   406  C CA  . LYS A 1 77  ? 10.293  -7.002  -9.962  1.00 29.65 ? 89  LYS A CA  1 
ATOM   407  C C   . LYS A 1 77  ? 9.275   -6.098  -10.640 1.00 31.31 ? 89  LYS A C   1 
ATOM   408  O O   . LYS A 1 77  ? 9.356   -4.880  -10.529 1.00 36.01 ? 89  LYS A O   1 
ATOM   409  C CB  . LYS A 1 77  ? 11.497  -7.156  -10.900 1.00 42.23 ? 89  LYS A CB  1 
ATOM   410  C CG  . LYS A 1 77  ? 12.605  -8.070  -10.407 1.00 49.57 ? 89  LYS A CG  1 
ATOM   411  C CD  . LYS A 1 77  ? 13.800  -7.993  -11.353 1.00 62.51 ? 89  LYS A CD  1 
ATOM   412  C CE  . LYS A 1 77  ? 14.774  -9.139  -11.136 1.00 60.47 ? 89  LYS A CE  1 
ATOM   413  N NZ  . LYS A 1 77  ? 14.171  -10.452 -11.504 1.00 62.88 ? 89  LYS A NZ  1 
ATOM   414  N N   . SER A 1 78  ? 8.316   -6.698  -11.341 1.00 32.13 ? 90  SER A N   1 
ATOM   415  C CA  . SER A 1 78  ? 7.300   -5.923  -12.052 1.00 27.54 ? 90  SER A CA  1 
ATOM   416  C C   . SER A 1 78  ? 5.912   -6.563  -12.066 1.00 25.59 ? 90  SER A C   1 
ATOM   417  O O   . SER A 1 78  ? 5.778   -7.770  -12.275 1.00 25.53 ? 90  SER A O   1 
ATOM   418  C CB  . SER A 1 78  ? 7.739   -5.703  -13.499 1.00 28.63 ? 90  SER A CB  1 
ATOM   419  O OG  . SER A 1 78  ? 6.671   -5.190  -14.278 1.00 30.16 ? 90  SER A OG  1 
ATOM   420  N N   . VAL A 1 79  ? 4.878   -5.751  -11.856 1.00 28.00 ? 91  VAL A N   1 
ATOM   421  C CA  . VAL A 1 79  ? 3.517   -6.274  -11.894 1.00 29.68 ? 91  VAL A CA  1 
ATOM   422  C C   . VAL A 1 79  ? 2.834   -5.912  -13.207 1.00 34.36 ? 91  VAL A C   1 
ATOM   423  O O   . VAL A 1 79  ? 1.609   -5.848  -13.279 1.00 31.15 ? 91  VAL A O   1 
ATOM   424  C CB  . VAL A 1 79  ? 2.655   -5.763  -10.709 1.00 29.88 ? 91  VAL A CB  1 
ATOM   425  C CG1 . VAL A 1 79  ? 3.080   -6.459  -9.424  1.00 28.79 ? 91  VAL A CG1 1 
ATOM   426  C CG2 . VAL A 1 79  ? 2.784   -4.255  -10.573 1.00 31.34 ? 91  VAL A CG2 1 
ATOM   427  N N   . GLN A 1 80  ? 3.635   -5.668  -14.242 1.00 31.05 ? 92  GLN A N   1 
ATOM   428  C CA  . GLN A 1 80  ? 3.086   -5.350  -15.558 1.00 26.01 ? 92  GLN A CA  1 
ATOM   429  C C   . GLN A 1 80  ? 2.139   -6.487  -15.923 1.00 29.73 ? 92  GLN A C   1 
ATOM   430  O O   . GLN A 1 80  ? 2.461   -7.662  -15.728 1.00 31.49 ? 92  GLN A O   1 
ATOM   431  C CB  . GLN A 1 80  ? 4.209   -5.248  -16.594 1.00 26.92 ? 92  GLN A CB  1 
ATOM   432  C CG  . GLN A 1 80  ? 3.731   -5.202  -18.049 1.00 32.61 ? 92  GLN A CG  1 
ATOM   433  C CD  . GLN A 1 80  ? 2.795   -4.046  -18.327 1.00 28.52 ? 92  GLN A CD  1 
ATOM   434  O OE1 . GLN A 1 80  ? 2.994   -2.942  -17.831 1.00 39.62 ? 92  GLN A OE1 1 
ATOM   435  N NE2 . GLN A 1 80  ? 1.773   -4.293  -19.140 1.00 34.75 ? 92  GLN A NE2 1 
ATOM   436  N N   . GLY A 1 81  ? 0.973   -6.135  -16.451 1.00 25.05 ? 93  GLY A N   1 
ATOM   437  C CA  . GLY A 1 81  ? -0.005  -7.146  -16.806 1.00 29.07 ? 93  GLY A CA  1 
ATOM   438  C C   . GLY A 1 81  ? -1.162  -7.117  -15.822 1.00 32.23 ? 93  GLY A C   1 
ATOM   439  O O   . GLY A 1 81  ? -2.292  -7.464  -16.159 1.00 22.62 ? 93  GLY A O   1 
ATOM   440  N N   . ILE A 1 82  ? -0.888  -6.685  -14.596 1.00 29.63 ? 94  ILE A N   1 
ATOM   441  C CA  . ILE A 1 82  ? -1.935  -6.622  -13.585 1.00 27.41 ? 94  ILE A CA  1 
ATOM   442  C C   . ILE A 1 82  ? -3.070  -5.692  -14.039 1.00 29.97 ? 94  ILE A C   1 
ATOM   443  O O   . ILE A 1 82  ? -4.190  -5.771  -13.536 1.00 28.19 ? 94  ILE A O   1 
ATOM   444  C CB  . ILE A 1 82  ? -1.359  -6.160  -12.224 1.00 17.94 ? 94  ILE A CB  1 
ATOM   445  C CG1 . ILE A 1 82  ? -2.313  -6.558  -11.098 1.00 31.54 ? 94  ILE A CG1 1 
ATOM   446  C CG2 . ILE A 1 82  ? -1.126  -4.659  -12.222 1.00 19.81 ? 94  ILE A CG2 1 
ATOM   447  C CD1 . ILE A 1 82  ? -1.796  -6.234  -9.702  1.00 25.81 ? 94  ILE A CD1 1 
ATOM   448  N N   . GLN A 1 83  ? -2.780  -4.823  -15.006 1.00 30.83 ? 95  GLN A N   1 
ATOM   449  C CA  . GLN A 1 83  ? -3.788  -3.902  -15.532 1.00 31.16 ? 95  GLN A CA  1 
ATOM   450  C C   . GLN A 1 83  ? -4.983  -4.655  -16.120 1.00 27.69 ? 95  GLN A C   1 
ATOM   451  O O   . GLN A 1 83  ? -6.046  -4.075  -16.311 1.00 31.96 ? 95  GLN A O   1 
ATOM   452  C CB  . GLN A 1 83  ? -3.196  -3.005  -16.634 1.00 29.38 ? 95  GLN A CB  1 
ATOM   453  C CG  . GLN A 1 83  ? -2.027  -2.136  -16.197 1.00 31.33 ? 95  GLN A CG  1 
ATOM   454  C CD  . GLN A 1 83  ? -0.682  -2.730  -16.583 1.00 31.38 ? 95  GLN A CD  1 
ATOM   455  O OE1 . GLN A 1 83  ? -0.469  -3.937  -16.474 1.00 30.02 ? 95  GLN A OE1 1 
ATOM   456  N NE2 . GLN A 1 83  ? 0.237   -1.876  -17.026 1.00 38.40 ? 95  GLN A NE2 1 
ATOM   457  N N   . TYR A 1 84  ? -4.796  -5.936  -16.420 1.00 23.26 ? 96  TYR A N   1 
ATOM   458  C CA  . TYR A 1 84  ? -5.860  -6.754  -17.001 1.00 29.54 ? 96  TYR A CA  1 
ATOM   459  C C   . TYR A 1 84  ? -6.759  -7.453  -15.984 1.00 32.64 ? 96  TYR A C   1 
ATOM   460  O O   . TYR A 1 84  ? -7.560  -8.305  -16.360 1.00 27.39 ? 96  TYR A O   1 
ATOM   461  C CB  . TYR A 1 84  ? -5.266  -7.817  -17.933 1.00 42.96 ? 96  TYR A CB  1 
ATOM   462  C CG  . TYR A 1 84  ? -4.574  -7.266  -19.159 1.00 42.15 ? 96  TYR A CG  1 
ATOM   463  C CD1 . TYR A 1 84  ? -3.254  -6.825  -19.103 1.00 39.36 ? 96  TYR A CD1 1 
ATOM   464  C CD2 . TYR A 1 84  ? -5.245  -7.182  -20.377 1.00 56.07 ? 96  TYR A CD2 1 
ATOM   465  C CE1 . TYR A 1 84  ? -2.617  -6.316  -20.236 1.00 36.48 ? 96  TYR A CE1 1 
ATOM   466  C CE2 . TYR A 1 84  ? -4.622  -6.675  -21.511 1.00 55.34 ? 96  TYR A CE2 1 
ATOM   467  C CZ  . TYR A 1 84  ? -3.309  -6.245  -21.434 1.00 59.19 ? 96  TYR A CZ  1 
ATOM   468  O OH  . TYR A 1 84  ? -2.691  -5.752  -22.562 1.00 63.60 ? 96  TYR A OH  1 
ATOM   469  N N   . LEU A 1 85  ? -6.622  -7.106  -14.706 1.00 29.49 ? 97  LEU A N   1 
ATOM   470  C CA  . LEU A 1 85  ? -7.427  -7.714  -13.646 1.00 24.62 ? 97  LEU A CA  1 
ATOM   471  C C   . LEU A 1 85  ? -8.249  -6.606  -12.995 1.00 30.44 ? 97  LEU A C   1 
ATOM   472  O O   . LEU A 1 85  ? -7.952  -6.165  -11.884 1.00 33.51 ? 97  LEU A O   1 
ATOM   473  C CB  . LEU A 1 85  ? -6.516  -8.367  -12.599 1.00 29.56 ? 97  LEU A CB  1 
ATOM   474  C CG  . LEU A 1 85  ? -5.303  -9.157  -13.110 1.00 38.06 ? 97  LEU A CG  1 
ATOM   475  C CD1 . LEU A 1 85  ? -4.602  -9.814  -11.932 1.00 33.82 ? 97  LEU A CD1 1 
ATOM   476  C CD2 . LEU A 1 85  ? -5.735  -10.200 -14.123 1.00 35.74 ? 97  LEU A CD2 1 
ATOM   477  N N   . PRO A 1 86  ? -9.316  -6.156  -13.674 1.00 27.99 ? 98  PRO A N   1 
ATOM   478  C CA  . PRO A 1 86  ? -10.181 -5.087  -13.167 1.00 22.93 ? 98  PRO A CA  1 
ATOM   479  C C   . PRO A 1 86  ? -10.809 -5.262  -11.787 1.00 24.76 ? 98  PRO A C   1 
ATOM   480  O O   . PRO A 1 86  ? -11.109 -4.275  -11.107 1.00 25.46 ? 98  PRO A O   1 
ATOM   481  C CB  . PRO A 1 86  ? -11.244 -4.966  -14.260 1.00 30.71 ? 98  PRO A CB  1 
ATOM   482  C CG  . PRO A 1 86  ? -11.363 -6.368  -14.759 1.00 31.77 ? 98  PRO A CG  1 
ATOM   483  C CD  . PRO A 1 86  ? -9.904  -6.768  -14.880 1.00 30.53 ? 98  PRO A CD  1 
ATOM   484  N N   . ASN A 1 87  ? -10.988 -6.501  -11.357 1.00 27.46 ? 99  ASN A N   1 
ATOM   485  C CA  . ASN A 1 87  ? -11.654 -6.749  -10.085 1.00 29.22 ? 99  ASN A CA  1 
ATOM   486  C C   . ASN A 1 87  ? -10.832 -7.077  -8.851  1.00 26.14 ? 99  ASN A C   1 
ATOM   487  O O   . ASN A 1 87  ? -11.389 -7.520  -7.848  1.00 32.08 ? 99  ASN A O   1 
ATOM   488  C CB  . ASN A 1 87  ? -12.709 -7.834  -10.290 1.00 19.44 ? 99  ASN A CB  1 
ATOM   489  C CG  . ASN A 1 87  ? -13.688 -7.475  -11.383 1.00 25.32 ? 99  ASN A CG  1 
ATOM   490  O OD1 . ASN A 1 87  ? -14.253 -6.385  -11.376 1.00 29.87 ? 99  ASN A OD1 1 
ATOM   491  N ND2 . ASN A 1 87  ? -13.896 -8.390  -12.329 1.00 26.13 ? 99  ASN A ND2 1 
ATOM   492  N N   . VAL A 1 88  ? -9.522  -6.868  -8.898  1.00 27.28 ? 100 VAL A N   1 
ATOM   493  C CA  . VAL A 1 88  ? -8.714  -7.157  -7.718  1.00 30.95 ? 100 VAL A CA  1 
ATOM   494  C C   . VAL A 1 88  ? -9.034  -6.152  -6.626  1.00 27.12 ? 100 VAL A C   1 
ATOM   495  O O   . VAL A 1 88  ? -9.092  -4.947  -6.871  1.00 26.45 ? 100 VAL A O   1 
ATOM   496  C CB  . VAL A 1 88  ? -7.206  -7.107  -8.027  1.00 37.27 ? 100 VAL A CB  1 
ATOM   497  C CG1 . VAL A 1 88  ? -6.406  -7.195  -6.736  1.00 35.50 ? 100 VAL A CG1 1 
ATOM   498  C CG2 . VAL A 1 88  ? -6.836  -8.261  -8.941  1.00 50.74 ? 100 VAL A CG2 1 
ATOM   499  N N   . THR A 1 89  ? -9.266  -6.658  -5.423  1.00 27.90 ? 101 THR A N   1 
ATOM   500  C CA  . THR A 1 89  ? -9.590  -5.807  -4.287  1.00 26.62 ? 101 THR A CA  1 
ATOM   501  C C   . THR A 1 89  ? -8.528  -5.943  -3.200  1.00 23.29 ? 101 THR A C   1 
ATOM   502  O O   . THR A 1 89  ? -8.389  -5.066  -2.355  1.00 30.70 ? 101 THR A O   1 
ATOM   503  C CB  . THR A 1 89  ? -10.945 -6.190  -3.658  1.00 27.45 ? 101 THR A CB  1 
ATOM   504  O OG1 . THR A 1 89  ? -10.866 -7.526  -3.147  1.00 28.86 ? 101 THR A OG1 1 
ATOM   505  C CG2 . THR A 1 89  ? -12.066 -6.108  -4.687  1.00 33.69 ? 101 THR A CG2 1 
ATOM   506  N N   . LYS A 1 90  ? -7.800  -7.055  -3.219  1.00 23.74 ? 102 LYS A N   1 
ATOM   507  C CA  . LYS A 1 90  ? -6.755  -7.307  -2.228  1.00 26.05 ? 102 LYS A CA  1 
ATOM   508  C C   . LYS A 1 90  ? -5.471  -7.696  -2.935  1.00 22.78 ? 102 LYS A C   1 
ATOM   509  O O   . LYS A 1 90  ? -5.443  -8.646  -3.713  1.00 23.14 ? 102 LYS A O   1 
ATOM   510  C CB  . LYS A 1 90  ? -7.166  -8.438  -1.288  1.00 25.00 ? 102 LYS A CB  1 
ATOM   511  C CG  . LYS A 1 90  ? -8.471  -8.197  -0.572  1.00 32.09 ? 102 LYS A CG  1 
ATOM   512  C CD  . LYS A 1 90  ? -8.828  -9.393  0.286   1.00 37.01 ? 102 LYS A CD  1 
ATOM   513  C CE  . LYS A 1 90  ? -10.315 -9.430  0.551   1.00 53.91 ? 102 LYS A CE  1 
ATOM   514  N NZ  . LYS A 1 90  ? -11.065 -9.558  -0.725  1.00 58.81 ? 102 LYS A NZ  1 
ATOM   515  N N   . LEU A 1 91  ? -4.402  -6.973  -2.636  1.00 24.76 ? 103 LEU A N   1 
ATOM   516  C CA  . LEU A 1 91  ? -3.117  -7.227  -3.266  1.00 25.92 ? 103 LEU A CA  1 
ATOM   517  C C   . LEU A 1 91  ? -2.019  -7.260  -2.206  1.00 26.10 ? 103 LEU A C   1 
ATOM   518  O O   . LEU A 1 91  ? -1.699  -6.232  -1.601  1.00 27.26 ? 103 LEU A O   1 
ATOM   519  C CB  . LEU A 1 91  ? -2.857  -6.119  -4.291  1.00 23.75 ? 103 LEU A CB  1 
ATOM   520  C CG  . LEU A 1 91  ? -1.634  -6.185  -5.197  1.00 32.59 ? 103 LEU A CG  1 
ATOM   521  C CD1 . LEU A 1 91  ? -1.587  -7.531  -5.909  1.00 32.79 ? 103 LEU A CD1 1 
ATOM   522  C CD2 . LEU A 1 91  ? -1.709  -5.031  -6.211  1.00 32.31 ? 103 LEU A CD2 1 
ATOM   523  N N   . PHE A 1 92  ? -1.469  -8.445  -1.958  1.00 24.47 ? 104 PHE A N   1 
ATOM   524  C CA  . PHE A 1 92  ? -0.397  -8.583  -0.978  1.00 27.73 ? 104 PHE A CA  1 
ATOM   525  C C   . PHE A 1 92  ? 0.919   -8.770  -1.726  1.00 28.67 ? 104 PHE A C   1 
ATOM   526  O O   . PHE A 1 92  ? 1.156   -9.820  -2.307  1.00 24.24 ? 104 PHE A O   1 
ATOM   527  C CB  . PHE A 1 92  ? -0.645  -9.782  -0.065  1.00 29.59 ? 104 PHE A CB  1 
ATOM   528  C CG  . PHE A 1 92  ? -1.849  -9.633  0.819   1.00 42.39 ? 104 PHE A CG  1 
ATOM   529  C CD1 . PHE A 1 92  ? -3.128  -9.824  0.312   1.00 56.95 ? 104 PHE A CD1 1 
ATOM   530  C CD2 . PHE A 1 92  ? -1.701  -9.311  2.164   1.00 60.64 ? 104 PHE A CD2 1 
ATOM   531  C CE1 . PHE A 1 92  ? -4.247  -9.703  1.132   1.00 68.07 ? 104 PHE A CE1 1 
ATOM   532  C CE2 . PHE A 1 92  ? -2.814  -9.185  2.995   1.00 66.93 ? 104 PHE A CE2 1 
ATOM   533  C CZ  . PHE A 1 92  ? -4.089  -9.381  2.478   1.00 69.60 ? 104 PHE A CZ  1 
ATOM   534  N N   . LEU A 1 93  ? 1.769   -7.748  -1.699  1.00 28.60 ? 105 LEU A N   1 
ATOM   535  C CA  . LEU A 1 93  ? 3.050   -7.785  -2.399  1.00 27.71 ? 105 LEU A CA  1 
ATOM   536  C C   . LEU A 1 93  ? 4.228   -7.432  -1.505  1.00 27.86 ? 105 LEU A C   1 
ATOM   537  O O   . LEU A 1 93  ? 5.198   -6.824  -1.958  1.00 26.21 ? 105 LEU A O   1 
ATOM   538  C CB  . LEU A 1 93  ? 3.010   -6.819  -3.584  1.00 20.69 ? 105 LEU A CB  1 
ATOM   539  C CG  . LEU A 1 93  ? 2.063   -7.229  -4.712  1.00 26.93 ? 105 LEU A CG  1 
ATOM   540  C CD1 . LEU A 1 93  ? 1.807   -6.050  -5.646  1.00 31.32 ? 105 LEU A CD1 1 
ATOM   541  C CD2 . LEU A 1 93  ? 2.674   -8.401  -5.463  1.00 26.11 ? 105 LEU A CD2 1 
ATOM   542  N N   . ASN A 1 94  ? 4.142   -7.814  -0.235  1.00 28.91 ? 106 ASN A N   1 
ATOM   543  C CA  . ASN A 1 94  ? 5.211   -7.536  0.722   1.00 26.56 ? 106 ASN A CA  1 
ATOM   544  C C   . ASN A 1 94  ? 6.495   -8.283  0.364   1.00 18.52 ? 106 ASN A C   1 
ATOM   545  O O   . ASN A 1 94  ? 6.454   -9.419  -0.100  1.00 30.35 ? 106 ASN A O   1 
ATOM   546  C CB  . ASN A 1 94  ? 4.785   -7.948  2.138   1.00 29.35 ? 106 ASN A CB  1 
ATOM   547  C CG  . ASN A 1 94  ? 3.746   -7.008  2.743   1.00 26.52 ? 106 ASN A CG  1 
ATOM   548  O OD1 . ASN A 1 94  ? 3.212   -7.273  3.817   1.00 38.14 ? 106 ASN A OD1 1 
ATOM   549  N ND2 . ASN A 1 94  ? 3.472   -5.907  2.065   1.00 21.51 ? 106 ASN A ND2 1 
ATOM   550  N N   . GLY A 1 95  ? 7.632   -7.633  0.590   1.00 25.78 ? 107 GLY A N   1 
ATOM   551  C CA  . GLY A 1 95  ? 8.913   -8.264  0.336   1.00 38.42 ? 107 GLY A CA  1 
ATOM   552  C C   . GLY A 1 95  ? 9.240   -8.719  -1.072  1.00 27.87 ? 107 GLY A C   1 
ATOM   553  O O   . GLY A 1 95  ? 9.596   -9.878  -1.290  1.00 30.10 ? 107 GLY A O   1 
ATOM   554  N N   . ASN A 1 96  ? 9.123   -7.811  -2.031  1.00 29.36 ? 108 ASN A N   1 
ATOM   555  C CA  . ASN A 1 96  ? 9.449   -8.127  -3.414  1.00 34.29 ? 108 ASN A CA  1 
ATOM   556  C C   . ASN A 1 96  ? 10.513  -7.138  -3.902  1.00 34.81 ? 108 ASN A C   1 
ATOM   557  O O   . ASN A 1 96  ? 11.226  -6.546  -3.090  1.00 31.83 ? 108 ASN A O   1 
ATOM   558  C CB  . ASN A 1 96  ? 8.182   -8.072  -4.274  1.00 30.98 ? 108 ASN A CB  1 
ATOM   559  C CG  . ASN A 1 96  ? 7.303   -9.302  -4.088  1.00 35.41 ? 108 ASN A CG  1 
ATOM   560  O OD1 . ASN A 1 96  ? 7.679   -10.413 -4.474  1.00 29.15 ? 108 ASN A OD1 1 
ATOM   561  N ND2 . ASN A 1 96  ? 6.134   -9.112  -3.485  1.00 37.45 ? 108 ASN A ND2 1 
ATOM   562  N N   . LYS A 1 97  ? 10.639  -6.961  -5.213  1.00 34.97 ? 109 LYS A N   1 
ATOM   563  C CA  . LYS A 1 97  ? 11.640  -6.034  -5.741  1.00 34.84 ? 109 LYS A CA  1 
ATOM   564  C C   . LYS A 1 97  ? 10.989  -4.964  -6.601  1.00 36.85 ? 109 LYS A C   1 
ATOM   565  O O   . LYS A 1 97  ? 11.516  -4.582  -7.649  1.00 33.08 ? 109 LYS A O   1 
ATOM   566  C CB  . LYS A 1 97  ? 12.674  -6.799  -6.569  1.00 35.53 ? 109 LYS A CB  1 
ATOM   567  C CG  . LYS A 1 97  ? 13.435  -7.849  -5.778  1.00 49.31 ? 109 LYS A CG  1 
ATOM   568  C CD  . LYS A 1 97  ? 14.349  -8.654  -6.685  1.00 57.14 ? 109 LYS A CD  1 
ATOM   569  C CE  . LYS A 1 97  ? 15.143  -9.691  -5.904  1.00 60.61 ? 109 LYS A CE  1 
ATOM   570  N NZ  . LYS A 1 97  ? 16.039  -10.481 -6.797  1.00 64.42 ? 109 LYS A NZ  1 
ATOM   571  N N   . LEU A 1 98  ? 9.848   -4.469  -6.140  1.00 27.52 ? 110 LEU A N   1 
ATOM   572  C CA  . LEU A 1 98  ? 9.096   -3.464  -6.877  1.00 30.96 ? 110 LEU A CA  1 
ATOM   573  C C   . LEU A 1 98  ? 9.632   -2.050  -6.722  1.00 33.40 ? 110 LEU A C   1 
ATOM   574  O O   . LEU A 1 98  ? 10.142  -1.684  -5.666  1.00 27.24 ? 110 LEU A O   1 
ATOM   575  C CB  . LEU A 1 98  ? 7.636   -3.504  -6.434  1.00 28.15 ? 110 LEU A CB  1 
ATOM   576  C CG  . LEU A 1 98  ? 6.904   -4.812  -6.720  1.00 34.33 ? 110 LEU A CG  1 
ATOM   577  C CD1 . LEU A 1 98  ? 5.529   -4.779  -6.075  1.00 30.61 ? 110 LEU A CD1 1 
ATOM   578  C CD2 . LEU A 1 98  ? 6.805   -5.012  -8.223  1.00 38.17 ? 110 LEU A CD2 1 
ATOM   579  N N   . THR A 1 99  ? 9.510   -1.263  -7.789  1.00 28.86 ? 111 THR A N   1 
ATOM   580  C CA  . THR A 1 99  ? 9.945   0.126   -7.781  1.00 31.53 ? 111 THR A CA  1 
ATOM   581  C C   . THR A 1 99  ? 8.879   0.989   -8.457  1.00 37.68 ? 111 THR A C   1 
ATOM   582  O O   . THR A 1 99  ? 8.638   2.122   -8.055  1.00 47.16 ? 111 THR A O   1 
ATOM   583  C CB  . THR A 1 99  ? 11.290  0.321   -8.530  1.00 41.48 ? 111 THR A CB  1 
ATOM   584  O OG1 . THR A 1 99  ? 11.127  -0.024  -9.912  1.00 35.57 ? 111 THR A OG1 1 
ATOM   585  C CG2 . THR A 1 99  ? 12.378  -0.555  -7.923  1.00 40.28 ? 111 THR A CG2 1 
ATOM   586  N N   . ASP A 1 100 ? 8.234   0.435   -9.479  1.00 38.14 ? 112 ASP A N   1 
ATOM   587  C CA  . ASP A 1 100 ? 7.203   1.150   -10.227 1.00 42.86 ? 112 ASP A CA  1 
ATOM   588  C C   . ASP A 1 100 ? 5.839   0.480   -10.108 1.00 41.28 ? 112 ASP A C   1 
ATOM   589  O O   . ASP A 1 100 ? 5.668   -0.664  -10.521 1.00 49.02 ? 112 ASP A O   1 
ATOM   590  C CB  . ASP A 1 100 ? 7.627   1.247   -11.698 1.00 42.13 ? 112 ASP A CB  1 
ATOM   591  C CG  . ASP A 1 100 ? 6.511   1.733   -12.610 1.00 48.93 ? 112 ASP A CG  1 
ATOM   592  O OD1 . ASP A 1 100 ? 5.693   2.574   -12.183 1.00 50.41 ? 112 ASP A OD1 1 
ATOM   593  O OD2 . ASP A 1 100 ? 6.468   1.280   -13.773 1.00 51.31 ? 112 ASP A OD2 1 
ATOM   594  N N   . ILE A 1 101 ? 4.875   1.195   -9.532  1.00 39.47 ? 113 ILE A N   1 
ATOM   595  C CA  . ILE A 1 101 ? 3.525   0.664   -9.367  1.00 33.96 ? 113 ILE A CA  1 
ATOM   596  C C   . ILE A 1 101 ? 2.523   1.346   -10.298 1.00 28.73 ? 113 ILE A C   1 
ATOM   597  O O   . ILE A 1 101 ? 1.334   1.406   -10.002 1.00 32.10 ? 113 ILE A O   1 
ATOM   598  C CB  . ILE A 1 101 ? 3.020   0.815   -7.909  1.00 33.97 ? 113 ILE A CB  1 
ATOM   599  C CG1 . ILE A 1 101 ? 3.182   2.261   -7.441  1.00 40.10 ? 113 ILE A CG1 1 
ATOM   600  C CG2 . ILE A 1 101 ? 3.772   -0.139  -6.999  1.00 33.83 ? 113 ILE A CG2 1 
ATOM   601  C CD1 . ILE A 1 101 ? 2.546   2.540   -6.098  1.00 42.02 ? 113 ILE A CD1 1 
ATOM   602  N N   . LYS A 1 102 ? 3.007   1.863   -11.421 1.00 32.11 ? 114 LYS A N   1 
ATOM   603  C CA  . LYS A 1 102 ? 2.129   2.523   -12.381 1.00 35.80 ? 114 LYS A CA  1 
ATOM   604  C C   . LYS A 1 102 ? 1.033   1.560   -12.853 1.00 29.03 ? 114 LYS A C   1 
ATOM   605  O O   . LYS A 1 102 ? -0.108  1.970   -13.084 1.00 28.82 ? 114 LYS A O   1 
ATOM   606  C CB  . LYS A 1 102 ? 2.938   3.029   -13.578 1.00 36.32 ? 114 LYS A CB  1 
ATOM   607  C CG  . LYS A 1 102 ? 2.137   3.901   -14.533 1.00 46.26 ? 114 LYS A CG  1 
ATOM   608  C CD  . LYS A 1 102 ? 2.975   4.347   -15.731 1.00 62.25 ? 114 LYS A CD  1 
ATOM   609  C CE  . LYS A 1 102 ? 2.165   5.218   -16.680 1.00 70.29 ? 114 LYS A CE  1 
ATOM   610  N NZ  . LYS A 1 102 ? 0.952   4.511   -17.177 1.00 76.55 ? 114 LYS A NZ  1 
ATOM   611  N N   . PRO A 1 103 ? 1.366   0.268   -13.009 1.00 27.28 ? 115 PRO A N   1 
ATOM   612  C CA  . PRO A 1 103 ? 0.356   -0.695  -13.452 1.00 29.45 ? 115 PRO A CA  1 
ATOM   613  C C   . PRO A 1 103 ? -0.899  -0.763  -12.573 1.00 33.30 ? 115 PRO A C   1 
ATOM   614  O O   . PRO A 1 103 ? -1.926  -1.282  -13.007 1.00 33.75 ? 115 PRO A O   1 
ATOM   615  C CB  . PRO A 1 103 ? 1.125   -2.012  -13.457 1.00 33.55 ? 115 PRO A CB  1 
ATOM   616  C CG  . PRO A 1 103 ? 2.493   -1.583  -13.882 1.00 31.08 ? 115 PRO A CG  1 
ATOM   617  C CD  . PRO A 1 103 ? 2.710   -0.342  -13.044 1.00 29.43 ? 115 PRO A CD  1 
ATOM   618  N N   . LEU A 1 104 ? -0.821  -0.240  -11.350 1.00 30.85 ? 116 LEU A N   1 
ATOM   619  C CA  . LEU A 1 104 ? -1.963  -0.272  -10.429 1.00 38.05 ? 116 LEU A CA  1 
ATOM   620  C C   . LEU A 1 104 ? -2.941  0.886   -10.611 1.00 34.53 ? 116 LEU A C   1 
ATOM   621  O O   . LEU A 1 104 ? -4.064  0.841   -10.114 1.00 29.60 ? 116 LEU A O   1 
ATOM   622  C CB  . LEU A 1 104 ? -1.475  -0.254  -8.972  1.00 31.47 ? 116 LEU A CB  1 
ATOM   623  C CG  . LEU A 1 104 ? -0.381  -1.229  -8.528  1.00 28.26 ? 116 LEU A CG  1 
ATOM   624  C CD1 . LEU A 1 104 ? -0.119  -1.067  -7.027  1.00 28.36 ? 116 LEU A CD1 1 
ATOM   625  C CD2 . LEU A 1 104 ? -0.811  -2.644  -8.834  1.00 32.06 ? 116 LEU A CD2 1 
ATOM   626  N N   . THR A 1 105 ? -2.507  1.914   -11.331 1.00 32.56 ? 117 THR A N   1 
ATOM   627  C CA  . THR A 1 105 ? -3.297  3.124   -11.549 1.00 34.39 ? 117 THR A CA  1 
ATOM   628  C C   . THR A 1 105 ? -4.806  3.011   -11.772 1.00 31.90 ? 117 THR A C   1 
ATOM   629  O O   . THR A 1 105 ? -5.567  3.780   -11.188 1.00 36.93 ? 117 THR A O   1 
ATOM   630  C CB  . THR A 1 105 ? -2.711  3.955   -12.714 1.00 42.28 ? 117 THR A CB  1 
ATOM   631  O OG1 . THR A 1 105 ? -1.316  4.170   -12.487 1.00 34.58 ? 117 THR A OG1 1 
ATOM   632  C CG2 . THR A 1 105 ? -3.406  5.309   -12.813 1.00 43.63 ? 117 THR A CG2 1 
ATOM   633  N N   . ASN A 1 106 ? -5.252  2.078   -12.610 1.00 28.27 ? 118 ASN A N   1 
ATOM   634  C CA  . ASN A 1 106 ? -6.681  1.971   -12.873 1.00 32.62 ? 118 ASN A CA  1 
ATOM   635  C C   . ASN A 1 106 ? -7.403  0.819   -12.192 1.00 34.23 ? 118 ASN A C   1 
ATOM   636  O O   . ASN A 1 106 ? -8.492  0.419   -12.608 1.00 37.09 ? 118 ASN A O   1 
ATOM   637  C CB  . ASN A 1 106 ? -6.930  1.928   -14.380 1.00 35.57 ? 118 ASN A CB  1 
ATOM   638  C CG  . ASN A 1 106 ? -6.568  3.230   -15.056 1.00 47.62 ? 118 ASN A CG  1 
ATOM   639  O OD1 . ASN A 1 106 ? -7.009  4.301   -14.635 1.00 58.62 ? 118 ASN A OD1 1 
ATOM   640  N ND2 . ASN A 1 106 ? -5.768  3.151   -16.110 1.00 47.03 ? 118 ASN A ND2 1 
ATOM   641  N N   . LEU A 1 107 ? -6.799  0.299   -11.134 1.00 34.06 ? 119 LEU A N   1 
ATOM   642  C CA  . LEU A 1 107 ? -7.390  -0.792  -10.372 1.00 24.84 ? 119 LEU A CA  1 
ATOM   643  C C   . LEU A 1 107 ? -8.320  -0.162  -9.341  1.00 37.62 ? 119 LEU A C   1 
ATOM   644  O O   . LEU A 1 107 ? -8.084  -0.230  -8.130  1.00 25.03 ? 119 LEU A O   1 
ATOM   645  C CB  . LEU A 1 107 ? -6.277  -1.581  -9.707  1.00 32.43 ? 119 LEU A CB  1 
ATOM   646  C CG  . LEU A 1 107 ? -5.217  -2.071  -10.698 1.00 49.23 ? 119 LEU A CG  1 
ATOM   647  C CD1 . LEU A 1 107 ? -4.135  -2.840  -9.955  1.00 54.35 ? 119 LEU A CD1 1 
ATOM   648  C CD2 . LEU A 1 107 ? -5.873  -2.936  -11.769 1.00 33.33 ? 119 LEU A CD2 1 
ATOM   649  N N   . LYS A 1 108 ? -9.384  0.444   -9.858  1.00 37.97 ? 120 LYS A N   1 
ATOM   650  C CA  . LYS A 1 108 ? -10.383 1.161   -9.070  1.00 38.43 ? 120 LYS A CA  1 
ATOM   651  C C   . LYS A 1 108 ? -11.016 0.455   -7.881  1.00 34.92 ? 120 LYS A C   1 
ATOM   652  O O   . LYS A 1 108 ? -11.507 1.114   -6.968  1.00 38.40 ? 120 LYS A O   1 
ATOM   653  C CB  . LYS A 1 108 ? -11.503 1.652   -9.996  1.00 40.59 ? 120 LYS A CB  1 
ATOM   654  C CG  . LYS A 1 108 ? -11.040 2.641   -11.059 1.00 60.04 ? 120 LYS A CG  1 
ATOM   655  C CD  . LYS A 1 108 ? -12.199 3.121   -11.922 1.00 62.20 ? 120 LYS A CD  1 
ATOM   656  C CE  . LYS A 1 108 ? -11.728 4.108   -12.975 0.00 56.25 ? 120 LYS A CE  1 
ATOM   657  N NZ  . LYS A 1 108 ? -12.851 4.590   -13.825 0.00 54.03 ? 120 LYS A NZ  1 
ATOM   658  N N   . ASN A 1 109 ? -11.006 -0.870  -7.877  1.00 27.48 ? 121 ASN A N   1 
ATOM   659  C CA  . ASN A 1 109 ? -11.632 -1.598  -6.787  1.00 25.72 ? 121 ASN A CA  1 
ATOM   660  C C   . ASN A 1 109 ? -10.683 -2.019  -5.684  1.00 20.43 ? 121 ASN A C   1 
ATOM   661  O O   . ASN A 1 109 ? -11.084 -2.683  -4.737  1.00 27.27 ? 121 ASN A O   1 
ATOM   662  C CB  . ASN A 1 109 ? -12.364 -2.814  -7.352  1.00 26.21 ? 121 ASN A CB  1 
ATOM   663  C CG  . ASN A 1 109 ? -13.430 -2.419  -8.354  1.00 43.46 ? 121 ASN A CG  1 
ATOM   664  O OD1 . ASN A 1 109 ? -14.401 -1.760  -8.000  1.00 37.01 ? 121 ASN A OD1 1 
ATOM   665  N ND2 . ASN A 1 109 ? -13.242 -2.799  -9.612  1.00 32.58 ? 121 ASN A ND2 1 
ATOM   666  N N   . LEU A 1 110 ? -9.426  -1.614  -5.799  1.00 20.22 ? 122 LEU A N   1 
ATOM   667  C CA  . LEU A 1 110 ? -8.413  -1.971  -4.809  1.00 29.80 ? 122 LEU A CA  1 
ATOM   668  C C   . LEU A 1 110 ? -8.798  -1.467  -3.412  1.00 28.46 ? 122 LEU A C   1 
ATOM   669  O O   . LEU A 1 110 ? -8.949  -0.260  -3.196  1.00 29.37 ? 122 LEU A O   1 
ATOM   670  C CB  . LEU A 1 110 ? -7.071  -1.389  -5.253  1.00 25.27 ? 122 LEU A CB  1 
ATOM   671  C CG  . LEU A 1 110 ? -5.744  -2.049  -4.888  1.00 47.32 ? 122 LEU A CG  1 
ATOM   672  C CD1 . LEU A 1 110 ? -5.851  -3.571  -4.872  1.00 34.38 ? 122 LEU A CD1 1 
ATOM   673  C CD2 . LEU A 1 110 ? -4.710  -1.582  -5.906  1.00 36.59 ? 122 LEU A CD2 1 
ATOM   674  N N   . GLY A 1 111 ? -8.958  -2.396  -2.468  1.00 28.62 ? 123 GLY A N   1 
ATOM   675  C CA  . GLY A 1 111 ? -9.337  -2.026  -1.110  1.00 27.60 ? 123 GLY A CA  1 
ATOM   676  C C   . GLY A 1 111 ? -8.229  -2.190  -0.081  1.00 33.80 ? 123 GLY A C   1 
ATOM   677  O O   . GLY A 1 111 ? -8.146  -1.422  0.888   1.00 29.92 ? 123 GLY A O   1 
ATOM   678  N N   . TRP A 1 112 ? -7.382  -3.197  -0.284  1.00 26.39 ? 124 TRP A N   1 
ATOM   679  C CA  . TRP A 1 112 ? -6.259  -3.474  0.607   1.00 26.95 ? 124 TRP A CA  1 
ATOM   680  C C   . TRP A 1 112 ? -5.022  -3.598  -0.274  1.00 28.98 ? 124 TRP A C   1 
ATOM   681  O O   . TRP A 1 112 ? -4.999  -4.401  -1.207  1.00 26.29 ? 124 TRP A O   1 
ATOM   682  C CB  . TRP A 1 112 ? -6.462  -4.795  1.351   1.00 19.91 ? 124 TRP A CB  1 
ATOM   683  C CG  . TRP A 1 112 ? -7.596  -4.815  2.335   1.00 31.47 ? 124 TRP A CG  1 
ATOM   684  C CD1 . TRP A 1 112 ? -7.504  -4.669  3.694   1.00 32.30 ? 124 TRP A CD1 1 
ATOM   685  C CD2 . TRP A 1 112 ? -8.976  -5.082  2.054   1.00 32.95 ? 124 TRP A CD2 1 
ATOM   686  N NE1 . TRP A 1 112 ? -8.737  -4.840  4.274   1.00 34.48 ? 124 TRP A NE1 1 
ATOM   687  C CE2 . TRP A 1 112 ? -9.660  -5.095  3.292   1.00 41.60 ? 124 TRP A CE2 1 
ATOM   688  C CE3 . TRP A 1 112 ? -9.702  -5.314  0.878   1.00 31.10 ? 124 TRP A CE3 1 
ATOM   689  C CZ2 . TRP A 1 112 ? -11.039 -5.336  3.387   1.00 47.49 ? 124 TRP A CZ2 1 
ATOM   690  C CZ3 . TRP A 1 112 ? -11.073 -5.555  0.972   1.00 40.22 ? 124 TRP A CZ3 1 
ATOM   691  C CH2 . TRP A 1 112 ? -11.725 -5.565  2.220   1.00 47.50 ? 124 TRP A CH2 1 
ATOM   692  N N   . LEU A 1 113 ? -3.991  -2.821  0.038   1.00 25.76 ? 125 LEU A N   1 
ATOM   693  C CA  . LEU A 1 113 ? -2.760  -2.832  -0.742  1.00 31.98 ? 125 LEU A CA  1 
ATOM   694  C C   . LEU A 1 113 ? -1.539  -2.887  0.169   1.00 25.36 ? 125 LEU A C   1 
ATOM   695  O O   . LEU A 1 113 ? -1.215  -1.906  0.833   1.00 28.76 ? 125 LEU A O   1 
ATOM   696  C CB  . LEU A 1 113 ? -2.696  -1.575  -1.618  1.00 26.11 ? 125 LEU A CB  1 
ATOM   697  C CG  . LEU A 1 113 ? -1.473  -1.408  -2.531  1.00 30.45 ? 125 LEU A CG  1 
ATOM   698  C CD1 . LEU A 1 113 ? -1.436  -2.545  -3.533  1.00 24.21 ? 125 LEU A CD1 1 
ATOM   699  C CD2 . LEU A 1 113 ? -1.546  -0.070  -3.258  1.00 31.40 ? 125 LEU A CD2 1 
ATOM   700  N N   . PHE A 1 114 ? -0.862  -4.033  0.198   1.00 27.00 ? 126 PHE A N   1 
ATOM   701  C CA  . PHE A 1 114 ? 0.322   -4.200  1.035   1.00 24.64 ? 126 PHE A CA  1 
ATOM   702  C C   . PHE A 1 114 ? 1.578   -4.256  0.182   1.00 30.08 ? 126 PHE A C   1 
ATOM   703  O O   . PHE A 1 114 ? 1.757   -5.174  -0.613  1.00 27.10 ? 126 PHE A O   1 
ATOM   704  C CB  . PHE A 1 114 ? 0.194   -5.460  1.885   1.00 25.72 ? 126 PHE A CB  1 
ATOM   705  C CG  . PHE A 1 114 ? -0.838  -5.348  2.966   1.00 37.45 ? 126 PHE A CG  1 
ATOM   706  C CD1 . PHE A 1 114 ? -2.190  -5.384  2.659   1.00 52.80 ? 126 PHE A CD1 1 
ATOM   707  C CD2 . PHE A 1 114 ? -0.456  -5.158  4.289   1.00 52.03 ? 126 PHE A CD2 1 
ATOM   708  C CE1 . PHE A 1 114 ? -3.153  -5.236  3.657   1.00 59.91 ? 126 PHE A CE1 1 
ATOM   709  C CE2 . PHE A 1 114 ? -1.410  -5.008  5.297   1.00 60.36 ? 126 PHE A CE2 1 
ATOM   710  C CZ  . PHE A 1 114 ? -2.760  -5.043  4.977   1.00 59.09 ? 126 PHE A CZ  1 
ATOM   711  N N   . LEU A 1 115 ? 2.445   -3.263  0.359   1.00 29.28 ? 127 LEU A N   1 
ATOM   712  C CA  . LEU A 1 115 ? 3.664   -3.156  -0.431  1.00 26.39 ? 127 LEU A CA  1 
ATOM   713  C C   . LEU A 1 115 ? 4.936   -3.008  0.399   1.00 32.59 ? 127 LEU A C   1 
ATOM   714  O O   . LEU A 1 115 ? 5.917   -2.435  -0.079  1.00 29.73 ? 127 LEU A O   1 
ATOM   715  C CB  . LEU A 1 115 ? 3.537   -1.957  -1.380  1.00 23.26 ? 127 LEU A CB  1 
ATOM   716  C CG  . LEU A 1 115 ? 2.448   -2.052  -2.451  1.00 27.21 ? 127 LEU A CG  1 
ATOM   717  C CD1 . LEU A 1 115 ? 2.062   -0.667  -2.938  1.00 29.78 ? 127 LEU A CD1 1 
ATOM   718  C CD2 . LEU A 1 115 ? 2.954   -2.913  -3.603  1.00 29.59 ? 127 LEU A CD2 1 
ATOM   719  N N   . ASP A 1 116 ? 4.924   -3.510  1.633   1.00 30.65 ? 128 ASP A N   1 
ATOM   720  C CA  . ASP A 1 116 ? 6.100   -3.419  2.496   1.00 23.06 ? 128 ASP A CA  1 
ATOM   721  C C   . ASP A 1 116 ? 7.315   -4.071  1.847   1.00 23.11 ? 128 ASP A C   1 
ATOM   722  O O   . ASP A 1 116 ? 7.183   -4.957  1.002   1.00 32.64 ? 128 ASP A O   1 
ATOM   723  C CB  . ASP A 1 116 ? 5.874   -4.125  3.840   1.00 25.25 ? 128 ASP A CB  1 
ATOM   724  C CG  . ASP A 1 116 ? 4.666   -3.605  4.600   1.00 24.65 ? 128 ASP A CG  1 
ATOM   725  O OD1 . ASP A 1 116 ? 4.181   -2.500  4.296   1.00 23.87 ? 128 ASP A OD1 1 
ATOM   726  O OD2 . ASP A 1 116 ? 4.211   -4.313  5.525   1.00 26.71 ? 128 ASP A OD2 1 
ATOM   727  N N   . GLU A 1 117 ? 8.503   -3.634  2.256   1.00 27.83 ? 129 GLU A N   1 
ATOM   728  C CA  . GLU A 1 117 ? 9.753   -4.207  1.756   1.00 27.13 ? 129 GLU A CA  1 
ATOM   729  C C   . GLU A 1 117 ? 9.938   -4.213  0.239   1.00 23.66 ? 129 GLU A C   1 
ATOM   730  O O   . GLU A 1 117 ? 10.169  -5.260  -0.367  1.00 32.54 ? 129 GLU A O   1 
ATOM   731  C CB  . GLU A 1 117 ? 9.910   -5.639  2.275   1.00 28.65 ? 129 GLU A CB  1 
ATOM   732  C CG  . GLU A 1 117 ? 9.964   -5.791  3.787   1.00 41.15 ? 129 GLU A CG  1 
ATOM   733  C CD  . GLU A 1 117 ? 11.313  -5.425  4.367   1.00 72.42 ? 129 GLU A CD  1 
ATOM   734  O OE1 . GLU A 1 117 ? 12.345  -5.825  3.786   1.00 85.13 ? 129 GLU A OE1 1 
ATOM   735  O OE2 . GLU A 1 117 ? 11.347  -4.750  5.415   1.00 85.50 ? 129 GLU A OE2 1 
ATOM   736  N N   . ASN A 1 118 ? 9.821   -3.038  -0.361  1.00 29.54 ? 130 ASN A N   1 
ATOM   737  C CA  . ASN A 1 118 ? 10.033  -2.841  -1.791  1.00 29.51 ? 130 ASN A CA  1 
ATOM   738  C C   . ASN A 1 118 ? 10.766  -1.503  -1.836  1.00 35.57 ? 130 ASN A C   1 
ATOM   739  O O   . ASN A 1 118 ? 11.245  -1.041  -0.804  1.00 29.06 ? 130 ASN A O   1 
ATOM   740  C CB  . ASN A 1 118 ? 8.696   -2.751  -2.533  1.00 29.30 ? 130 ASN A CB  1 
ATOM   741  C CG  . ASN A 1 118 ? 8.028   -4.105  -2.697  1.00 32.70 ? 130 ASN A CG  1 
ATOM   742  O OD1 . ASN A 1 118 ? 8.523   -4.967  -3.421  1.00 27.76 ? 130 ASN A OD1 1 
ATOM   743  N ND2 . ASN A 1 118 ? 6.905   -4.299  -2.019  1.00 30.50 ? 130 ASN A ND2 1 
ATOM   744  N N   . LYS A 1 119 ? 10.870  -0.887  -3.007  1.00 30.15 ? 131 LYS A N   1 
ATOM   745  C CA  . LYS A 1 119 ? 11.531  0.410   -3.102  1.00 37.74 ? 131 LYS A CA  1 
ATOM   746  C C   . LYS A 1 119 ? 10.652  1.357   -3.899  1.00 40.18 ? 131 LYS A C   1 
ATOM   747  O O   . LYS A 1 119 ? 11.077  1.952   -4.890  1.00 40.14 ? 131 LYS A O   1 
ATOM   748  C CB  . LYS A 1 119 ? 12.904  0.266   -3.754  1.00 47.15 ? 131 LYS A CB  1 
ATOM   749  C CG  . LYS A 1 119 ? 13.900  -0.480  -2.882  1.00 60.99 ? 131 LYS A CG  1 
ATOM   750  C CD  . LYS A 1 119 ? 15.287  -0.524  -3.504  1.00 61.52 ? 131 LYS A CD  1 
ATOM   751  C CE  . LYS A 1 119 ? 16.263  -1.240  -2.584  1.00 60.32 ? 131 LYS A CE  1 
ATOM   752  N NZ  . LYS A 1 119 ? 17.638  -1.306  -3.158  1.00 72.32 ? 131 LYS A NZ  1 
ATOM   753  N N   . ILE A 1 120 ? 9.415   1.497   -3.436  1.00 34.63 ? 132 ILE A N   1 
ATOM   754  C CA  . ILE A 1 120 ? 8.422   2.341   -4.090  1.00 43.65 ? 132 ILE A CA  1 
ATOM   755  C C   . ILE A 1 120 ? 8.361   3.746   -3.491  1.00 41.46 ? 132 ILE A C   1 
ATOM   756  O O   . ILE A 1 120 ? 8.100   3.902   -2.299  1.00 35.75 ? 132 ILE A O   1 
ATOM   757  C CB  . ILE A 1 120 ? 7.030   1.674   -3.994  1.00 41.83 ? 132 ILE A CB  1 
ATOM   758  C CG1 . ILE A 1 120 ? 7.098   0.278   -4.620  1.00 30.36 ? 132 ILE A CG1 1 
ATOM   759  C CG2 . ILE A 1 120 ? 5.980   2.525   -4.702  1.00 40.16 ? 132 ILE A CG2 1 
ATOM   760  C CD1 . ILE A 1 120 ? 5.882   -0.576  -4.353  1.00 35.03 ? 132 ILE A CD1 1 
ATOM   761  N N   . LYS A 1 121 ? 8.599   4.760   -4.323  1.00 36.36 ? 133 LYS A N   1 
ATOM   762  C CA  . LYS A 1 121 ? 8.568   6.155   -3.878  1.00 34.97 ? 133 LYS A CA  1 
ATOM   763  C C   . LYS A 1 121 ? 7.578   7.024   -4.657  1.00 34.04 ? 133 LYS A C   1 
ATOM   764  O O   . LYS A 1 121 ? 7.116   8.046   -4.152  1.00 38.92 ? 133 LYS A O   1 
ATOM   765  C CB  . LYS A 1 121 ? 9.962   6.780   -3.975  1.00 37.18 ? 133 LYS A CB  1 
ATOM   766  C CG  . LYS A 1 121 ? 10.993  6.198   -3.028  1.00 47.97 ? 133 LYS A CG  1 
ATOM   767  C CD  . LYS A 1 121 ? 12.338  6.876   -3.223  1.00 57.05 ? 133 LYS A CD  1 
ATOM   768  C CE  . LYS A 1 121 ? 13.429  6.198   -2.419  1.00 65.23 ? 133 LYS A CE  1 
ATOM   769  N NZ  . LYS A 1 121 ? 14.765  6.784   -2.725  1.00 72.67 ? 133 LYS A NZ  1 
ATOM   770  N N   . ASP A 1 122 ? 7.269   6.634   -5.890  1.00 38.68 ? 134 ASP A N   1 
ATOM   771  C CA  . ASP A 1 122 ? 6.327   7.393   -6.717  1.00 31.68 ? 134 ASP A CA  1 
ATOM   772  C C   . ASP A 1 122 ? 4.919   6.936   -6.354  1.00 28.09 ? 134 ASP A C   1 
ATOM   773  O O   . ASP A 1 122 ? 4.459   5.888   -6.801  1.00 37.59 ? 134 ASP A O   1 
ATOM   774  C CB  . ASP A 1 122 ? 6.589   7.125   -8.203  1.00 45.87 ? 134 ASP A CB  1 
ATOM   775  C CG  . ASP A 1 122 ? 5.865   8.106   -9.116  1.00 57.37 ? 134 ASP A CG  1 
ATOM   776  O OD1 . ASP A 1 122 ? 4.798   8.627   -8.722  1.00 50.41 ? 134 ASP A OD1 1 
ATOM   777  O OD2 . ASP A 1 122 ? 6.359   8.344   -10.239 1.00 62.43 ? 134 ASP A OD2 1 
ATOM   778  N N   . LEU A 1 123 ? 4.229   7.722   -5.542  1.00 33.46 ? 135 LEU A N   1 
ATOM   779  C CA  . LEU A 1 123 ? 2.892   7.343   -5.123  1.00 36.45 ? 135 LEU A CA  1 
ATOM   780  C C   . LEU A 1 123 ? 1.794   7.989   -5.947  1.00 31.76 ? 135 LEU A C   1 
ATOM   781  O O   . LEU A 1 123 ? 0.633   7.968   -5.549  1.00 37.94 ? 135 LEU A O   1 
ATOM   782  C CB  . LEU A 1 123 ? 2.701   7.686   -3.644  1.00 33.01 ? 135 LEU A CB  1 
ATOM   783  C CG  . LEU A 1 123 ? 3.803   7.174   -2.710  1.00 32.72 ? 135 LEU A CG  1 
ATOM   784  C CD1 . LEU A 1 123 ? 3.417   7.467   -1.264  1.00 45.81 ? 135 LEU A CD1 1 
ATOM   785  C CD2 . LEU A 1 123 ? 4.011   5.684   -2.914  1.00 39.87 ? 135 LEU A CD2 1 
ATOM   786  N N   . SER A 1 124 ? 2.150   8.553   -7.098  1.00 29.23 ? 136 SER A N   1 
ATOM   787  C CA  . SER A 1 124 ? 1.149   9.202   -7.941  1.00 42.92 ? 136 SER A CA  1 
ATOM   788  C C   . SER A 1 124 ? 0.169   8.182   -8.506  1.00 34.50 ? 136 SER A C   1 
ATOM   789  O O   . SER A 1 124 ? -0.972  8.511   -8.822  1.00 38.88 ? 136 SER A O   1 
ATOM   790  C CB  . SER A 1 124 ? 1.824   9.964   -9.086  1.00 41.13 ? 136 SER A CB  1 
ATOM   791  O OG  . SER A 1 124 ? 2.609   9.097   -9.883  1.00 36.46 ? 136 SER A OG  1 
ATOM   792  N N   . SER A 1 125 ? 0.614   6.938   -8.615  1.00 35.72 ? 137 SER A N   1 
ATOM   793  C CA  . SER A 1 125 ? -0.233  5.885   -9.150  1.00 43.48 ? 137 SER A CA  1 
ATOM   794  C C   . SER A 1 125 ? -1.373  5.481   -8.213  1.00 41.40 ? 137 SER A C   1 
ATOM   795  O O   . SER A 1 125 ? -2.217  4.664   -8.577  1.00 36.53 ? 137 SER A O   1 
ATOM   796  C CB  . SER A 1 125 ? 0.621   4.666   -9.502  1.00 53.04 ? 137 SER A CB  1 
ATOM   797  O OG  . SER A 1 125 ? 1.496   4.337   -8.440  1.00 68.15 ? 137 SER A OG  1 
ATOM   798  N N   . LEU A 1 126 ? -1.406  6.059   -7.015  1.00 29.24 ? 138 LEU A N   1 
ATOM   799  C CA  . LEU A 1 126 ? -2.458  5.745   -6.051  1.00 36.99 ? 138 LEU A CA  1 
ATOM   800  C C   . LEU A 1 126 ? -3.594  6.770   -6.086  1.00 39.11 ? 138 LEU A C   1 
ATOM   801  O O   . LEU A 1 126 ? -4.683  6.522   -5.562  1.00 33.81 ? 138 LEU A O   1 
ATOM   802  C CB  . LEU A 1 126 ? -1.881  5.715   -4.631  1.00 38.59 ? 138 LEU A CB  1 
ATOM   803  C CG  . LEU A 1 126 ? -0.640  4.867   -4.325  1.00 45.54 ? 138 LEU A CG  1 
ATOM   804  C CD1 . LEU A 1 126 ? -0.234  5.095   -2.869  1.00 42.37 ? 138 LEU A CD1 1 
ATOM   805  C CD2 . LEU A 1 126 ? -0.921  3.391   -4.569  1.00 36.48 ? 138 LEU A CD2 1 
ATOM   806  N N   . LYS A 1 127 ? -3.342  7.909   -6.723  1.00 41.84 ? 139 LYS A N   1 
ATOM   807  C CA  . LYS A 1 127 ? -4.316  9.000   -6.767  1.00 38.55 ? 139 LYS A CA  1 
ATOM   808  C C   . LYS A 1 127 ? -5.763  8.684   -7.116  1.00 33.82 ? 139 LYS A C   1 
ATOM   809  O O   . LYS A 1 127 ? -6.663  9.391   -6.669  1.00 36.06 ? 139 LYS A O   1 
ATOM   810  C CB  . LYS A 1 127 ? -3.818  10.121  -7.683  1.00 42.58 ? 139 LYS A CB  1 
ATOM   811  C CG  . LYS A 1 127 ? -3.865  9.813   -9.165  1.00 60.44 ? 139 LYS A CG  1 
ATOM   812  C CD  . LYS A 1 127 ? -3.495  11.051  -9.972  1.00 74.24 ? 139 LYS A CD  1 
ATOM   813  C CE  . LYS A 1 127 ? -4.423  12.219  -9.645  1.00 76.90 ? 139 LYS A CE  1 
ATOM   814  N NZ  . LYS A 1 127 ? -4.017  13.480  -10.325 1.00 81.85 ? 139 LYS A NZ  1 
ATOM   815  N N   . ASP A 1 128 ? -6.007  7.641   -7.902  1.00 31.43 ? 140 ASP A N   1 
ATOM   816  C CA  . ASP A 1 128 ? -7.381  7.323   -8.265  1.00 33.13 ? 140 ASP A CA  1 
ATOM   817  C C   . ASP A 1 128 ? -7.973  6.113   -7.551  1.00 41.76 ? 140 ASP A C   1 
ATOM   818  O O   . ASP A 1 128 ? -9.109  5.726   -7.820  1.00 36.14 ? 140 ASP A O   1 
ATOM   819  C CB  . ASP A 1 128 ? -7.497  7.138   -9.778  1.00 41.45 ? 140 ASP A CB  1 
ATOM   820  C CG  . ASP A 1 128 ? -7.192  8.413   -10.540 1.00 57.33 ? 140 ASP A CG  1 
ATOM   821  O OD1 . ASP A 1 128 ? -7.842  9.443   -10.250 1.00 42.07 ? 140 ASP A OD1 1 
ATOM   822  O OD2 . ASP A 1 128 ? -6.300  8.389   -11.420 1.00 49.52 ? 140 ASP A OD2 1 
ATOM   823  N N   . LEU A 1 129 ? -7.210  5.528   -6.631  1.00 39.49 ? 141 LEU A N   1 
ATOM   824  C CA  . LEU A 1 129 ? -7.679  4.361   -5.886  1.00 33.09 ? 141 LEU A CA  1 
ATOM   825  C C   . LEU A 1 129 ? -8.611  4.829   -4.772  1.00 33.85 ? 141 LEU A C   1 
ATOM   826  O O   . LEU A 1 129 ? -8.292  4.726   -3.585  1.00 33.49 ? 141 LEU A O   1 
ATOM   827  C CB  . LEU A 1 129 ? -6.478  3.600   -5.310  1.00 36.82 ? 141 LEU A CB  1 
ATOM   828  C CG  . LEU A 1 129 ? -5.432  3.168   -6.343  1.00 32.93 ? 141 LEU A CG  1 
ATOM   829  C CD1 . LEU A 1 129 ? -4.349  2.335   -5.666  1.00 34.36 ? 141 LEU A CD1 1 
ATOM   830  C CD2 . LEU A 1 129 ? -6.099  2.353   -7.447  1.00 35.98 ? 141 LEU A CD2 1 
ATOM   831  N N   . LYS A 1 130 ? -9.782  5.316   -5.170  1.00 29.83 ? 142 LYS A N   1 
ATOM   832  C CA  . LYS A 1 130 ? -10.748 5.865   -4.225  1.00 36.15 ? 142 LYS A CA  1 
ATOM   833  C C   . LYS A 1 130 ? -11.470 4.892   -3.303  1.00 35.38 ? 142 LYS A C   1 
ATOM   834  O O   . LYS A 1 130 ? -12.252 5.321   -2.453  1.00 37.43 ? 142 LYS A O   1 
ATOM   835  C CB  . LYS A 1 130 ? -11.773 6.715   -4.984  1.00 41.80 ? 142 LYS A CB  1 
ATOM   836  C CG  . LYS A 1 130 ? -11.149 7.831   -5.817  1.00 32.33 ? 142 LYS A CG  1 
ATOM   837  C CD  . LYS A 1 130 ? -10.316 8.781   -4.964  1.00 39.90 ? 142 LYS A CD  1 
ATOM   838  C CE  . LYS A 1 130 ? -9.734  9.910   -5.810  1.00 48.25 ? 142 LYS A CE  1 
ATOM   839  N NZ  . LYS A 1 130 ? -8.927  10.868  -5.005  1.00 40.06 ? 142 LYS A NZ  1 
ATOM   840  N N   . LYS A 1 131 ? -11.227 3.593   -3.463  1.00 33.06 ? 143 LYS A N   1 
ATOM   841  C CA  . LYS A 1 131 ? -11.864 2.601   -2.598  1.00 30.58 ? 143 LYS A CA  1 
ATOM   842  C C   . LYS A 1 131 ? -10.828 1.984   -1.654  1.00 30.43 ? 143 LYS A C   1 
ATOM   843  O O   . LYS A 1 131 ? -11.158 1.163   -0.800  1.00 28.51 ? 143 LYS A O   1 
ATOM   844  C CB  . LYS A 1 131 ? -12.527 1.500   -3.435  1.00 32.79 ? 143 LYS A CB  1 
ATOM   845  C CG  . LYS A 1 131 ? -13.743 1.966   -4.226  1.00 46.95 ? 143 LYS A CG  1 
ATOM   846  C CD  . LYS A 1 131 ? -14.335 0.841   -5.070  1.00 42.40 ? 143 LYS A CD  1 
ATOM   847  C CE  . LYS A 1 131 ? -14.838 -0.302  -4.210  1.00 58.61 ? 143 LYS A CE  1 
ATOM   848  N NZ  . LYS A 1 131 ? -15.420 -1.396  -5.038  1.00 71.81 ? 143 LYS A NZ  1 
ATOM   849  N N   . LEU A 1 132 ? -9.577  2.392   -1.820  1.00 28.35 ? 144 LEU A N   1 
ATOM   850  C CA  . LEU A 1 132 ? -8.485  1.893   -0.993  1.00 26.92 ? 144 LEU A CA  1 
ATOM   851  C C   . LEU A 1 132 ? -8.731  2.256   0.471   1.00 30.21 ? 144 LEU A C   1 
ATOM   852  O O   . LEU A 1 132 ? -8.840  3.435   0.814   1.00 40.99 ? 144 LEU A O   1 
ATOM   853  C CB  . LEU A 1 132 ? -7.175  2.511   -1.464  1.00 28.11 ? 144 LEU A CB  1 
ATOM   854  C CG  . LEU A 1 132 ? -5.896  1.913   -0.874  1.00 28.04 ? 144 LEU A CG  1 
ATOM   855  C CD1 . LEU A 1 132 ? -5.845  0.411   -1.184  1.00 26.24 ? 144 LEU A CD1 1 
ATOM   856  C CD2 . LEU A 1 132 ? -4.691  2.616   -1.467  1.00 24.85 ? 144 LEU A CD2 1 
ATOM   857  N N   . LYS A 1 133 ? -8.822  1.248   1.331   1.00 28.66 ? 145 LYS A N   1 
ATOM   858  C CA  . LYS A 1 133 ? -9.069  1.483   2.756   1.00 33.23 ? 145 LYS A CA  1 
ATOM   859  C C   . LYS A 1 133 ? -7.847  1.211   3.627   1.00 34.99 ? 145 LYS A C   1 
ATOM   860  O O   . LYS A 1 133 ? -7.682  1.814   4.693   1.00 31.10 ? 145 LYS A O   1 
ATOM   861  C CB  . LYS A 1 133 ? -10.225 0.608   3.248   1.00 28.85 ? 145 LYS A CB  1 
ATOM   862  C CG  . LYS A 1 133 ? -11.555 0.870   2.555   1.00 46.30 ? 145 LYS A CG  1 
ATOM   863  C CD  . LYS A 1 133 ? -12.026 2.297   2.785   1.00 62.27 ? 145 LYS A CD  1 
ATOM   864  C CE  . LYS A 1 133 ? -13.368 2.555   2.112   1.00 70.44 ? 145 LYS A CE  1 
ATOM   865  N NZ  . LYS A 1 133 ? -14.444 1.681   2.657   1.00 72.61 ? 145 LYS A NZ  1 
ATOM   866  N N   . SER A 1 134 ? -7.000  0.290   3.185   1.00 28.67 ? 146 SER A N   1 
ATOM   867  C CA  . SER A 1 134 ? -5.804  -0.059  3.940   1.00 29.49 ? 146 SER A CA  1 
ATOM   868  C C   . SER A 1 134 ? -4.591  -0.065  3.024   1.00 24.21 ? 146 SER A C   1 
ATOM   869  O O   . SER A 1 134 ? -4.581  -0.749  2.000   1.00 27.56 ? 146 SER A O   1 
ATOM   870  C CB  . SER A 1 134 ? -5.978  -1.430  4.590   1.00 32.87 ? 146 SER A CB  1 
ATOM   871  O OG  . SER A 1 134 ? -4.843  -1.766  5.370   1.00 39.37 ? 146 SER A OG  1 
ATOM   872  N N   . LEU A 1 135 ? -3.571  0.698   3.407   1.00 24.18 ? 147 LEU A N   1 
ATOM   873  C CA  . LEU A 1 135 ? -2.343  0.823   2.627   1.00 30.05 ? 147 LEU A CA  1 
ATOM   874  C C   . LEU A 1 135 ? -1.124  0.595   3.509   1.00 29.67 ? 147 LEU A C   1 
ATOM   875  O O   . LEU A 1 135 ? -1.019  1.165   4.595   1.00 29.97 ? 147 LEU A O   1 
ATOM   876  C CB  . LEU A 1 135 ? -2.259  2.224   2.019   1.00 28.69 ? 147 LEU A CB  1 
ATOM   877  C CG  . LEU A 1 135 ? -0.957  2.639   1.329   1.00 27.67 ? 147 LEU A CG  1 
ATOM   878  C CD1 . LEU A 1 135 ? -0.747  1.801   0.077   1.00 30.53 ? 147 LEU A CD1 1 
ATOM   879  C CD2 . LEU A 1 135 ? -1.031  4.119   0.973   1.00 26.60 ? 147 LEU A CD2 1 
ATOM   880  N N   . SER A 1 136 ? -0.200  -0.231  3.039   1.00 25.07 ? 148 SER A N   1 
ATOM   881  C CA  . SER A 1 136 ? 1.008   -0.512  3.805   1.00 25.12 ? 148 SER A CA  1 
ATOM   882  C C   . SER A 1 136 ? 2.238   -0.312  2.926   1.00 31.62 ? 148 SER A C   1 
ATOM   883  O O   . SER A 1 136 ? 2.383   -0.971  1.894   1.00 31.15 ? 148 SER A O   1 
ATOM   884  C CB  . SER A 1 136 ? 0.959   -1.946  4.337   1.00 30.03 ? 148 SER A CB  1 
ATOM   885  O OG  . SER A 1 136 ? 1.923   -2.148  5.352   1.00 44.34 ? 148 SER A OG  1 
ATOM   886  N N   . LEU A 1 137 ? 3.110   0.609   3.331   1.00 24.96 ? 149 LEU A N   1 
ATOM   887  C CA  . LEU A 1 137 ? 4.328   0.908   2.583   1.00 27.21 ? 149 LEU A CA  1 
ATOM   888  C C   . LEU A 1 137 ? 5.538   0.995   3.504   1.00 32.34 ? 149 LEU A C   1 
ATOM   889  O O   . LEU A 1 137 ? 6.364   1.897   3.374   1.00 33.74 ? 149 LEU A O   1 
ATOM   890  C CB  . LEU A 1 137 ? 4.179   2.230   1.828   1.00 32.23 ? 149 LEU A CB  1 
ATOM   891  C CG  . LEU A 1 137 ? 3.487   2.205   0.463   1.00 35.01 ? 149 LEU A CG  1 
ATOM   892  C CD1 . LEU A 1 137 ? 3.196   3.634   0.004   1.00 26.84 ? 149 LEU A CD1 1 
ATOM   893  C CD2 . LEU A 1 137 ? 4.388   1.490   -0.541  1.00 28.81 ? 149 LEU A CD2 1 
ATOM   894  N N   . GLU A 1 138 ? 5.646   0.054   4.434   1.00 33.46 ? 150 GLU A N   1 
ATOM   895  C CA  . GLU A 1 138 ? 6.765   0.050   5.367   1.00 24.30 ? 150 GLU A CA  1 
ATOM   896  C C   . GLU A 1 138 ? 8.058   -0.408  4.686   1.00 25.75 ? 150 GLU A C   1 
ATOM   897  O O   . GLU A 1 138 ? 8.032   -1.204  3.746   1.00 28.01 ? 150 GLU A O   1 
ATOM   898  C CB  . GLU A 1 138 ? 6.441   -0.861  6.556   1.00 30.11 ? 150 GLU A CB  1 
ATOM   899  C CG  . GLU A 1 138 ? 5.057   -0.597  7.146   1.00 25.98 ? 150 GLU A CG  1 
ATOM   900  C CD  . GLU A 1 138 ? 4.943   -0.960  8.617   1.00 42.86 ? 150 GLU A CD  1 
ATOM   901  O OE1 . GLU A 1 138 ? 5.255   -2.115  8.970   1.00 39.10 ? 150 GLU A OE1 1 
ATOM   902  O OE2 . GLU A 1 138 ? 4.531   -0.083  9.416   1.00 40.63 ? 150 GLU A OE2 1 
ATOM   903  N N   . HIS A 1 139 ? 9.193   0.114   5.147   1.00 28.49 ? 151 HIS A N   1 
ATOM   904  C CA  . HIS A 1 139 ? 10.488  -0.283  4.592   1.00 29.92 ? 151 HIS A CA  1 
ATOM   905  C C   . HIS A 1 139 ? 10.624  -0.058  3.084   1.00 24.56 ? 151 HIS A C   1 
ATOM   906  O O   . HIS A 1 139 ? 11.031  -0.963  2.356   1.00 30.25 ? 151 HIS A O   1 
ATOM   907  C CB  . HIS A 1 139 ? 10.745  -1.764  4.880   1.00 30.56 ? 151 HIS A CB  1 
ATOM   908  C CG  . HIS A 1 139 ? 10.980  -2.077  6.325   1.00 51.83 ? 151 HIS A CG  1 
ATOM   909  N ND1 . HIS A 1 139 ? 12.184  -1.842  6.953   1.00 64.98 ? 151 HIS A ND1 1 
ATOM   910  C CD2 . HIS A 1 139 ? 10.178  -2.650  7.256   1.00 53.64 ? 151 HIS A CD2 1 
ATOM   911  C CE1 . HIS A 1 139 ? 12.117  -2.262  8.204   1.00 57.36 ? 151 HIS A CE1 1 
ATOM   912  N NE2 . HIS A 1 139 ? 10.909  -2.757  8.414   1.00 55.68 ? 151 HIS A NE2 1 
ATOM   913  N N   . ASN A 1 140 ? 10.294  1.139   2.616   1.00 31.32 ? 152 ASN A N   1 
ATOM   914  C CA  . ASN A 1 140 ? 10.404  1.453   1.190   1.00 35.49 ? 152 ASN A CA  1 
ATOM   915  C C   . ASN A 1 140 ? 11.318  2.651   0.947   1.00 38.44 ? 152 ASN A C   1 
ATOM   916  O O   . ASN A 1 140 ? 11.436  3.125   -0.184  1.00 36.66 ? 152 ASN A O   1 
ATOM   917  C CB  . ASN A 1 140 ? 9.016   1.738   0.605   1.00 28.95 ? 152 ASN A CB  1 
ATOM   918  C CG  . ASN A 1 140 ? 8.336   0.487   0.080   1.00 47.96 ? 152 ASN A CG  1 
ATOM   919  O OD1 . ASN A 1 140 ? 8.425   0.173   -1.109  1.00 28.74 ? 152 ASN A OD1 1 
ATOM   920  N ND2 . ASN A 1 140 ? 7.666   -0.244  0.969   1.00 28.57 ? 152 ASN A ND2 1 
ATOM   921  N N   . GLY A 1 141 ? 11.958  3.135   2.010   1.00 38.41 ? 153 GLY A N   1 
ATOM   922  C CA  . GLY A 1 141 ? 12.851  4.279   1.894   1.00 42.82 ? 153 GLY A CA  1 
ATOM   923  C C   . GLY A 1 141 ? 12.124  5.563   1.534   1.00 42.08 ? 153 GLY A C   1 
ATOM   924  O O   . GLY A 1 141 ? 12.711  6.496   0.988   1.00 37.41 ? 153 GLY A O   1 
ATOM   925  N N   . ILE A 1 142 ? 10.839  5.619   1.860   1.00 38.58 ? 154 ILE A N   1 
ATOM   926  C CA  . ILE A 1 142 ? 10.019  6.782   1.548   1.00 36.17 ? 154 ILE A CA  1 
ATOM   927  C C   . ILE A 1 142 ? 10.250  7.969   2.472   1.00 41.25 ? 154 ILE A C   1 
ATOM   928  O O   . ILE A 1 142 ? 10.468  7.806   3.669   1.00 34.13 ? 154 ILE A O   1 
ATOM   929  C CB  . ILE A 1 142 ? 8.521   6.428   1.616   1.00 42.53 ? 154 ILE A CB  1 
ATOM   930  C CG1 . ILE A 1 142 ? 8.183   5.385   0.549   1.00 36.13 ? 154 ILE A CG1 1 
ATOM   931  C CG2 . ILE A 1 142 ? 7.678   7.688   1.445   1.00 42.04 ? 154 ILE A CG2 1 
ATOM   932  C CD1 . ILE A 1 142 ? 6.752   4.864   0.643   1.00 33.37 ? 154 ILE A CD1 1 
ATOM   933  N N   . SER A 1 143 ? 10.190  9.166   1.901   1.00 31.84 ? 155 SER A N   1 
ATOM   934  C CA  . SER A 1 143 ? 10.346  10.387  2.676   1.00 35.86 ? 155 SER A CA  1 
ATOM   935  C C   . SER A 1 143 ? 9.183   11.317  2.352   1.00 37.28 ? 155 SER A C   1 
ATOM   936  O O   . SER A 1 143 ? 8.626   11.963  3.239   1.00 42.37 ? 155 SER A O   1 
ATOM   937  C CB  . SER A 1 143 ? 11.682  11.068  2.356   1.00 43.72 ? 155 SER A CB  1 
ATOM   938  O OG  . SER A 1 143 ? 11.811  11.331  0.971   1.00 49.15 ? 155 SER A OG  1 
ATOM   939  N N   . ASP A 1 144 ? 8.800   11.360  1.078   1.00 38.60 ? 156 ASP A N   1 
ATOM   940  C CA  . ASP A 1 144 ? 7.706   12.219  0.647   1.00 31.30 ? 156 ASP A CA  1 
ATOM   941  C C   . ASP A 1 144 ? 6.387   11.463  0.507   1.00 38.80 ? 156 ASP A C   1 
ATOM   942  O O   . ASP A 1 144 ? 6.233   10.622  -0.378  1.00 35.44 ? 156 ASP A O   1 
ATOM   943  C CB  . ASP A 1 144 ? 8.066   12.893  -0.681  1.00 41.10 ? 156 ASP A CB  1 
ATOM   944  C CG  . ASP A 1 144 ? 6.932   13.740  -1.232  1.00 48.45 ? 156 ASP A CG  1 
ATOM   945  O OD1 . ASP A 1 144 ? 6.042   14.134  -0.449  1.00 45.68 ? 156 ASP A OD1 1 
ATOM   946  O OD2 . ASP A 1 144 ? 6.935   14.021  -2.448  1.00 61.63 ? 156 ASP A OD2 1 
ATOM   947  N N   . ILE A 1 145 ? 5.434   11.775  1.383   1.00 31.24 ? 157 ILE A N   1 
ATOM   948  C CA  . ILE A 1 145 ? 4.130   11.127  1.356   1.00 30.20 ? 157 ILE A CA  1 
ATOM   949  C C   . ILE A 1 145 ? 3.012   12.089  0.956   1.00 40.31 ? 157 ILE A C   1 
ATOM   950  O O   . ILE A 1 145 ? 1.845   11.852  1.254   1.00 32.04 ? 157 ILE A O   1 
ATOM   951  C CB  . ILE A 1 145 ? 3.783   10.516  2.733   1.00 36.73 ? 157 ILE A CB  1 
ATOM   952  C CG1 . ILE A 1 145 ? 3.804   11.601  3.810   1.00 36.29 ? 157 ILE A CG1 1 
ATOM   953  C CG2 . ILE A 1 145 ? 4.771   9.406   3.079   1.00 29.33 ? 157 ILE A CG2 1 
ATOM   954  C CD1 . ILE A 1 145 ? 3.366   11.107  5.176   1.00 34.37 ? 157 ILE A CD1 1 
ATOM   955  N N   . ASN A 1 146 ? 3.365   13.173  0.272   1.00 32.72 ? 158 ASN A N   1 
ATOM   956  C CA  . ASN A 1 146 ? 2.366   14.152  -0.139  1.00 45.82 ? 158 ASN A CA  1 
ATOM   957  C C   . ASN A 1 146 ? 1.346   13.576  -1.110  1.00 33.69 ? 158 ASN A C   1 
ATOM   958  O O   . ASN A 1 146 ? 0.214   14.058  -1.190  1.00 38.62 ? 158 ASN A O   1 
ATOM   959  C CB  . ASN A 1 146 ? 3.047   15.385  -0.742  1.00 45.19 ? 158 ASN A CB  1 
ATOM   960  C CG  . ASN A 1 146 ? 3.767   16.214  0.307   1.00 49.42 ? 158 ASN A CG  1 
ATOM   961  O OD1 . ASN A 1 146 ? 3.205   16.523  1.363   1.00 41.99 ? 158 ASN A OD1 1 
ATOM   962  N ND2 . ASN A 1 146 ? 5.013   16.580  0.025   1.00 54.68 ? 158 ASN A ND2 1 
ATOM   963  N N   . GLY A 1 147 ? 1.740   12.533  -1.829  1.00 37.51 ? 159 GLY A N   1 
ATOM   964  C CA  . GLY A 1 147 ? 0.828   11.907  -2.769  1.00 41.40 ? 159 GLY A CA  1 
ATOM   965  C C   . GLY A 1 147 ? -0.371  11.275  -2.081  1.00 42.62 ? 159 GLY A C   1 
ATOM   966  O O   . GLY A 1 147 ? -1.382  10.989  -2.721  1.00 38.53 ? 159 GLY A O   1 
ATOM   967  N N   . LEU A 1 148 ? -0.272  11.066  -0.771  1.00 31.85 ? 160 LEU A N   1 
ATOM   968  C CA  . LEU A 1 148 ? -1.365  10.460  -0.022  1.00 33.39 ? 160 LEU A CA  1 
ATOM   969  C C   . LEU A 1 148 ? -2.598  11.343  0.109   1.00 35.13 ? 160 LEU A C   1 
ATOM   970  O O   . LEU A 1 148 ? -3.675  10.862  0.462   1.00 39.33 ? 160 LEU A O   1 
ATOM   971  C CB  . LEU A 1 148 ? -0.886  10.043  1.372   1.00 31.50 ? 160 LEU A CB  1 
ATOM   972  C CG  . LEU A 1 148 ? 0.183   8.949   1.402   1.00 32.64 ? 160 LEU A CG  1 
ATOM   973  C CD1 . LEU A 1 148 ? 0.403   8.506   2.839   1.00 35.68 ? 160 LEU A CD1 1 
ATOM   974  C CD2 . LEU A 1 148 ? -0.259  7.765   0.557   1.00 34.20 ? 160 LEU A CD2 1 
ATOM   975  N N   . VAL A 1 149 ? -2.457  12.632  -0.179  1.00 33.77 ? 161 VAL A N   1 
ATOM   976  C CA  . VAL A 1 149 ? -3.595  13.532  -0.068  1.00 32.13 ? 161 VAL A CA  1 
ATOM   977  C C   . VAL A 1 149 ? -4.782  13.048  -0.912  1.00 37.77 ? 161 VAL A C   1 
ATOM   978  O O   . VAL A 1 149 ? -5.936  13.370  -0.620  1.00 29.44 ? 161 VAL A O   1 
ATOM   979  C CB  . VAL A 1 149 ? -3.216  14.977  -0.492  1.00 43.18 ? 161 VAL A CB  1 
ATOM   980  C CG1 . VAL A 1 149 ? -3.076  15.060  -2.005  1.00 32.87 ? 161 VAL A CG1 1 
ATOM   981  C CG2 . VAL A 1 149 ? -4.269  15.964  0.015   1.00 45.71 ? 161 VAL A CG2 1 
ATOM   982  N N   . HIS A 1 150 ? -4.501  12.248  -1.937  1.00 34.33 ? 162 HIS A N   1 
ATOM   983  C CA  . HIS A 1 150 ? -5.551  11.740  -2.813  1.00 36.46 ? 162 HIS A CA  1 
ATOM   984  C C   . HIS A 1 150 ? -6.343  10.554  -2.268  1.00 39.91 ? 162 HIS A C   1 
ATOM   985  O O   . HIS A 1 150 ? -7.250  10.053  -2.935  1.00 41.08 ? 162 HIS A O   1 
ATOM   986  C CB  . HIS A 1 150 ? -4.949  11.380  -4.167  1.00 34.86 ? 162 HIS A CB  1 
ATOM   987  C CG  . HIS A 1 150 ? -4.355  12.549  -4.883  1.00 39.03 ? 162 HIS A CG  1 
ATOM   988  N ND1 . HIS A 1 150 ? -5.121  13.587  -5.371  1.00 47.73 ? 162 HIS A ND1 1 
ATOM   989  C CD2 . HIS A 1 150 ? -3.069  12.866  -5.164  1.00 45.61 ? 162 HIS A CD2 1 
ATOM   990  C CE1 . HIS A 1 150 ? -4.333  14.492  -5.921  1.00 42.25 ? 162 HIS A CE1 1 
ATOM   991  N NE2 . HIS A 1 150 ? -3.082  14.080  -5.808  1.00 37.07 ? 162 HIS A NE2 1 
ATOM   992  N N   . LEU A 1 151 ? -6.018  10.113  -1.057  1.00 38.20 ? 163 LEU A N   1 
ATOM   993  C CA  . LEU A 1 151 ? -6.720  8.986   -0.449  1.00 35.91 ? 163 LEU A CA  1 
ATOM   994  C C   . LEU A 1 151 ? -7.347  9.411   0.872   1.00 47.25 ? 163 LEU A C   1 
ATOM   995  O O   . LEU A 1 151 ? -7.004  8.885   1.928   1.00 48.33 ? 163 LEU A O   1 
ATOM   996  C CB  . LEU A 1 151 ? -5.748  7.834   -0.195  1.00 29.16 ? 163 LEU A CB  1 
ATOM   997  C CG  . LEU A 1 151 ? -4.957  7.326   -1.401  1.00 41.16 ? 163 LEU A CG  1 
ATOM   998  C CD1 . LEU A 1 151 ? -3.863  6.377   -0.929  1.00 39.60 ? 163 LEU A CD1 1 
ATOM   999  C CD2 . LEU A 1 151 ? -5.898  6.635   -2.376  1.00 35.66 ? 163 LEU A CD2 1 
ATOM   1000 N N   . PRO A 1 152 ? -8.287  10.363  0.823   1.00 46.18 ? 164 PRO A N   1 
ATOM   1001 C CA  . PRO A 1 152 ? -8.952  10.854  2.031   1.00 39.51 ? 164 PRO A CA  1 
ATOM   1002 C C   . PRO A 1 152 ? -9.826  9.822   2.733   1.00 40.66 ? 164 PRO A C   1 
ATOM   1003 O O   . PRO A 1 152 ? -10.240 10.032  3.872   1.00 32.83 ? 164 PRO A O   1 
ATOM   1004 C CB  . PRO A 1 152 ? -9.764  12.037  1.511   1.00 49.13 ? 164 PRO A CB  1 
ATOM   1005 C CG  . PRO A 1 152 ? -10.163 11.566  0.144   1.00 43.38 ? 164 PRO A CG  1 
ATOM   1006 C CD  . PRO A 1 152 ? -8.861  10.993  -0.380  1.00 44.74 ? 164 PRO A CD  1 
ATOM   1007 N N   . GLN A 1 153 ? -10.101 8.706   2.063   1.00 37.09 ? 165 GLN A N   1 
ATOM   1008 C CA  . GLN A 1 153 ? -10.958 7.674   2.648   1.00 38.46 ? 165 GLN A CA  1 
ATOM   1009 C C   . GLN A 1 153 ? -10.190 6.579   3.400   1.00 33.36 ? 165 GLN A C   1 
ATOM   1010 O O   . GLN A 1 153 ? -10.790 5.683   3.986   1.00 32.51 ? 165 GLN A O   1 
ATOM   1011 C CB  . GLN A 1 153 ? -11.812 7.024   1.553   1.00 34.04 ? 165 GLN A CB  1 
ATOM   1012 C CG  . GLN A 1 153 ? -11.078 5.994   0.708   1.00 36.87 ? 165 GLN A CG  1 
ATOM   1013 C CD  . GLN A 1 153 ? -10.025 6.589   -0.211  1.00 40.24 ? 165 GLN A CD  1 
ATOM   1014 O OE1 . GLN A 1 153 ? -9.152  5.875   -0.698  1.00 36.56 ? 165 GLN A OE1 1 
ATOM   1015 N NE2 . GLN A 1 153 ? -10.109 7.891   -0.464  1.00 35.51 ? 165 GLN A NE2 1 
ATOM   1016 N N   . LEU A 1 154 ? -8.867  6.659   3.374   1.00 31.79 ? 166 LEU A N   1 
ATOM   1017 C CA  . LEU A 1 154 ? -8.013  5.666   4.015   1.00 28.49 ? 166 LEU A CA  1 
ATOM   1018 C C   . LEU A 1 154 ? -8.342  5.485   5.501   1.00 29.37 ? 166 LEU A C   1 
ATOM   1019 O O   . LEU A 1 154 ? -8.513  6.467   6.230   1.00 30.22 ? 166 LEU A O   1 
ATOM   1020 C CB  . LEU A 1 154 ? -6.554  6.083   3.835   1.00 34.04 ? 166 LEU A CB  1 
ATOM   1021 C CG  . LEU A 1 154 ? -5.499  4.981   3.842   1.00 41.14 ? 166 LEU A CG  1 
ATOM   1022 C CD1 . LEU A 1 154 ? -5.865  3.898   2.826   1.00 36.87 ? 166 LEU A CD1 1 
ATOM   1023 C CD2 . LEU A 1 154 ? -4.145  5.588   3.514   1.00 38.66 ? 166 LEU A CD2 1 
ATOM   1024 N N   . GLU A 1 155 ? -8.427  4.229   5.938   1.00 31.88 ? 167 GLU A N   1 
ATOM   1025 C CA  . GLU A 1 155 ? -8.742  3.901   7.328   1.00 27.64 ? 167 GLU A CA  1 
ATOM   1026 C C   . GLU A 1 155 ? -7.558  3.336   8.125   1.00 29.76 ? 167 GLU A C   1 
ATOM   1027 O O   . GLU A 1 155 ? -7.501  3.476   9.348   1.00 27.57 ? 167 GLU A O   1 
ATOM   1028 C CB  . GLU A 1 155 ? -9.916  2.926   7.376   1.00 27.46 ? 167 GLU A CB  1 
ATOM   1029 C CG  . GLU A 1 155 ? -11.255 3.579   7.075   1.00 37.63 ? 167 GLU A CG  1 
ATOM   1030 C CD  . GLU A 1 155 ? -12.311 2.574   6.663   1.00 46.73 ? 167 GLU A CD  1 
ATOM   1031 O OE1 . GLU A 1 155 ? -12.311 1.449   7.207   1.00 33.96 ? 167 GLU A OE1 1 
ATOM   1032 O OE2 . GLU A 1 155 ? -13.143 2.914   5.800   1.00 50.30 ? 167 GLU A OE2 1 
ATOM   1033 N N   . SER A 1 156 ? -6.628  2.681   7.443   1.00 25.21 ? 168 SER A N   1 
ATOM   1034 C CA  . SER A 1 156 ? -5.445  2.150   8.106   1.00 30.94 ? 168 SER A CA  1 
ATOM   1035 C C   . SER A 1 156 ? -4.258  2.430   7.198   1.00 28.30 ? 168 SER A C   1 
ATOM   1036 O O   . SER A 1 156 ? -4.316  2.206   5.989   1.00 27.59 ? 168 SER A O   1 
ATOM   1037 C CB  . SER A 1 156 ? -5.594  0.646   8.402   1.00 31.74 ? 168 SER A CB  1 
ATOM   1038 O OG  . SER A 1 156 ? -5.835  -0.104  7.233   1.00 42.38 ? 168 SER A OG  1 
ATOM   1039 N N   . LEU A 1 157 ? -3.188  2.950   7.787   1.00 29.95 ? 169 LEU A N   1 
ATOM   1040 C CA  . LEU A 1 157 ? -1.992  3.307   7.034   1.00 24.17 ? 169 LEU A CA  1 
ATOM   1041 C C   . LEU A 1 157 ? -0.731  2.915   7.796   1.00 30.78 ? 169 LEU A C   1 
ATOM   1042 O O   . LEU A 1 157 ? -0.537  3.337   8.938   1.00 30.31 ? 169 LEU A O   1 
ATOM   1043 C CB  . LEU A 1 157 ? -1.998  4.815   6.773   1.00 24.97 ? 169 LEU A CB  1 
ATOM   1044 C CG  . LEU A 1 157 ? -0.808  5.452   6.052   1.00 26.55 ? 169 LEU A CG  1 
ATOM   1045 C CD1 . LEU A 1 157 ? -0.634  4.840   4.668   1.00 24.99 ? 169 LEU A CD1 1 
ATOM   1046 C CD2 . LEU A 1 157 ? -1.037  6.955   5.947   1.00 28.63 ? 169 LEU A CD2 1 
ATOM   1047 N N   . TYR A 1 158 ? 0.109   2.104   7.160   1.00 23.62 ? 170 TYR A N   1 
ATOM   1048 C CA  . TYR A 1 158 ? 1.358   1.645   7.765   1.00 25.24 ? 170 TYR A CA  1 
ATOM   1049 C C   . TYR A 1 158 ? 2.542   2.194   6.990   1.00 29.05 ? 170 TYR A C   1 
ATOM   1050 O O   . TYR A 1 158 ? 2.776   1.817   5.836   1.00 30.68 ? 170 TYR A O   1 
ATOM   1051 C CB  . TYR A 1 158 ? 1.417   0.115   7.789   1.00 18.79 ? 170 TYR A CB  1 
ATOM   1052 C CG  . TYR A 1 158 ? 0.238   -0.507  8.502   1.00 32.84 ? 170 TYR A CG  1 
ATOM   1053 C CD1 . TYR A 1 158 ? -0.995  -0.647  7.866   1.00 28.60 ? 170 TYR A CD1 1 
ATOM   1054 C CD2 . TYR A 1 158 ? 0.343   -0.919  9.830   1.00 32.81 ? 170 TYR A CD2 1 
ATOM   1055 C CE1 . TYR A 1 158 ? -2.093  -1.181  8.536   1.00 30.89 ? 170 TYR A CE1 1 
ATOM   1056 C CE2 . TYR A 1 158 ? -0.745  -1.451  10.507  1.00 29.28 ? 170 TYR A CE2 1 
ATOM   1057 C CZ  . TYR A 1 158 ? -1.960  -1.579  9.857   1.00 36.49 ? 170 TYR A CZ  1 
ATOM   1058 O OH  . TYR A 1 158 ? -3.040  -2.097  10.534  1.00 33.84 ? 170 TYR A OH  1 
ATOM   1059 N N   . LEU A 1 159 ? 3.283   3.088   7.638   1.00 29.19 ? 171 LEU A N   1 
ATOM   1060 C CA  . LEU A 1 159 ? 4.440   3.730   7.032   1.00 22.72 ? 171 LEU A CA  1 
ATOM   1061 C C   . LEU A 1 159 ? 5.691   3.570   7.879   1.00 34.91 ? 171 LEU A C   1 
ATOM   1062 O O   . LEU A 1 159 ? 6.657   4.317   7.713   1.00 27.30 ? 171 LEU A O   1 
ATOM   1063 C CB  . LEU A 1 159 ? 4.155   5.217   6.842   1.00 25.93 ? 171 LEU A CB  1 
ATOM   1064 C CG  . LEU A 1 159 ? 3.074   5.554   5.809   1.00 30.48 ? 171 LEU A CG  1 
ATOM   1065 C CD1 . LEU A 1 159 ? 2.650   7.009   5.948   1.00 27.99 ? 171 LEU A CD1 1 
ATOM   1066 C CD2 . LEU A 1 159 ? 3.605   5.270   4.413   1.00 31.89 ? 171 LEU A CD2 1 
ATOM   1067 N N   . GLY A 1 160 ? 5.673   2.601   8.787   1.00 26.85 ? 172 GLY A N   1 
ATOM   1068 C CA  . GLY A 1 160 ? 6.825   2.387   9.647   1.00 32.27 ? 172 GLY A CA  1 
ATOM   1069 C C   . GLY A 1 160 ? 8.119   2.076   8.913   1.00 31.99 ? 172 GLY A C   1 
ATOM   1070 O O   . GLY A 1 160 ? 8.108   1.601   7.781   1.00 32.31 ? 172 GLY A O   1 
ATOM   1071 N N   . ASN A 1 161 ? 9.242   2.347   9.570   1.00 30.60 ? 173 ASN A N   1 
ATOM   1072 C CA  . ASN A 1 161 ? 10.561  2.089   9.004   1.00 28.23 ? 173 ASN A CA  1 
ATOM   1073 C C   . ASN A 1 161 ? 10.830  2.724   7.643   1.00 36.18 ? 173 ASN A C   1 
ATOM   1074 O O   . ASN A 1 161 ? 11.133  2.036   6.670   1.00 28.14 ? 173 ASN A O   1 
ATOM   1075 C CB  . ASN A 1 161 ? 10.816  0.586   8.918   1.00 30.08 ? 173 ASN A CB  1 
ATOM   1076 C CG  . ASN A 1 161 ? 11.111  -0.028  10.271  1.00 55.52 ? 173 ASN A CG  1 
ATOM   1077 O OD1 . ASN A 1 161 ? 10.246  -0.084  11.141  1.00 48.84 ? 173 ASN A OD1 1 
ATOM   1078 N ND2 . ASN A 1 161 ? 12.346  -0.482  10.457  1.00 70.55 ? 173 ASN A ND2 1 
ATOM   1079 N N   . ASN A 1 162 ? 10.713  4.044   7.589   1.00 30.56 ? 174 ASN A N   1 
ATOM   1080 C CA  . ASN A 1 162 ? 10.982  4.794   6.374   1.00 35.52 ? 174 ASN A CA  1 
ATOM   1081 C C   . ASN A 1 162 ? 11.810  6.008   6.774   1.00 41.77 ? 174 ASN A C   1 
ATOM   1082 O O   . ASN A 1 162 ? 12.460  5.991   7.821   1.00 36.85 ? 174 ASN A O   1 
ATOM   1083 C CB  . ASN A 1 162 ? 9.676   5.217   5.697   1.00 30.74 ? 174 ASN A CB  1 
ATOM   1084 C CG  . ASN A 1 162 ? 9.090   4.111   4.835   1.00 36.34 ? 174 ASN A CG  1 
ATOM   1085 O OD1 . ASN A 1 162 ? 9.704   3.674   3.858   1.00 24.49 ? 174 ASN A OD1 1 
ATOM   1086 N ND2 . ASN A 1 162 ? 7.901   3.649   5.195   1.00 27.76 ? 174 ASN A ND2 1 
ATOM   1087 N N   . LYS A 1 163 ? 11.789  7.057   5.960   1.00 30.83 ? 175 LYS A N   1 
ATOM   1088 C CA  . LYS A 1 163 ? 12.563  8.257   6.264   1.00 38.06 ? 175 LYS A CA  1 
ATOM   1089 C C   . LYS A 1 163 ? 11.677  9.487   6.201   1.00 37.86 ? 175 LYS A C   1 
ATOM   1090 O O   . LYS A 1 163 ? 12.029  10.487  5.582   1.00 42.49 ? 175 LYS A O   1 
ATOM   1091 C CB  . LYS A 1 163 ? 13.720  8.397   5.272   1.00 46.75 ? 175 LYS A CB  1 
ATOM   1092 C CG  . LYS A 1 163 ? 14.581  7.145   5.160   1.00 61.67 ? 175 LYS A CG  1 
ATOM   1093 C CD  . LYS A 1 163 ? 15.862  7.394   4.377   1.00 67.37 ? 175 LYS A CD  1 
ATOM   1094 C CE  . LYS A 1 163 ? 15.586  7.833   2.947   1.00 75.08 ? 175 LYS A CE  1 
ATOM   1095 N NZ  . LYS A 1 163 ? 16.852  8.139   2.222   1.00 77.71 ? 175 LYS A NZ  1 
ATOM   1096 N N   . ILE A 1 164 ? 10.525  9.406   6.856   1.00 36.56 ? 176 ILE A N   1 
ATOM   1097 C CA  . ILE A 1 164 ? 9.564   10.496  6.874   1.00 37.76 ? 176 ILE A CA  1 
ATOM   1098 C C   . ILE A 1 164 ? 9.855   11.493  7.991   1.00 41.89 ? 176 ILE A C   1 
ATOM   1099 O O   . ILE A 1 164 ? 10.235  11.111  9.098   1.00 34.39 ? 176 ILE A O   1 
ATOM   1100 C CB  . ILE A 1 164 ? 8.130   9.943   7.062   1.00 33.80 ? 176 ILE A CB  1 
ATOM   1101 C CG1 . ILE A 1 164 ? 7.778   9.012   5.899   1.00 25.18 ? 176 ILE A CG1 1 
ATOM   1102 C CG2 . ILE A 1 164 ? 7.136   11.089  7.179   1.00 33.72 ? 176 ILE A CG2 1 
ATOM   1103 C CD1 . ILE A 1 164 ? 6.550   8.172   6.139   1.00 34.29 ? 176 ILE A CD1 1 
ATOM   1104 N N   . THR A 1 165 ? 9.690   12.776  7.688   1.00 39.82 ? 177 THR A N   1 
ATOM   1105 C CA  . THR A 1 165 ? 9.897   13.827  8.674   1.00 36.09 ? 177 THR A CA  1 
ATOM   1106 C C   . THR A 1 165 ? 8.653   14.700  8.712   1.00 43.55 ? 177 THR A C   1 
ATOM   1107 O O   . THR A 1 165 ? 8.161   15.058  9.783   1.00 48.43 ? 177 THR A O   1 
ATOM   1108 C CB  . THR A 1 165 ? 11.113  14.713  8.332   1.00 48.39 ? 177 THR A CB  1 
ATOM   1109 O OG1 . THR A 1 165 ? 10.990  15.206  6.992   1.00 59.81 ? 177 THR A OG1 1 
ATOM   1110 C CG2 . THR A 1 165 ? 12.399  13.927  8.464   1.00 38.19 ? 177 THR A CG2 1 
ATOM   1111 N N   . ASP A 1 166 ? 8.134   15.016  7.530   1.00 43.03 ? 178 ASP A N   1 
ATOM   1112 C CA  . ASP A 1 166 ? 6.953   15.862  7.404   1.00 37.14 ? 178 ASP A CA  1 
ATOM   1113 C C   . ASP A 1 166 ? 5.676   15.067  7.134   1.00 34.25 ? 178 ASP A C   1 
ATOM   1114 O O   . ASP A 1 166 ? 5.552   14.396  6.108   1.00 38.66 ? 178 ASP A O   1 
ATOM   1115 C CB  . ASP A 1 166 ? 7.199   16.888  6.294   1.00 48.06 ? 178 ASP A CB  1 
ATOM   1116 C CG  . ASP A 1 166 ? 5.986   17.740  6.006   1.00 52.65 ? 178 ASP A CG  1 
ATOM   1117 O OD1 . ASP A 1 166 ? 5.129   17.885  6.902   1.00 54.25 ? 178 ASP A OD1 1 
ATOM   1118 O OD2 . ASP A 1 166 ? 5.899   18.277  4.880   1.00 58.67 ? 178 ASP A OD2 1 
ATOM   1119 N N   . ILE A 1 167 ? 4.725   15.150  8.060   1.00 36.19 ? 179 ILE A N   1 
ATOM   1120 C CA  . ILE A 1 167 ? 3.459   14.433  7.922   1.00 38.25 ? 179 ILE A CA  1 
ATOM   1121 C C   . ILE A 1 167 ? 2.260   15.375  7.842   1.00 37.25 ? 179 ILE A C   1 
ATOM   1122 O O   . ILE A 1 167 ? 1.140   15.011  8.208   1.00 36.94 ? 179 ILE A O   1 
ATOM   1123 C CB  . ILE A 1 167 ? 3.246   13.450  9.102   1.00 41.41 ? 179 ILE A CB  1 
ATOM   1124 C CG1 . ILE A 1 167 ? 3.311   14.200  10.435  1.00 37.48 ? 179 ILE A CG1 1 
ATOM   1125 C CG2 . ILE A 1 167 ? 4.308   12.358  9.067   1.00 32.05 ? 179 ILE A CG2 1 
ATOM   1126 C CD1 . ILE A 1 167 ? 3.090   13.308  11.648  1.00 31.61 ? 179 ILE A CD1 1 
ATOM   1127 N N   . THR A 1 168 ? 2.497   16.585  7.349   1.00 39.96 ? 180 THR A N   1 
ATOM   1128 C CA  . THR A 1 168 ? 1.434   17.577  7.228   1.00 38.53 ? 180 THR A CA  1 
ATOM   1129 C C   . THR A 1 168 ? 0.232   17.041  6.448   1.00 29.75 ? 180 THR A C   1 
ATOM   1130 O O   . THR A 1 168 ? -0.919  17.329  6.790   1.00 37.53 ? 180 THR A O   1 
ATOM   1131 C CB  . THR A 1 168 ? 1.940   18.855  6.524   1.00 43.12 ? 180 THR A CB  1 
ATOM   1132 O OG1 . THR A 1 168 ? 3.080   19.370  7.221   1.00 52.54 ? 180 THR A OG1 1 
ATOM   1133 C CG2 . THR A 1 168 ? 0.850   19.918  6.507   1.00 49.29 ? 180 THR A CG2 1 
ATOM   1134 N N   . VAL A 1 169 ? 0.497   16.253  5.410   1.00 36.13 ? 181 VAL A N   1 
ATOM   1135 C CA  . VAL A 1 169 ? -0.578  15.704  4.591   1.00 35.00 ? 181 VAL A CA  1 
ATOM   1136 C C   . VAL A 1 169 ? -1.588  14.874  5.384   1.00 37.50 ? 181 VAL A C   1 
ATOM   1137 O O   . VAL A 1 169 ? -2.786  14.886  5.081   1.00 38.73 ? 181 VAL A O   1 
ATOM   1138 C CB  . VAL A 1 169 ? -0.019  14.832  3.442   1.00 30.37 ? 181 VAL A CB  1 
ATOM   1139 C CG1 . VAL A 1 169 ? 0.641   13.589  3.994   1.00 29.89 ? 181 VAL A CG1 1 
ATOM   1140 C CG2 . VAL A 1 169 ? -1.136  14.465  2.483   1.00 30.73 ? 181 VAL A CG2 1 
ATOM   1141 N N   . LEU A 1 170 ? -1.121  14.169  6.409   1.00 31.20 ? 182 LEU A N   1 
ATOM   1142 C CA  . LEU A 1 170 ? -2.016  13.325  7.194   1.00 32.59 ? 182 LEU A CA  1 
ATOM   1143 C C   . LEU A 1 170 ? -3.210  14.052  7.802   1.00 34.25 ? 182 LEU A C   1 
ATOM   1144 O O   . LEU A 1 170 ? -4.199  13.416  8.178   1.00 34.39 ? 182 LEU A O   1 
ATOM   1145 C CB  . LEU A 1 170 ? -1.224  12.584  8.280   1.00 35.69 ? 182 LEU A CB  1 
ATOM   1146 C CG  . LEU A 1 170 ? -0.099  11.693  7.723   1.00 37.61 ? 182 LEU A CG  1 
ATOM   1147 C CD1 . LEU A 1 170 ? 0.508   10.844  8.832   1.00 30.21 ? 182 LEU A CD1 1 
ATOM   1148 C CD2 . LEU A 1 170 ? -0.656  10.789  6.623   1.00 32.18 ? 182 LEU A CD2 1 
ATOM   1149 N N   . SER A 1 171 ? -3.138  15.378  7.899   1.00 35.03 ? 183 SER A N   1 
ATOM   1150 C CA  . SER A 1 171 ? -4.258  16.140  8.450   1.00 35.51 ? 183 SER A CA  1 
ATOM   1151 C C   . SER A 1 171 ? -5.457  16.013  7.507   1.00 38.18 ? 183 SER A C   1 
ATOM   1152 O O   . SER A 1 171 ? -6.591  16.301  7.883   1.00 35.91 ? 183 SER A O   1 
ATOM   1153 C CB  . SER A 1 171 ? -3.878  17.617  8.620   1.00 31.98 ? 183 SER A CB  1 
ATOM   1154 O OG  . SER A 1 171 ? -3.519  18.203  7.380   1.00 49.23 ? 183 SER A OG  1 
ATOM   1155 N N   . ARG A 1 172 ? -5.197  15.567  6.282   1.00 37.91 ? 184 ARG A N   1 
ATOM   1156 C CA  . ARG A 1 172 ? -6.252  15.398  5.282   1.00 40.64 ? 184 ARG A CA  1 
ATOM   1157 C C   . ARG A 1 172 ? -6.932  14.027  5.341   1.00 42.26 ? 184 ARG A C   1 
ATOM   1158 O O   . ARG A 1 172 ? -8.036  13.855  4.827   1.00 39.27 ? 184 ARG A O   1 
ATOM   1159 C CB  . ARG A 1 172 ? -5.683  15.629  3.875   1.00 46.78 ? 184 ARG A CB  1 
ATOM   1160 C CG  . ARG A 1 172 ? -5.198  17.056  3.626   1.00 62.92 ? 184 ARG A CG  1 
ATOM   1161 C CD  . ARG A 1 172 ? -6.343  18.060  3.730   1.00 69.49 ? 184 ARG A CD  1 
ATOM   1162 N NE  . ARG A 1 172 ? -7.275  17.973  2.607   1.00 70.32 ? 184 ARG A NE  1 
ATOM   1163 C CZ  . ARG A 1 172 ? -7.005  18.398  1.376   1.00 76.56 ? 184 ARG A CZ  1 
ATOM   1164 N NH1 . ARG A 1 172 ? -5.827  18.944  1.105   1.00 74.57 ? 184 ARG A NH1 1 
ATOM   1165 N NH2 . ARG A 1 172 ? -7.913  18.286  0.414   1.00 59.30 ? 184 ARG A NH2 1 
ATOM   1166 N N   . LEU A 1 173 ? -6.281  13.055  5.973   1.00 41.80 ? 185 LEU A N   1 
ATOM   1167 C CA  . LEU A 1 173 ? -6.847  11.713  6.080   1.00 33.28 ? 185 LEU A CA  1 
ATOM   1168 C C   . LEU A 1 173 ? -7.600  11.555  7.400   1.00 46.50 ? 185 LEU A C   1 
ATOM   1169 O O   . LEU A 1 173 ? -7.135  10.894  8.332   1.00 37.01 ? 185 LEU A O   1 
ATOM   1170 C CB  . LEU A 1 173 ? -5.729  10.670  5.944   1.00 41.27 ? 185 LEU A CB  1 
ATOM   1171 C CG  . LEU A 1 173 ? -5.245  10.424  4.502   1.00 45.10 ? 185 LEU A CG  1 
ATOM   1172 C CD1 . LEU A 1 173 ? -4.907  11.731  3.808   1.00 49.28 ? 185 LEU A CD1 1 
ATOM   1173 C CD2 . LEU A 1 173 ? -4.036  9.512   4.517   1.00 37.74 ? 185 LEU A CD2 1 
ATOM   1174 N N   . THR A 1 174 ? -8.783  12.159  7.449   1.00 37.58 ? 186 THR A N   1 
ATOM   1175 C CA  . THR A 1 174 ? -9.627  12.169  8.637   1.00 41.84 ? 186 THR A CA  1 
ATOM   1176 C C   . THR A 1 174 ? -10.375 10.880  8.953   1.00 40.72 ? 186 THR A C   1 
ATOM   1177 O O   . THR A 1 174 ? -11.047 10.791  9.977   1.00 38.94 ? 186 THR A O   1 
ATOM   1178 C CB  . THR A 1 174 ? -10.668 13.303  8.543   1.00 54.54 ? 186 THR A CB  1 
ATOM   1179 O OG1 . THR A 1 174 ? -11.587 13.021  7.480   1.00 47.38 ? 186 THR A OG1 1 
ATOM   1180 C CG2 . THR A 1 174 ? -9.983  14.630  8.259   1.00 48.80 ? 186 THR A CG2 1 
ATOM   1181 N N   . LYS A 1 175 ? -10.265 9.884   8.083   1.00 37.31 ? 187 LYS A N   1 
ATOM   1182 C CA  . LYS A 1 175 ? -10.953 8.624   8.308   1.00 28.94 ? 187 LYS A CA  1 
ATOM   1183 C C   . LYS A 1 175 ? -10.041 7.580   8.950   1.00 31.95 ? 187 LYS A C   1 
ATOM   1184 O O   . LYS A 1 175 ? -10.471 6.468   9.236   1.00 33.85 ? 187 LYS A O   1 
ATOM   1185 C CB  . LYS A 1 175 ? -11.491 8.078   6.982   1.00 38.59 ? 187 LYS A CB  1 
ATOM   1186 C CG  . LYS A 1 175 ? -12.524 8.962   6.306   1.00 40.88 ? 187 LYS A CG  1 
ATOM   1187 C CD  . LYS A 1 175 ? -13.776 9.078   7.156   1.00 56.05 ? 187 LYS A CD  1 
ATOM   1188 C CE  . LYS A 1 175 ? -14.843 9.919   6.473   1.00 64.37 ? 187 LYS A CE  1 
ATOM   1189 N NZ  . LYS A 1 175 ? -16.079 9.999   7.303   1.00 70.98 ? 187 LYS A NZ  1 
ATOM   1190 N N   . LEU A 1 176 ? -8.781  7.936   9.169   1.00 33.24 ? 188 LEU A N   1 
ATOM   1191 C CA  . LEU A 1 176 ? -7.827  6.997   9.756   1.00 38.74 ? 188 LEU A CA  1 
ATOM   1192 C C   . LEU A 1 176 ? -8.139  6.579   11.187  1.00 38.11 ? 188 LEU A C   1 
ATOM   1193 O O   . LEU A 1 176 ? -8.430  7.419   12.036  1.00 34.76 ? 188 LEU A O   1 
ATOM   1194 C CB  . LEU A 1 176 ? -6.419  7.588   9.727   1.00 35.98 ? 188 LEU A CB  1 
ATOM   1195 C CG  . LEU A 1 176 ? -5.753  7.771   8.363   1.00 26.37 ? 188 LEU A CG  1 
ATOM   1196 C CD1 . LEU A 1 176 ? -4.408  8.470   8.538   1.00 32.13 ? 188 LEU A CD1 1 
ATOM   1197 C CD2 . LEU A 1 176 ? -5.567  6.414   7.707   1.00 29.80 ? 188 LEU A CD2 1 
ATOM   1198 N N   . ASP A 1 177 ? -8.076  5.277   11.453  1.00 31.16 ? 189 ASP A N   1 
ATOM   1199 C CA  . ASP A 1 177 ? -8.296  4.786   12.808  1.00 33.64 ? 189 ASP A CA  1 
ATOM   1200 C C   . ASP A 1 177 ? -7.051  4.038   13.251  1.00 35.65 ? 189 ASP A C   1 
ATOM   1201 O O   . ASP A 1 177 ? -6.837  3.811   14.444  1.00 29.11 ? 189 ASP A O   1 
ATOM   1202 C CB  . ASP A 1 177 ? -9.523  3.870   12.894  1.00 36.87 ? 189 ASP A CB  1 
ATOM   1203 C CG  . ASP A 1 177 ? -9.422  2.658   11.996  1.00 40.87 ? 189 ASP A CG  1 
ATOM   1204 O OD1 . ASP A 1 177 ? -8.473  1.865   12.154  1.00 37.14 ? 189 ASP A OD1 1 
ATOM   1205 O OD2 . ASP A 1 177 ? -10.306 2.495   11.132  1.00 39.17 ? 189 ASP A OD2 1 
ATOM   1206 N N   . THR A 1 178 ? -6.228  3.666   12.278  1.00 29.59 ? 190 THR A N   1 
ATOM   1207 C CA  . THR A 1 178 ? -4.993  2.949   12.554  1.00 30.44 ? 190 THR A CA  1 
ATOM   1208 C C   . THR A 1 178 ? -3.869  3.585   11.746  1.00 33.13 ? 190 THR A C   1 
ATOM   1209 O O   . THR A 1 178 ? -3.942  3.675   10.519  1.00 23.02 ? 190 THR A O   1 
ATOM   1210 C CB  . THR A 1 178 ? -5.136  1.461   12.198  1.00 27.91 ? 190 THR A CB  1 
ATOM   1211 O OG1 . THR A 1 178 ? -6.208  0.903   12.965  1.00 31.42 ? 190 THR A OG1 1 
ATOM   1212 C CG2 . THR A 1 178 ? -3.852  0.697   12.532  1.00 28.60 ? 190 THR A CG2 1 
ATOM   1213 N N   . LEU A 1 179 ? -2.836  4.039   12.447  1.00 29.36 ? 191 LEU A N   1 
ATOM   1214 C CA  . LEU A 1 179 ? -1.712  4.697   11.800  1.00 30.73 ? 191 LEU A CA  1 
ATOM   1215 C C   . LEU A 1 179 ? -0.394  4.337   12.444  1.00 33.34 ? 191 LEU A C   1 
ATOM   1216 O O   . LEU A 1 179 ? -0.208  4.521   13.650  1.00 30.88 ? 191 LEU A O   1 
ATOM   1217 C CB  . LEU A 1 179 ? -1.889  6.219   11.849  1.00 21.67 ? 191 LEU A CB  1 
ATOM   1218 C CG  . LEU A 1 179 ? -0.719  7.093   11.379  1.00 31.03 ? 191 LEU A CG  1 
ATOM   1219 C CD1 . LEU A 1 179 ? -0.422  6.861   9.892   1.00 25.62 ? 191 LEU A CD1 1 
ATOM   1220 C CD2 . LEU A 1 179 ? -1.068  8.558   11.635  1.00 32.90 ? 191 LEU A CD2 1 
ATOM   1221 N N   . SER A 1 180 ? 0.518   3.815   11.630  1.00 24.09 ? 192 SER A N   1 
ATOM   1222 C CA  . SER A 1 180 ? 1.839   3.452   12.106  1.00 34.93 ? 192 SER A CA  1 
ATOM   1223 C C   . SER A 1 180 ? 2.894   4.298   11.409  1.00 31.76 ? 192 SER A C   1 
ATOM   1224 O O   . SER A 1 180 ? 3.044   4.259   10.184  1.00 30.23 ? 192 SER A O   1 
ATOM   1225 C CB  . SER A 1 180 ? 2.126   1.973   11.857  1.00 34.75 ? 192 SER A CB  1 
ATOM   1226 O OG  . SER A 1 180 ? 3.438   1.656   12.288  1.00 40.51 ? 192 SER A OG  1 
ATOM   1227 N N   . LEU A 1 181 ? 3.618   5.067   12.209  1.00 30.01 ? 193 LEU A N   1 
ATOM   1228 C CA  . LEU A 1 181 ? 4.678   5.930   11.714  1.00 26.62 ? 193 LEU A CA  1 
ATOM   1229 C C   . LEU A 1 181 ? 5.946   5.654   12.509  1.00 30.97 ? 193 LEU A C   1 
ATOM   1230 O O   . LEU A 1 181 ? 6.822   6.511   12.609  1.00 28.72 ? 193 LEU A O   1 
ATOM   1231 C CB  . LEU A 1 181 ? 4.283   7.394   11.888  1.00 26.49 ? 193 LEU A CB  1 
ATOM   1232 C CG  . LEU A 1 181 ? 3.159   7.909   10.985  1.00 27.62 ? 193 LEU A CG  1 
ATOM   1233 C CD1 . LEU A 1 181 ? 2.628   9.233   11.505  1.00 27.33 ? 193 LEU A CD1 1 
ATOM   1234 C CD2 . LEU A 1 181 ? 3.701   8.060   9.571   1.00 20.75 ? 193 LEU A CD2 1 
ATOM   1235 N N   . GLU A 1 182 ? 6.040   4.459   13.077  1.00 29.50 ? 194 GLU A N   1 
ATOM   1236 C CA  . GLU A 1 182 ? 7.201   4.108   13.882  1.00 30.24 ? 194 GLU A CA  1 
ATOM   1237 C C   . GLU A 1 182 ? 8.487   3.996   13.070  1.00 27.14 ? 194 GLU A C   1 
ATOM   1238 O O   . GLU A 1 182 ? 8.471   3.632   11.900  1.00 29.79 ? 194 GLU A O   1 
ATOM   1239 C CB  . GLU A 1 182 ? 6.948   2.798   14.631  1.00 29.57 ? 194 GLU A CB  1 
ATOM   1240 C CG  . GLU A 1 182 ? 6.635   1.614   13.738  1.00 27.79 ? 194 GLU A CG  1 
ATOM   1241 C CD  . GLU A 1 182 ? 6.521   0.320   14.522  1.00 52.04 ? 194 GLU A CD  1 
ATOM   1242 O OE1 . GLU A 1 182 ? 5.830   0.312   15.568  1.00 35.59 ? 194 GLU A OE1 1 
ATOM   1243 O OE2 . GLU A 1 182 ? 7.117   -0.690  14.089  1.00 39.70 ? 194 GLU A OE2 1 
ATOM   1244 N N   . ASP A 1 183 ? 9.605   4.327   13.707  1.00 31.22 ? 195 ASP A N   1 
ATOM   1245 C CA  . ASP A 1 183 ? 10.913  4.248   13.070  1.00 26.26 ? 195 ASP A CA  1 
ATOM   1246 C C   . ASP A 1 183 ? 11.053  5.139   11.833  1.00 33.80 ? 195 ASP A C   1 
ATOM   1247 O O   . ASP A 1 183 ? 11.270  4.660   10.723  1.00 33.96 ? 195 ASP A O   1 
ATOM   1248 C CB  . ASP A 1 183 ? 11.225  2.799   12.699  1.00 33.84 ? 195 ASP A CB  1 
ATOM   1249 C CG  . ASP A 1 183 ? 12.707  2.502   12.737  1.00 54.97 ? 195 ASP A CG  1 
ATOM   1250 O OD1 . ASP A 1 183 ? 13.479  3.240   12.090  1.00 56.96 ? 195 ASP A OD1 1 
ATOM   1251 O OD2 . ASP A 1 183 ? 13.099  1.531   13.418  1.00 55.81 ? 195 ASP A OD2 1 
ATOM   1252 N N   . ASN A 1 184 ? 10.908  6.439   12.051  1.00 30.99 ? 196 ASN A N   1 
ATOM   1253 C CA  . ASN A 1 184 ? 11.057  7.444   11.009  1.00 37.92 ? 196 ASN A CA  1 
ATOM   1254 C C   . ASN A 1 184 ? 11.829  8.592   11.660  1.00 42.79 ? 196 ASN A C   1 
ATOM   1255 O O   . ASN A 1 184 ? 12.633  8.355   12.562  1.00 36.69 ? 196 ASN A O   1 
ATOM   1256 C CB  . ASN A 1 184 ? 9.691   7.901   10.495  1.00 30.36 ? 196 ASN A CB  1 
ATOM   1257 C CG  . ASN A 1 184 ? 9.134   6.969   9.432   1.00 35.32 ? 196 ASN A CG  1 
ATOM   1258 O OD1 . ASN A 1 184 ? 9.610   6.956   8.299   1.00 31.25 ? 196 ASN A OD1 1 
ATOM   1259 N ND2 . ASN A 1 184 ? 8.135   6.173   9.798   1.00 25.91 ? 196 ASN A ND2 1 
ATOM   1260 N N   . GLN A 1 185 ? 11.588  9.823   11.228  1.00 35.21 ? 197 GLN A N   1 
ATOM   1261 C CA  . GLN A 1 185 ? 12.303  10.966  11.788  1.00 42.28 ? 197 GLN A CA  1 
ATOM   1262 C C   . GLN A 1 185 ? 11.356  12.126  12.018  1.00 34.23 ? 197 GLN A C   1 
ATOM   1263 O O   . GLN A 1 185 ? 11.677  13.274  11.717  1.00 41.59 ? 197 GLN A O   1 
ATOM   1264 C CB  . GLN A 1 185 ? 13.421  11.386  10.832  1.00 43.00 ? 197 GLN A CB  1 
ATOM   1265 C CG  . GLN A 1 185 ? 14.449  10.292  10.595  1.00 55.16 ? 197 GLN A CG  1 
ATOM   1266 C CD  . GLN A 1 185 ? 15.241  10.505  9.325   1.00 70.27 ? 197 GLN A CD  1 
ATOM   1267 O OE1 . GLN A 1 185 ? 15.842  11.562  9.120   1.00 68.01 ? 197 GLN A OE1 1 
ATOM   1268 N NE2 . GLN A 1 185 ? 15.248  9.496   8.458   1.00 63.30 ? 197 GLN A NE2 1 
ATOM   1269 N N   . ILE A 1 186 ? 10.190  11.813  12.562  1.00 36.94 ? 198 ILE A N   1 
ATOM   1270 C CA  . ILE A 1 186 ? 9.164   12.804  12.823  1.00 34.17 ? 198 ILE A CA  1 
ATOM   1271 C C   . ILE A 1 186 ? 9.383   13.530  14.146  1.00 38.40 ? 198 ILE A C   1 
ATOM   1272 O O   . ILE A 1 186 ? 9.760   12.917  15.150  1.00 34.91 ? 198 ILE A O   1 
ATOM   1273 C CB  . ILE A 1 186 ? 7.777   12.130  12.838  1.00 36.32 ? 198 ILE A CB  1 
ATOM   1274 C CG1 . ILE A 1 186 ? 7.521   11.457  11.487  1.00 34.43 ? 198 ILE A CG1 1 
ATOM   1275 C CG2 . ILE A 1 186 ? 6.695   13.150  13.153  1.00 42.72 ? 198 ILE A CG2 1 
ATOM   1276 C CD1 . ILE A 1 186 ? 6.330   10.511  11.491  1.00 27.84 ? 198 ILE A CD1 1 
ATOM   1277 N N   . SER A 1 187 ? 9.144   14.840  14.133  1.00 34.16 ? 199 SER A N   1 
ATOM   1278 C CA  . SER A 1 187 ? 9.278   15.677  15.321  1.00 37.56 ? 199 SER A CA  1 
ATOM   1279 C C   . SER A 1 187 ? 7.937   16.325  15.611  1.00 39.48 ? 199 SER A C   1 
ATOM   1280 O O   . SER A 1 187 ? 7.504   16.412  16.759  1.00 42.94 ? 199 SER A O   1 
ATOM   1281 C CB  . SER A 1 187 ? 10.313  16.782  15.091  1.00 36.91 ? 199 SER A CB  1 
ATOM   1282 O OG  . SER A 1 187 ? 11.583  16.233  14.798  1.00 62.82 ? 199 SER A OG  1 
ATOM   1283 N N   . ASP A 1 188 ? 7.281   16.779  14.550  1.00 38.15 ? 200 ASP A N   1 
ATOM   1284 C CA  . ASP A 1 188 ? 6.000   17.453  14.671  1.00 30.40 ? 200 ASP A CA  1 
ATOM   1285 C C   . ASP A 1 188 ? 4.808   16.566  14.334  1.00 40.98 ? 200 ASP A C   1 
ATOM   1286 O O   . ASP A 1 188 ? 4.644   16.143  13.190  1.00 39.88 ? 200 ASP A O   1 
ATOM   1287 C CB  . ASP A 1 188 ? 5.996   18.695  13.777  1.00 35.18 ? 200 ASP A CB  1 
ATOM   1288 C CG  . ASP A 1 188 ? 4.645   19.364  13.720  1.00 38.31 ? 200 ASP A CG  1 
ATOM   1289 O OD1 . ASP A 1 188 ? 3.958   19.405  14.761  1.00 51.88 ? 200 ASP A OD1 1 
ATOM   1290 O OD2 . ASP A 1 188 ? 4.273   19.857  12.634  1.00 66.97 ? 200 ASP A OD2 1 
ATOM   1291 N N   . ILE A 1 189 ? 3.975   16.298  15.336  1.00 34.65 ? 201 ILE A N   1 
ATOM   1292 C CA  . ILE A 1 189 ? 2.795   15.468  15.144  1.00 37.00 ? 201 ILE A CA  1 
ATOM   1293 C C   . ILE A 1 189 ? 1.491   16.259  15.228  1.00 30.05 ? 201 ILE A C   1 
ATOM   1294 O O   . ILE A 1 189 ? 0.409   15.680  15.318  1.00 38.37 ? 201 ILE A O   1 
ATOM   1295 C CB  . ILE A 1 189 ? 2.747   14.328  16.171  1.00 35.47 ? 201 ILE A CB  1 
ATOM   1296 C CG1 . ILE A 1 189 ? 2.929   14.889  17.583  1.00 39.55 ? 201 ILE A CG1 1 
ATOM   1297 C CG2 . ILE A 1 189 ? 3.817   13.300  15.850  1.00 28.35 ? 201 ILE A CG2 1 
ATOM   1298 C CD1 . ILE A 1 189 ? 2.589   13.899  18.672  1.00 33.39 ? 201 ILE A CD1 1 
ATOM   1299 N N   . VAL A 1 190 ? 1.595   17.586  15.197  1.00 33.64 ? 202 VAL A N   1 
ATOM   1300 C CA  . VAL A 1 190 ? 0.411   18.444  15.243  1.00 33.28 ? 202 VAL A CA  1 
ATOM   1301 C C   . VAL A 1 190 ? -0.609  18.055  14.156  1.00 30.49 ? 202 VAL A C   1 
ATOM   1302 O O   . VAL A 1 190 ? -1.819  18.146  14.372  1.00 40.90 ? 202 VAL A O   1 
ATOM   1303 C CB  . VAL A 1 190 ? 0.804   19.935  15.086  1.00 46.47 ? 202 VAL A CB  1 
ATOM   1304 C CG1 . VAL A 1 190 ? -0.443  20.806  14.979  1.00 39.46 ? 202 VAL A CG1 1 
ATOM   1305 C CG2 . VAL A 1 190 ? 1.642   20.371  16.286  1.00 45.14 ? 202 VAL A CG2 1 
ATOM   1306 N N   . PRO A 1 191 ? -0.131  17.609  12.977  1.00 40.29 ? 203 PRO A N   1 
ATOM   1307 C CA  . PRO A 1 191 ? -1.026  17.207  11.881  1.00 32.99 ? 203 PRO A CA  1 
ATOM   1308 C C   . PRO A 1 191 ? -2.021  16.114  12.268  1.00 36.71 ? 203 PRO A C   1 
ATOM   1309 O O   . PRO A 1 191 ? -3.038  15.923  11.595  1.00 35.36 ? 203 PRO A O   1 
ATOM   1310 C CB  . PRO A 1 191 ? -0.059  16.718  10.810  1.00 32.33 ? 203 PRO A CB  1 
ATOM   1311 C CG  . PRO A 1 191 ? 1.122   17.604  11.004  1.00 35.81 ? 203 PRO A CG  1 
ATOM   1312 C CD  . PRO A 1 191 ? 1.272   17.636  12.517  1.00 30.52 ? 203 PRO A CD  1 
ATOM   1313 N N   . LEU A 1 192 ? -1.727  15.404  13.355  1.00 31.08 ? 204 LEU A N   1 
ATOM   1314 C CA  . LEU A 1 192 ? -2.590  14.321  13.821  1.00 34.24 ? 204 LEU A CA  1 
ATOM   1315 C C   . LEU A 1 192 ? -3.655  14.813  14.791  1.00 32.70 ? 204 LEU A C   1 
ATOM   1316 O O   . LEU A 1 192 ? -4.584  14.077  15.137  1.00 36.06 ? 204 LEU A O   1 
ATOM   1317 C CB  . LEU A 1 192 ? -1.752  13.246  14.515  1.00 33.04 ? 204 LEU A CB  1 
ATOM   1318 C CG  . LEU A 1 192 ? -0.538  12.702  13.764  1.00 39.66 ? 204 LEU A CG  1 
ATOM   1319 C CD1 . LEU A 1 192 ? 0.110   11.612  14.602  1.00 36.91 ? 204 LEU A CD1 1 
ATOM   1320 C CD2 . LEU A 1 192 ? -0.966  12.149  12.410  1.00 32.31 ? 204 LEU A CD2 1 
ATOM   1321 N N   . ALA A 1 193 ? -3.513  16.058  15.227  1.00 31.45 ? 205 ALA A N   1 
ATOM   1322 C CA  . ALA A 1 193 ? -4.431  16.655  16.189  1.00 36.01 ? 205 ALA A CA  1 
ATOM   1323 C C   . ALA A 1 193 ? -5.910  16.488  15.877  1.00 40.55 ? 205 ALA A C   1 
ATOM   1324 O O   . ALA A 1 193 ? -6.703  16.215  16.781  1.00 36.78 ? 205 ALA A O   1 
ATOM   1325 C CB  . ALA A 1 193 ? -4.106  18.135  16.357  1.00 43.78 ? 205 ALA A CB  1 
ATOM   1326 N N   . GLY A 1 194 ? -6.275  16.644  14.607  1.00 35.98 ? 206 GLY A N   1 
ATOM   1327 C CA  . GLY A 1 194 ? -7.670  16.538  14.212  1.00 33.30 ? 206 GLY A CA  1 
ATOM   1328 C C   . GLY A 1 194 ? -8.161  15.182  13.737  1.00 40.22 ? 206 GLY A C   1 
ATOM   1329 O O   . GLY A 1 194 ? -9.305  15.061  13.293  1.00 37.08 ? 206 GLY A O   1 
ATOM   1330 N N   . LEU A 1 195 ? -7.317  14.160  13.829  1.00 38.96 ? 207 LEU A N   1 
ATOM   1331 C CA  . LEU A 1 195 ? -7.708  12.820  13.402  1.00 33.49 ? 207 LEU A CA  1 
ATOM   1332 C C   . LEU A 1 195 ? -8.401  12.123  14.562  1.00 45.95 ? 207 LEU A C   1 
ATOM   1333 O O   . LEU A 1 195 ? -7.848  11.212  15.178  1.00 37.80 ? 207 LEU A O   1 
ATOM   1334 C CB  . LEU A 1 195 ? -6.476  12.029  12.966  1.00 35.44 ? 207 LEU A CB  1 
ATOM   1335 C CG  . LEU A 1 195 ? -5.598  12.742  11.933  1.00 37.63 ? 207 LEU A CG  1 
ATOM   1336 C CD1 . LEU A 1 195 ? -4.613  11.750  11.338  1.00 40.34 ? 207 LEU A CD1 1 
ATOM   1337 C CD2 . LEU A 1 195 ? -6.466  13.344  10.834  1.00 35.44 ? 207 LEU A CD2 1 
ATOM   1338 N N   . THR A 1 196 ? -9.625  12.563  14.836  1.00 41.31 ? 208 THR A N   1 
ATOM   1339 C CA  . THR A 1 196 ? -10.432 12.055  15.938  1.00 39.93 ? 208 THR A CA  1 
ATOM   1340 C C   . THR A 1 196 ? -10.769 10.568  15.928  1.00 41.39 ? 208 THR A C   1 
ATOM   1341 O O   . THR A 1 196 ? -11.091 9.999   16.975  1.00 35.85 ? 208 THR A O   1 
ATOM   1342 C CB  . THR A 1 196 ? -11.755 12.839  16.036  1.00 45.29 ? 208 THR A CB  1 
ATOM   1343 O OG1 . THR A 1 196 ? -12.577 12.536  14.901  1.00 55.05 ? 208 THR A OG1 1 
ATOM   1344 C CG2 . THR A 1 196 ? -11.478 14.340  16.059  1.00 40.20 ? 208 THR A CG2 1 
ATOM   1345 N N   . LYS A 1 197 ? -10.702 9.935   14.761  1.00 27.85 ? 209 LYS A N   1 
ATOM   1346 C CA  . LYS A 1 197 ? -11.027 8.514   14.657  1.00 33.31 ? 209 LYS A CA  1 
ATOM   1347 C C   . LYS A 1 197 ? -9.874  7.580   15.016  1.00 31.38 ? 209 LYS A C   1 
ATOM   1348 O O   . LYS A 1 197 ? -10.054 6.362   15.040  1.00 29.66 ? 209 LYS A O   1 
ATOM   1349 C CB  . LYS A 1 197 ? -11.521 8.182   13.241  1.00 35.29 ? 209 LYS A CB  1 
ATOM   1350 C CG  . LYS A 1 197 ? -12.748 8.972   12.806  1.00 49.72 ? 209 LYS A CG  1 
ATOM   1351 C CD  . LYS A 1 197 ? -13.912 8.769   13.765  1.00 69.02 ? 209 LYS A CD  1 
ATOM   1352 C CE  . LYS A 1 197 ? -15.104 9.638   13.389  1.00 78.61 ? 209 LYS A CE  1 
ATOM   1353 N NZ  . LYS A 1 197 ? -16.213 9.521   14.379  1.00 79.97 ? 209 LYS A NZ  1 
ATOM   1354 N N   . LEU A 1 198 ? -8.701  8.138   15.303  1.00 30.83 ? 210 LEU A N   1 
ATOM   1355 C CA  . LEU A 1 198 ? -7.540  7.309   15.644  1.00 27.53 ? 210 LEU A CA  1 
ATOM   1356 C C   . LEU A 1 198 ? -7.730  6.447   16.879  1.00 38.62 ? 210 LEU A C   1 
ATOM   1357 O O   . LEU A 1 198 ? -8.072  6.940   17.957  1.00 32.86 ? 210 LEU A O   1 
ATOM   1358 C CB  . LEU A 1 198 ? -6.293  8.177   15.830  1.00 29.64 ? 210 LEU A CB  1 
ATOM   1359 C CG  . LEU A 1 198 ? -5.689  8.769   14.555  1.00 29.23 ? 210 LEU A CG  1 
ATOM   1360 C CD1 . LEU A 1 198 ? -4.557  9.708   14.912  1.00 36.43 ? 210 LEU A CD1 1 
ATOM   1361 C CD2 . LEU A 1 198 ? -5.181  7.644   13.668  1.00 34.45 ? 210 LEU A CD2 1 
ATOM   1362 N N   . GLN A 1 199 ? -7.498  5.150   16.706  1.00 34.99 ? 211 GLN A N   1 
ATOM   1363 C CA  . GLN A 1 199 ? -7.616  4.182   17.786  1.00 33.18 ? 211 GLN A CA  1 
ATOM   1364 C C   . GLN A 1 199 ? -6.266  3.534   18.041  1.00 38.67 ? 211 GLN A C   1 
ATOM   1365 O O   . GLN A 1 199 ? -5.917  3.210   19.178  1.00 33.18 ? 211 GLN A O   1 
ATOM   1366 C CB  . GLN A 1 199 ? -8.608  3.078   17.416  1.00 34.44 ? 211 GLN A CB  1 
ATOM   1367 C CG  . GLN A 1 199 ? -10.037 3.532   17.224  1.00 54.63 ? 211 GLN A CG  1 
ATOM   1368 C CD  . GLN A 1 199 ? -10.961 2.366   16.933  1.00 60.63 ? 211 GLN A CD  1 
ATOM   1369 O OE1 . GLN A 1 199 ? -11.114 1.460   17.756  1.00 54.29 ? 211 GLN A OE1 1 
ATOM   1370 N NE2 . GLN A 1 199 ? -11.574 2.375   15.754  1.00 53.45 ? 211 GLN A NE2 1 
ATOM   1371 N N   . ASN A 1 200 ? -5.514  3.335   16.964  1.00 29.17 ? 212 ASN A N   1 
ATOM   1372 C CA  . ASN A 1 200 ? -4.213  2.698   17.057  1.00 35.62 ? 212 ASN A CA  1 
ATOM   1373 C C   . ASN A 1 200 ? -3.148  3.588   16.432  1.00 34.16 ? 212 ASN A C   1 
ATOM   1374 O O   . ASN A 1 200 ? -3.115  3.776   15.217  1.00 29.38 ? 212 ASN A O   1 
ATOM   1375 C CB  . ASN A 1 200 ? -4.272  1.342   16.354  1.00 28.98 ? 212 ASN A CB  1 
ATOM   1376 C CG  . ASN A 1 200 ? -5.451  0.505   16.818  1.00 42.73 ? 212 ASN A CG  1 
ATOM   1377 O OD1 . ASN A 1 200 ? -5.543  0.137   17.989  1.00 38.13 ? 212 ASN A OD1 1 
ATOM   1378 N ND2 . ASN A 1 200 ? -6.364  0.207   15.902  1.00 32.74 ? 212 ASN A ND2 1 
ATOM   1379 N N   . LEU A 1 201 ? -2.275  4.129   17.276  1.00 25.02 ? 213 LEU A N   1 
ATOM   1380 C CA  . LEU A 1 201 ? -1.221  5.030   16.822  1.00 27.40 ? 213 LEU A CA  1 
ATOM   1381 C C   . LEU A 1 201 ? 0.169   4.575   17.272  1.00 33.61 ? 213 LEU A C   1 
ATOM   1382 O O   . LEU A 1 201 ? 0.459   4.513   18.470  1.00 35.99 ? 213 LEU A O   1 
ATOM   1383 C CB  . LEU A 1 201 ? -1.520  6.443   17.343  1.00 29.07 ? 213 LEU A CB  1 
ATOM   1384 C CG  . LEU A 1 201 ? -0.562  7.586   17.008  1.00 34.13 ? 213 LEU A CG  1 
ATOM   1385 C CD1 . LEU A 1 201 ? -0.406  7.739   15.492  1.00 32.41 ? 213 LEU A CD1 1 
ATOM   1386 C CD2 . LEU A 1 201 ? -1.111  8.866   17.617  1.00 30.08 ? 213 LEU A CD2 1 
ATOM   1387 N N   . TYR A 1 202 ? 1.020   4.261   16.298  1.00 29.88 ? 214 TYR A N   1 
ATOM   1388 C CA  . TYR A 1 202 ? 2.378   3.803   16.570  1.00 32.03 ? 214 TYR A CA  1 
ATOM   1389 C C   . TYR A 1 202 ? 3.381   4.869   16.170  1.00 31.12 ? 214 TYR A C   1 
ATOM   1390 O O   . TYR A 1 202 ? 3.575   5.143   14.983  1.00 35.82 ? 214 TYR A O   1 
ATOM   1391 C CB  . TYR A 1 202 ? 2.648   2.502   15.819  1.00 24.98 ? 214 TYR A CB  1 
ATOM   1392 C CG  . TYR A 1 202 ? 1.587   1.463   16.084  1.00 27.90 ? 214 TYR A CG  1 
ATOM   1393 C CD1 . TYR A 1 202 ? 0.388   1.457   15.363  1.00 28.55 ? 214 TYR A CD1 1 
ATOM   1394 C CD2 . TYR A 1 202 ? 1.760   0.505   17.087  1.00 33.87 ? 214 TYR A CD2 1 
ATOM   1395 C CE1 . TYR A 1 202 ? -0.615  0.520   15.633  1.00 29.38 ? 214 TYR A CE1 1 
ATOM   1396 C CE2 . TYR A 1 202 ? 0.766   -0.433  17.366  1.00 35.39 ? 214 TYR A CE2 1 
ATOM   1397 C CZ  . TYR A 1 202 ? -0.417  -0.419  16.636  1.00 38.76 ? 214 TYR A CZ  1 
ATOM   1398 O OH  . TYR A 1 202 ? -1.391  -1.352  16.909  1.00 34.23 ? 214 TYR A OH  1 
ATOM   1399 N N   . LEU A 1 203 ? 4.020   5.462   17.175  1.00 30.21 ? 215 LEU A N   1 
ATOM   1400 C CA  . LEU A 1 203 ? 4.976   6.539   16.955  1.00 23.55 ? 215 LEU A CA  1 
ATOM   1401 C C   . LEU A 1 203 ? 6.342   6.324   17.597  1.00 31.57 ? 215 LEU A C   1 
ATOM   1402 O O   . LEU A 1 203 ? 7.119   7.275   17.729  1.00 31.30 ? 215 LEU A O   1 
ATOM   1403 C CB  . LEU A 1 203 ? 4.380   7.850   17.477  1.00 25.68 ? 215 LEU A CB  1 
ATOM   1404 C CG  . LEU A 1 203 ? 3.121   8.368   16.767  1.00 31.15 ? 215 LEU A CG  1 
ATOM   1405 C CD1 . LEU A 1 203 ? 2.442   9.457   17.616  1.00 24.04 ? 215 LEU A CD1 1 
ATOM   1406 C CD2 . LEU A 1 203 ? 3.507   8.909   15.391  1.00 28.69 ? 215 LEU A CD2 1 
ATOM   1407 N N   . SER A 1 204 ? 6.649   5.093   17.994  1.00 31.18 ? 216 SER A N   1 
ATOM   1408 C CA  . SER A 1 204 ? 7.939   4.830   18.624  1.00 35.21 ? 216 SER A CA  1 
ATOM   1409 C C   . SER A 1 204 ? 9.095   5.026   17.642  1.00 38.60 ? 216 SER A C   1 
ATOM   1410 O O   . SER A 1 204 ? 8.900   5.015   16.432  1.00 27.93 ? 216 SER A O   1 
ATOM   1411 C CB  . SER A 1 204 ? 7.980   3.413   19.206  1.00 32.38 ? 216 SER A CB  1 
ATOM   1412 O OG  . SER A 1 204 ? 7.952   2.435   18.184  1.00 42.17 ? 216 SER A OG  1 
ATOM   1413 N N   . LYS A 1 205 ? 10.296  5.216   18.183  1.00 30.92 ? 217 LYS A N   1 
ATOM   1414 C CA  . LYS A 1 205 ? 11.504  5.424   17.385  1.00 29.21 ? 217 LYS A CA  1 
ATOM   1415 C C   . LYS A 1 205 ? 11.437  6.613   16.424  1.00 37.39 ? 217 LYS A C   1 
ATOM   1416 O O   . LYS A 1 205 ? 11.690  6.477   15.225  1.00 31.58 ? 217 LYS A O   1 
ATOM   1417 C CB  . LYS A 1 205 ? 11.861  4.147   16.617  1.00 36.98 ? 217 LYS A CB  1 
ATOM   1418 C CG  . LYS A 1 205 ? 12.288  2.992   17.524  1.00 49.19 ? 217 LYS A CG  1 
ATOM   1419 C CD  . LYS A 1 205 ? 12.670  1.749   16.732  1.00 43.72 ? 217 LYS A CD  1 
ATOM   1420 C CE  . LYS A 1 205 ? 13.039  0.601   17.660  0.00 44.56 ? 217 LYS A CE  1 
ATOM   1421 N NZ  . LYS A 1 205 ? 13.401  -0.631  16.908  0.00 43.56 ? 217 LYS A NZ  1 
ATOM   1422 N N   . ASN A 1 206 ? 11.081  7.773   16.968  1.00 35.19 ? 218 ASN A N   1 
ATOM   1423 C CA  . ASN A 1 206 ? 11.008  9.022   16.211  1.00 32.12 ? 218 ASN A CA  1 
ATOM   1424 C C   . ASN A 1 206 ? 11.668  10.113  17.063  1.00 36.67 ? 218 ASN A C   1 
ATOM   1425 O O   . ASN A 1 206 ? 12.433  9.797   17.975  1.00 38.70 ? 218 ASN A O   1 
ATOM   1426 C CB  . ASN A 1 206 ? 9.554   9.377   15.897  1.00 34.15 ? 218 ASN A CB  1 
ATOM   1427 C CG  . ASN A 1 206 ? 9.068   8.744   14.604  1.00 37.92 ? 218 ASN A CG  1 
ATOM   1428 O OD1 . ASN A 1 206 ? 9.479   9.141   13.514  1.00 32.16 ? 218 ASN A OD1 1 
ATOM   1429 N ND2 . ASN A 1 206 ? 8.199   7.749   14.720  1.00 32.93 ? 218 ASN A ND2 1 
ATOM   1430 N N   . HIS A 1 207 ? 11.374  11.378  16.780  1.00 39.06 ? 219 HIS A N   1 
ATOM   1431 C CA  . HIS A 1 207 ? 11.961  12.489  17.532  1.00 40.24 ? 219 HIS A CA  1 
ATOM   1432 C C   . HIS A 1 207 ? 10.869  13.367  18.136  1.00 45.04 ? 219 HIS A C   1 
ATOM   1433 O O   . HIS A 1 207 ? 10.916  14.596  18.039  1.00 45.74 ? 219 HIS A O   1 
ATOM   1434 C CB  . HIS A 1 207 ? 12.841  13.331  16.601  1.00 43.61 ? 219 HIS A CB  1 
ATOM   1435 C CG  . HIS A 1 207 ? 13.843  12.530  15.830  1.00 37.04 ? 219 HIS A CG  1 
ATOM   1436 N ND1 . HIS A 1 207 ? 14.184  12.822  14.526  1.00 43.99 ? 219 HIS A ND1 1 
ATOM   1437 C CD2 . HIS A 1 207 ? 14.574  11.441  16.174  1.00 51.27 ? 219 HIS A CD2 1 
ATOM   1438 C CE1 . HIS A 1 207 ? 15.080  11.948  14.100  1.00 39.18 ? 219 HIS A CE1 1 
ATOM   1439 N NE2 . HIS A 1 207 ? 15.334  11.101  15.082  1.00 41.97 ? 219 HIS A NE2 1 
ATOM   1440 N N   . ILE A 1 208 ? 9.898   12.728  18.782  1.00 40.77 ? 220 ILE A N   1 
ATOM   1441 C CA  . ILE A 1 208 ? 8.767   13.430  19.374  1.00 40.54 ? 220 ILE A CA  1 
ATOM   1442 C C   . ILE A 1 208 ? 8.941   13.821  20.843  1.00 52.27 ? 220 ILE A C   1 
ATOM   1443 O O   . ILE A 1 208 ? 9.283   12.988  21.687  1.00 42.58 ? 220 ILE A O   1 
ATOM   1444 C CB  . ILE A 1 208 ? 7.494   12.579  19.238  1.00 29.54 ? 220 ILE A CB  1 
ATOM   1445 C CG1 . ILE A 1 208 ? 7.266   12.235  17.762  1.00 39.98 ? 220 ILE A CG1 1 
ATOM   1446 C CG2 . ILE A 1 208 ? 6.296   13.326  19.811  1.00 33.69 ? 220 ILE A CG2 1 
ATOM   1447 C CD1 . ILE A 1 208 ? 6.199   11.169  17.529  1.00 37.94 ? 220 ILE A CD1 1 
ATOM   1448 N N   . SER A 1 209 ? 8.682   15.095  21.132  1.00 53.61 ? 221 SER A N   1 
ATOM   1449 C CA  . SER A 1 209 ? 8.789   15.640  22.485  1.00 48.58 ? 221 SER A CA  1 
ATOM   1450 C C   . SER A 1 209 ? 7.475   16.301  22.887  1.00 50.49 ? 221 SER A C   1 
ATOM   1451 O O   . SER A 1 209 ? 7.026   16.177  24.028  1.00 49.19 ? 221 SER A O   1 
ATOM   1452 C CB  . SER A 1 209 ? 9.900   16.690  22.549  1.00 48.48 ? 221 SER A CB  1 
ATOM   1453 O OG  . SER A 1 209 ? 11.108  16.192  22.006  1.00 72.83 ? 221 SER A OG  1 
ATOM   1454 N N   . ASP A 1 210 ? 6.865   17.010  21.940  1.00 41.21 ? 222 ASP A N   1 
ATOM   1455 C CA  . ASP A 1 210 ? 5.613   17.709  22.196  1.00 40.73 ? 222 ASP A CA  1 
ATOM   1456 C C   . ASP A 1 210 ? 4.416   16.802  21.918  1.00 40.95 ? 222 ASP A C   1 
ATOM   1457 O O   . ASP A 1 210 ? 4.189   16.387  20.783  1.00 41.15 ? 222 ASP A O   1 
ATOM   1458 C CB  . ASP A 1 210 ? 5.538   18.967  21.327  1.00 42.68 ? 222 ASP A CB  1 
ATOM   1459 C CG  . ASP A 1 210 ? 4.429   19.911  21.756  1.00 69.68 ? 222 ASP A CG  1 
ATOM   1460 O OD1 . ASP A 1 210 ? 3.245   19.508  21.729  1.00 69.61 ? 222 ASP A OD1 1 
ATOM   1461 O OD2 . ASP A 1 210 ? 4.745   21.063  22.123  1.00 88.79 ? 222 ASP A OD2 1 
ATOM   1462 N N   . LEU A 1 211 ? 3.643   16.514  22.960  1.00 34.80 ? 223 LEU A N   1 
ATOM   1463 C CA  . LEU A 1 211 ? 2.484   15.636  22.832  1.00 30.16 ? 223 LEU A CA  1 
ATOM   1464 C C   . LEU A 1 211 ? 1.157   16.373  22.926  1.00 32.43 ? 223 LEU A C   1 
ATOM   1465 O O   . LEU A 1 211 ? 0.104   15.748  23.026  1.00 32.53 ? 223 LEU A O   1 
ATOM   1466 C CB  . LEU A 1 211 ? 2.540   14.557  23.921  1.00 37.69 ? 223 LEU A CB  1 
ATOM   1467 C CG  . LEU A 1 211 ? 3.836   13.749  24.009  1.00 36.62 ? 223 LEU A CG  1 
ATOM   1468 C CD1 . LEU A 1 211 ? 3.795   12.827  25.224  1.00 38.15 ? 223 LEU A CD1 1 
ATOM   1469 C CD2 . LEU A 1 211 ? 4.022   12.945  22.724  1.00 46.31 ? 223 LEU A CD2 1 
ATOM   1470 N N   . ARG A 1 212 ? 1.200   17.700  22.899  1.00 36.38 ? 224 ARG A N   1 
ATOM   1471 C CA  . ARG A 1 212 ? -0.024  18.486  22.995  1.00 40.25 ? 224 ARG A CA  1 
ATOM   1472 C C   . ARG A 1 212 ? -1.044  18.043  21.947  1.00 37.27 ? 224 ARG A C   1 
ATOM   1473 O O   . ARG A 1 212 ? -2.252  18.136  22.168  1.00 38.81 ? 224 ARG A O   1 
ATOM   1474 C CB  . ARG A 1 212 ? 0.301   19.977  22.823  1.00 42.57 ? 224 ARG A CB  1 
ATOM   1475 C CG  . ARG A 1 212 ? -0.910  20.907  22.813  1.00 41.45 ? 224 ARG A CG  1 
ATOM   1476 C CD  . ARG A 1 212 ? -1.677  20.866  24.123  1.00 46.76 ? 224 ARG A CD  1 
ATOM   1477 N NE  . ARG A 1 212 ? -2.853  21.733  24.089  1.00 46.59 ? 224 ARG A NE  1 
ATOM   1478 C CZ  . ARG A 1 212 ? -3.727  21.848  25.087  1.00 63.13 ? 224 ARG A CZ  1 
ATOM   1479 N NH1 . ARG A 1 212 ? -3.556  21.150  26.203  1.00 52.22 ? 224 ARG A NH1 1 
ATOM   1480 N NH2 . ARG A 1 212 ? -4.773  22.655  24.968  1.00 57.74 ? 224 ARG A NH2 1 
ATOM   1481 N N   . ALA A 1 213 ? -0.547  17.543  20.820  1.00 43.12 ? 225 ALA A N   1 
ATOM   1482 C CA  . ALA A 1 213 ? -1.394  17.100  19.714  1.00 42.43 ? 225 ALA A CA  1 
ATOM   1483 C C   . ALA A 1 213 ? -2.362  15.968  20.043  1.00 48.11 ? 225 ALA A C   1 
ATOM   1484 O O   . ALA A 1 213 ? -3.298  15.715  19.281  1.00 45.55 ? 225 ALA A O   1 
ATOM   1485 C CB  . ALA A 1 213 ? -0.521  16.697  18.529  1.00 43.38 ? 225 ALA A CB  1 
ATOM   1486 N N   . LEU A 1 214 ? -2.150  15.296  21.170  1.00 40.21 ? 226 LEU A N   1 
ATOM   1487 C CA  . LEU A 1 214 ? -3.010  14.180  21.560  1.00 36.78 ? 226 LEU A CA  1 
ATOM   1488 C C   . LEU A 1 214 ? -4.140  14.581  22.503  1.00 51.51 ? 226 LEU A C   1 
ATOM   1489 O O   . LEU A 1 214 ? -5.078  13.814  22.721  1.00 48.10 ? 226 LEU A O   1 
ATOM   1490 C CB  . LEU A 1 214 ? -2.168  13.088  22.216  1.00 49.26 ? 226 LEU A CB  1 
ATOM   1491 C CG  . LEU A 1 214 ? -0.920  12.655  21.440  1.00 43.04 ? 226 LEU A CG  1 
ATOM   1492 C CD1 . LEU A 1 214 ? -0.230  11.523  22.192  1.00 59.83 ? 226 LEU A CD1 1 
ATOM   1493 C CD2 . LEU A 1 214 ? -1.303  12.213  20.034  1.00 48.82 ? 226 LEU A CD2 1 
ATOM   1494 N N   . ALA A 1 215 ? -4.050  15.786  23.052  1.00 47.01 ? 227 ALA A N   1 
ATOM   1495 C CA  . ALA A 1 215 ? -5.054  16.280  23.987  1.00 54.73 ? 227 ALA A CA  1 
ATOM   1496 C C   . ALA A 1 215 ? -6.497  16.084  23.527  1.00 55.28 ? 227 ALA A C   1 
ATOM   1497 O O   . ALA A 1 215 ? -7.375  15.767  24.333  1.00 50.92 ? 227 ALA A O   1 
ATOM   1498 C CB  . ALA A 1 215 ? -4.801  17.762  24.279  1.00 60.26 ? 227 ALA A CB  1 
ATOM   1499 N N   . GLY A 1 216 ? -6.743  16.268  22.234  1.00 46.24 ? 228 GLY A N   1 
ATOM   1500 C CA  . GLY A 1 216 ? -8.096  16.131  21.726  1.00 39.17 ? 228 GLY A CA  1 
ATOM   1501 C C   . GLY A 1 216 ? -8.506  14.752  21.246  1.00 47.47 ? 228 GLY A C   1 
ATOM   1502 O O   . GLY A 1 216 ? -9.644  14.572  20.816  1.00 41.59 ? 228 GLY A O   1 
ATOM   1503 N N   . LEU A 1 217 ? -7.604  13.777  21.312  1.00 36.21 ? 229 LEU A N   1 
ATOM   1504 C CA  . LEU A 1 217 ? -7.941  12.433  20.854  1.00 30.75 ? 229 LEU A CA  1 
ATOM   1505 C C   . LEU A 1 217 ? -8.676  11.643  21.937  1.00 40.94 ? 229 LEU A C   1 
ATOM   1506 O O   . LEU A 1 217 ? -8.158  11.411  23.031  1.00 39.48 ? 229 LEU A O   1 
ATOM   1507 C CB  . LEU A 1 217 ? -6.674  11.708  20.401  1.00 33.45 ? 229 LEU A CB  1 
ATOM   1508 C CG  . LEU A 1 217 ? -5.933  12.485  19.306  1.00 26.90 ? 229 LEU A CG  1 
ATOM   1509 C CD1 . LEU A 1 217 ? -4.691  11.729  18.886  1.00 36.83 ? 229 LEU A CD1 1 
ATOM   1510 C CD2 . LEU A 1 217 ? -6.855  12.701  18.113  1.00 39.46 ? 229 LEU A CD2 1 
ATOM   1511 N N   . LYS A 1 218 ? -9.892  11.221  21.616  1.00 36.24 ? 230 LYS A N   1 
ATOM   1512 C CA  . LYS A 1 218 ? -10.711 10.496  22.574  1.00 45.71 ? 230 LYS A CA  1 
ATOM   1513 C C   . LYS A 1 218 ? -10.872 9.001   22.314  1.00 42.09 ? 230 LYS A C   1 
ATOM   1514 O O   . LYS A 1 218 ? -11.410 8.288   23.160  1.00 46.64 ? 230 LYS A O   1 
ATOM   1515 C CB  . LYS A 1 218 ? -12.100 11.132  22.634  1.00 50.93 ? 230 LYS A CB  1 
ATOM   1516 C CG  . LYS A 1 218 ? -12.091 12.647  22.752  1.00 57.22 ? 230 LYS A CG  1 
ATOM   1517 C CD  . LYS A 1 218 ? -13.505 13.203  22.687  1.00 62.60 ? 230 LYS A CD  1 
ATOM   1518 C CE  . LYS A 1 218 ? -13.521 14.722  22.780  1.00 63.65 ? 230 LYS A CE  1 
ATOM   1519 N NZ  . LYS A 1 218 ? -14.916 15.251  22.784  1.00 73.19 ? 230 LYS A NZ  1 
ATOM   1520 N N   . ASN A 1 219 ? -10.404 8.513   21.169  1.00 41.78 ? 231 ASN A N   1 
ATOM   1521 C CA  . ASN A 1 219 ? -10.581 7.099   20.863  1.00 34.80 ? 231 ASN A CA  1 
ATOM   1522 C C   . ASN A 1 219 ? -9.346  6.205   20.834  1.00 36.41 ? 231 ASN A C   1 
ATOM   1523 O O   . ASN A 1 219 ? -9.430  5.042   20.444  1.00 38.65 ? 231 ASN A O   1 
ATOM   1524 C CB  . ASN A 1 219 ? -11.344 6.964   19.550  1.00 38.89 ? 231 ASN A CB  1 
ATOM   1525 C CG  . ASN A 1 219 ? -12.679 7.668   19.592  1.00 49.68 ? 231 ASN A CG  1 
ATOM   1526 O OD1 . ASN A 1 219 ? -12.906 8.645   18.874  1.00 49.31 ? 231 ASN A OD1 1 
ATOM   1527 N ND2 . ASN A 1 219 ? -13.570 7.188   20.450  1.00 42.05 ? 231 ASN A ND2 1 
ATOM   1528 N N   . LEU A 1 220 ? -8.205  6.727   21.255  1.00 37.81 ? 232 LEU A N   1 
ATOM   1529 C CA  . LEU A 1 220 ? -6.988  5.920   21.263  1.00 40.83 ? 232 LEU A CA  1 
ATOM   1530 C C   . LEU A 1 220 ? -7.089  4.733   22.214  1.00 41.78 ? 232 LEU A C   1 
ATOM   1531 O O   . LEU A 1 220 ? -7.451  4.893   23.379  1.00 46.52 ? 232 LEU A O   1 
ATOM   1532 C CB  . LEU A 1 220 ? -5.784  6.776   21.665  1.00 34.60 ? 232 LEU A CB  1 
ATOM   1533 C CG  . LEU A 1 220 ? -5.280  7.811   20.664  1.00 41.62 ? 232 LEU A CG  1 
ATOM   1534 C CD1 . LEU A 1 220 ? -4.155  8.612   21.297  1.00 37.46 ? 232 LEU A CD1 1 
ATOM   1535 C CD2 . LEU A 1 220 ? -4.794  7.110   19.400  1.00 36.57 ? 232 LEU A CD2 1 
ATOM   1536 N N   . ASP A 1 221 ? -6.778  3.541   21.709  1.00 44.29 ? 233 ASP A N   1 
ATOM   1537 C CA  . ASP A 1 221 ? -6.787  2.328   22.520  1.00 45.58 ? 233 ASP A CA  1 
ATOM   1538 C C   . ASP A 1 221 ? -5.350  1.836   22.617  1.00 40.86 ? 233 ASP A C   1 
ATOM   1539 O O   . ASP A 1 221 ? -4.931  1.295   23.640  1.00 46.33 ? 233 ASP A O   1 
ATOM   1540 C CB  . ASP A 1 221 ? -7.663  1.241   21.890  1.00 45.56 ? 233 ASP A CB  1 
ATOM   1541 C CG  . ASP A 1 221 ? -9.139  1.587   21.923  1.00 66.86 ? 233 ASP A CG  1 
ATOM   1542 O OD1 . ASP A 1 221 ? -9.666  1.863   23.025  1.00 63.19 ? 233 ASP A OD1 1 
ATOM   1543 O OD2 . ASP A 1 221 ? -9.777  1.577   20.850  1.00 76.69 ? 233 ASP A OD2 1 
ATOM   1544 N N   . VAL A 1 222 ? -4.603  2.025   21.533  1.00 33.46 ? 234 VAL A N   1 
ATOM   1545 C CA  . VAL A 1 222 ? -3.198  1.634   21.473  1.00 33.59 ? 234 VAL A CA  1 
ATOM   1546 C C   . VAL A 1 222 ? -2.366  2.834   21.054  1.00 40.99 ? 234 VAL A C   1 
ATOM   1547 O O   . VAL A 1 222 ? -2.587  3.416   19.991  1.00 32.96 ? 234 VAL A O   1 
ATOM   1548 C CB  . VAL A 1 222 ? -2.959  0.494   20.457  1.00 30.74 ? 234 VAL A CB  1 
ATOM   1549 C CG1 . VAL A 1 222 ? -1.464  0.233   20.309  1.00 33.08 ? 234 VAL A CG1 1 
ATOM   1550 C CG2 . VAL A 1 222 ? -3.671  -0.773  20.913  1.00 42.42 ? 234 VAL A CG2 1 
ATOM   1551 N N   . LEU A 1 223 ? -1.415  3.206   21.902  1.00 29.44 ? 235 LEU A N   1 
ATOM   1552 C CA  . LEU A 1 223 ? -0.540  4.338   21.629  1.00 30.34 ? 235 LEU A CA  1 
ATOM   1553 C C   . LEU A 1 223 ? 0.874   3.994   22.077  1.00 40.93 ? 235 LEU A C   1 
ATOM   1554 O O   . LEU A 1 223 ? 1.104   3.720   23.256  1.00 31.68 ? 235 LEU A O   1 
ATOM   1555 C CB  . LEU A 1 223 ? -1.025  5.575   22.389  1.00 31.64 ? 235 LEU A CB  1 
ATOM   1556 C CG  . LEU A 1 223 ? -0.089  6.784   22.378  1.00 32.01 ? 235 LEU A CG  1 
ATOM   1557 C CD1 . LEU A 1 223 ? -0.004  7.371   20.965  1.00 35.19 ? 235 LEU A CD1 1 
ATOM   1558 C CD2 . LEU A 1 223 ? -0.601  7.821   23.367  1.00 27.73 ? 235 LEU A CD2 1 
ATOM   1559 N N   . GLU A 1 224 ? 1.817   4.004   21.140  1.00 34.37 ? 236 GLU A N   1 
ATOM   1560 C CA  . GLU A 1 224 ? 3.201   3.694   21.469  1.00 36.43 ? 236 GLU A CA  1 
ATOM   1561 C C   . GLU A 1 224 ? 4.090   4.897   21.174  1.00 39.74 ? 236 GLU A C   1 
ATOM   1562 O O   . GLU A 1 224 ? 4.166   5.368   20.035  1.00 29.73 ? 236 GLU A O   1 
ATOM   1563 C CB  . GLU A 1 224 ? 3.674   2.471   20.679  1.00 27.61 ? 236 GLU A CB  1 
ATOM   1564 C CG  . GLU A 1 224 ? 2.774   1.247   20.837  1.00 23.13 ? 236 GLU A CG  1 
ATOM   1565 C CD  . GLU A 1 224 ? 3.397   -0.023  20.266  1.00 25.56 ? 236 GLU A CD  1 
ATOM   1566 O OE1 . GLU A 1 224 ? 4.308   0.080   19.413  1.00 31.56 ? 236 GLU A OE1 1 
ATOM   1567 O OE2 . GLU A 1 224 ? 2.969   -1.125  20.665  1.00 36.52 ? 236 GLU A OE2 1 
ATOM   1568 N N   . LEU A 1 225 ? 4.766   5.393   22.208  1.00 31.49 ? 237 LEU A N   1 
ATOM   1569 C CA  . LEU A 1 225 ? 5.629   6.563   22.068  1.00 33.89 ? 237 LEU A CA  1 
ATOM   1570 C C   . LEU A 1 225 ? 7.040   6.388   22.613  1.00 36.25 ? 237 LEU A C   1 
ATOM   1571 O O   . LEU A 1 225 ? 7.768   7.370   22.770  1.00 31.57 ? 237 LEU A O   1 
ATOM   1572 C CB  . LEU A 1 225 ? 4.997   7.750   22.780  1.00 26.34 ? 237 LEU A CB  1 
ATOM   1573 C CG  . LEU A 1 225 ? 3.756   8.389   22.175  1.00 29.37 ? 237 LEU A CG  1 
ATOM   1574 C CD1 . LEU A 1 225 ? 3.061   9.219   23.241  1.00 36.62 ? 237 LEU A CD1 1 
ATOM   1575 C CD2 . LEU A 1 225 ? 4.153   9.246   20.983  1.00 36.58 ? 237 LEU A CD2 1 
ATOM   1576 N N   . PHE A 1 226 ? 7.435   5.155   22.897  1.00 35.42 ? 238 PHE A N   1 
ATOM   1577 C CA  . PHE A 1 226 ? 8.761   4.902   23.455  1.00 35.03 ? 238 PHE A CA  1 
ATOM   1578 C C   . PHE A 1 226 ? 9.903   5.019   22.451  1.00 42.92 ? 238 PHE A C   1 
ATOM   1579 O O   . PHE A 1 226 ? 9.690   5.062   21.238  1.00 33.36 ? 238 PHE A O   1 
ATOM   1580 C CB  . PHE A 1 226 ? 8.789   3.517   24.111  1.00 38.43 ? 238 PHE A CB  1 
ATOM   1581 C CG  . PHE A 1 226 ? 8.533   2.391   23.156  1.00 29.79 ? 238 PHE A CG  1 
ATOM   1582 C CD1 . PHE A 1 226 ? 9.561   1.877   22.372  1.00 40.83 ? 238 PHE A CD1 1 
ATOM   1583 C CD2 . PHE A 1 226 ? 7.258   1.851   23.027  1.00 31.00 ? 238 PHE A CD2 1 
ATOM   1584 C CE1 . PHE A 1 226 ? 9.326   0.845   21.467  1.00 43.45 ? 238 PHE A CE1 1 
ATOM   1585 C CE2 . PHE A 1 226 ? 7.011   0.820   22.128  1.00 32.39 ? 238 PHE A CE2 1 
ATOM   1586 C CZ  . PHE A 1 226 ? 8.048   0.315   21.346  1.00 38.74 ? 238 PHE A CZ  1 
ATOM   1587 N N   . SER A 1 227 ? 11.118  5.078   22.986  1.00 33.92 ? 239 SER A N   1 
ATOM   1588 C CA  . SER A 1 227 ? 12.336  5.175   22.196  1.00 31.62 ? 239 SER A CA  1 
ATOM   1589 C C   . SER A 1 227 ? 12.458  6.413   21.318  1.00 38.32 ? 239 SER A C   1 
ATOM   1590 O O   . SER A 1 227 ? 12.916  6.326   20.178  1.00 45.03 ? 239 SER A O   1 
ATOM   1591 C CB  . SER A 1 227 ? 12.510  3.922   21.337  1.00 38.48 ? 239 SER A CB  1 
ATOM   1592 O OG  . SER A 1 227 ? 12.769  2.786   22.143  1.00 41.06 ? 239 SER A OG  1 
ATOM   1593 N N   . GLN A 1 228 ? 12.046  7.565   21.839  1.00 35.15 ? 240 GLN A N   1 
ATOM   1594 C CA  . GLN A 1 228 ? 12.177  8.806   21.085  1.00 32.64 ? 240 GLN A CA  1 
ATOM   1595 C C   . GLN A 1 228 ? 13.618  9.287   21.261  1.00 45.59 ? 240 GLN A C   1 
ATOM   1596 O O   . GLN A 1 228 ? 14.195  9.147   22.341  1.00 47.55 ? 240 GLN A O   1 
ATOM   1597 C CB  . GLN A 1 228 ? 11.214  9.878   21.612  1.00 33.38 ? 240 GLN A CB  1 
ATOM   1598 C CG  . GLN A 1 228 ? 9.744   9.566   21.406  1.00 39.43 ? 240 GLN A CG  1 
ATOM   1599 C CD  . GLN A 1 228 ? 9.432   9.170   19.972  1.00 47.90 ? 240 GLN A CD  1 
ATOM   1600 O OE1 . GLN A 1 228 ? 9.788   9.876   19.030  1.00 34.08 ? 240 GLN A OE1 1 
ATOM   1601 N NE2 . GLN A 1 228 ? 8.761   8.035   19.804  1.00 35.25 ? 240 GLN A NE2 1 
ATOM   1602 N N   . GLU A 1 229 ? 14.202  9.837   20.203  1.00 39.25 ? 241 GLU A N   1 
ATOM   1603 C CA  . GLU A 1 229 ? 15.568  10.341  20.276  1.00 52.57 ? 241 GLU A CA  1 
ATOM   1604 C C   . GLU A 1 229 ? 15.546  11.842  20.030  1.00 58.34 ? 241 GLU A C   1 
ATOM   1605 O O   . GLU A 1 229 ? 15.464  12.291  18.888  1.00 63.93 ? 241 GLU A O   1 
ATOM   1606 C CB  . GLU A 1 229 ? 16.447  9.652   19.235  1.00 48.91 ? 241 GLU A CB  1 
ATOM   1607 C CG  . GLU A 1 229 ? 17.926  9.966   19.366  1.00 67.74 ? 241 GLU A CG  1 
ATOM   1608 C CD  . GLU A 1 229 ? 18.455  9.692   20.761  0.00 61.13 ? 241 GLU A CD  1 
ATOM   1609 O OE1 . GLU A 1 229 ? 18.146  8.616   21.313  0.00 62.44 ? 241 GLU A OE1 1 
ATOM   1610 O OE2 . GLU A 1 229 ? 19.186  10.549  21.299  0.00 62.44 ? 241 GLU A OE2 1 
ATOM   1611 N N   . CYS A 1 230 ? 15.608  12.613  21.111  1.00 59.54 ? 242 CYS A N   1 
ATOM   1612 C CA  . CYS A 1 230 ? 15.586  14.066  21.012  1.00 71.00 ? 242 CYS A CA  1 
ATOM   1613 C C   . CYS A 1 230 ? 16.948  14.647  21.377  1.00 74.75 ? 242 CYS A C   1 
ATOM   1614 O O   . CYS A 1 230 ? 17.609  15.203  20.477  1.00 82.11 ? 242 CYS A O   1 
ATOM   1615 C CB  . CYS A 1 230 ? 14.515  14.635  21.945  1.00 75.82 ? 242 CYS A CB  1 
ATOM   1616 S SG  . CYS A 1 230 ? 12.891  13.855  21.770  1.00 78.31 ? 242 CYS A SG  1 
HETATM 1617 O O   . HOH B 2 .   ? 8.534   -2.225  -10.284 1.00 34.05 ? 249 HOH A O   1 
HETATM 1618 O O   . HOH B 2 .   ? 8.249   4.575   -7.364  1.00 43.33 ? 250 HOH A O   1 
HETATM 1619 O O   . HOH B 2 .   ? 9.984   9.698   -0.737  1.00 43.32 ? 251 HOH A O   1 
HETATM 1620 O O   . HOH B 2 .   ? 9.330   13.725  5.058   1.00 37.36 ? 252 HOH A O   1 
HETATM 1621 O O   . HOH B 2 .   ? 8.408   16.356  12.160  1.00 37.71 ? 253 HOH A O   1 
HETATM 1622 O O   . HOH B 2 .   ? 8.129   16.940  19.352  1.00 33.37 ? 254 HOH A O   1 
HETATM 1623 O O   . HOH B 2 .   ? -8.709  9.104   5.926   1.00 31.93 ? 255 HOH A O   1 
HETATM 1624 O O   . HOH B 2 .   ? -9.340  10.137  12.279  1.00 50.50 ? 256 HOH A O   1 
HETATM 1625 O O   . HOH B 2 .   ? -8.888  9.432   18.905  1.00 36.33 ? 257 HOH A O   1 
HETATM 1626 O O   . HOH B 2 .   ? -9.667  1.761   -5.070  1.00 31.43 ? 258 HOH A O   1 
HETATM 1627 O O   . HOH B 2 .   ? -9.759  -9.172  -11.936 1.00 23.55 ? 259 HOH A O   1 
HETATM 1628 O O   . HOH B 2 .   ? 6.568   -14.378 -17.823 1.00 41.84 ? 260 HOH A O   1 
HETATM 1629 O O   . HOH B 2 .   ? -2.860  -15.283 -5.290  1.00 28.04 ? 261 HOH A O   1 
HETATM 1630 O O   . HOH B 2 .   ? 4.943   -8.788  -14.945 1.00 29.56 ? 262 HOH A O   1 
HETATM 1631 O O   . HOH B 2 .   ? 5.458   1.931   17.532  1.00 27.28 ? 263 HOH A O   1 
HETATM 1632 O O   . HOH B 2 .   ? 5.552   -2.916  -11.693 1.00 28.39 ? 264 HOH A O   1 
HETATM 1633 O O   . HOH B 2 .   ? -6.331  -1.417  -14.991 1.00 30.22 ? 265 HOH A O   1 
HETATM 1634 O O   . HOH B 2 .   ? 11.106  -11.536 -2.783  1.00 37.71 ? 266 HOH A O   1 
HETATM 1635 O O   . HOH B 2 .   ? -1.360  10.033  -5.245  1.00 38.07 ? 267 HOH A O   1 
HETATM 1636 O O   . HOH B 2 .   ? 12.831  -2.952  -4.943  1.00 39.32 ? 268 HOH A O   1 
HETATM 1637 O O   . HOH B 2 .   ? -4.547  5.546   -9.137  1.00 36.33 ? 269 HOH A O   1 
HETATM 1638 O O   . HOH B 2 .   ? 2.834   -15.301 -0.762  1.00 33.76 ? 270 HOH A O   1 
HETATM 1639 O O   . HOH B 2 .   ? -3.479  -1.834  15.235  1.00 38.98 ? 271 HOH A O   1 
HETATM 1640 O O   . HOH B 2 .   ? -0.755  -16.874 -6.443  1.00 31.67 ? 272 HOH A O   1 
HETATM 1641 O O   . HOH B 2 .   ? 12.996  -4.496  -2.584  1.00 34.01 ? 273 HOH A O   1 
HETATM 1642 O O   . HOH B 2 .   ? 9.571   0.534   17.563  1.00 47.39 ? 274 HOH A O   1 
HETATM 1643 O O   . HOH B 2 .   ? -13.344 -18.383 -20.708 1.00 43.51 ? 275 HOH A O   1 
HETATM 1644 O O   . HOH B 2 .   ? 5.117   -22.477 -15.100 1.00 32.75 ? 276 HOH A O   1 
HETATM 1645 O O   . HOH B 2 .   ? -4.081  -0.021  -13.942 1.00 32.83 ? 277 HOH A O   1 
HETATM 1646 O O   . HOH B 2 .   ? -10.067 15.810  25.072  1.00 44.96 ? 278 HOH A O   1 
HETATM 1647 O O   . HOH B 2 .   ? 13.429  2.787   -6.467  1.00 45.71 ? 279 HOH A O   1 
HETATM 1648 O O   . HOH B 2 .   ? -12.955 -14.414 -21.905 1.00 33.20 ? 280 HOH A O   1 
HETATM 1649 O O   . HOH B 2 .   ? -12.343 4.986   15.311  1.00 44.01 ? 281 HOH A O   1 
HETATM 1650 O O   . HOH B 2 .   ? 5.085   -1.622  -16.441 1.00 33.04 ? 282 HOH A O   1 
HETATM 1651 O O   . HOH B 2 .   ? 3.972   18.051  25.604  1.00 35.21 ? 283 HOH A O   1 
HETATM 1652 O O   . HOH B 2 .   ? 11.588  -2.900  -10.098 1.00 44.61 ? 284 HOH A O   1 
HETATM 1653 O O   . HOH B 2 .   ? 11.362  -11.178 -11.074 1.00 32.69 ? 285 HOH A O   1 
HETATM 1654 O O   . HOH B 2 .   ? -0.166  -6.621  -22.679 1.00 47.32 ? 286 HOH A O   1 
HETATM 1655 O O   . HOH B 2 .   ? -15.610 -14.512 -15.357 1.00 32.73 ? 287 HOH A O   1 
HETATM 1656 O O   . HOH B 2 .   ? 12.778  2.305   4.560   1.00 34.16 ? 288 HOH A O   1 
HETATM 1657 O O   . HOH B 2 .   ? 1.442   -6.794  -20.544 1.00 34.32 ? 289 HOH A O   1 
HETATM 1658 O O   . HOH B 2 .   ? 5.957   14.181  3.206   1.00 35.98 ? 290 HOH A O   1 
HETATM 1659 O O   . HOH B 2 .   ? 8.349   -17.115 -6.929  1.00 45.68 ? 291 HOH A O   1 
HETATM 1660 O O   . HOH B 2 .   ? -9.303  -1.586  -14.346 1.00 40.54 ? 292 HOH A O   1 
HETATM 1661 O O   . HOH B 2 .   ? 4.595   4.313   24.748  1.00 32.87 ? 293 HOH A O   1 
HETATM 1662 O O   . HOH B 2 .   ? 4.145   -17.731 -25.488 1.00 47.98 ? 294 HOH A O   1 
HETATM 1663 O O   . HOH B 2 .   ? -10.078 -13.614 -23.786 1.00 44.07 ? 295 HOH A O   1 
HETATM 1664 O O   . HOH B 2 .   ? 14.712  -2.562  -6.850  1.00 50.87 ? 296 HOH A O   1 
HETATM 1665 O O   . HOH B 2 .   ? -7.940  16.816  10.693  1.00 43.61 ? 297 HOH A O   1 
HETATM 1666 O O   . HOH B 2 .   ? -13.395 5.144   4.713   1.00 49.74 ? 298 HOH A O   1 
HETATM 1667 O O   . HOH B 2 .   ? 6.607   -2.399  -14.212 1.00 39.81 ? 299 HOH A O   1 
HETATM 1668 O O   . HOH B 2 .   ? -5.212  17.061  12.294  1.00 40.67 ? 300 HOH A O   1 
HETATM 1669 O O   . HOH B 2 .   ? 9.861   12.469  24.337  1.00 40.05 ? 301 HOH A O   1 
HETATM 1670 O O   . HOH B 2 .   ? 5.152   16.710  10.230  1.00 41.66 ? 302 HOH A O   1 
HETATM 1671 O O   . HOH B 2 .   ? 12.216  -7.219  -0.585  1.00 43.44 ? 303 HOH A O   1 
HETATM 1672 O O   . HOH B 2 .   ? 4.129   11.053  -2.042  1.00 43.76 ? 304 HOH A O   1 
HETATM 1673 O O   . HOH B 2 .   ? 10.948  -12.448 -15.900 1.00 48.56 ? 305 HOH A O   1 
HETATM 1674 O O   . HOH B 2 .   ? -11.078 -1.628  -12.147 1.00 37.26 ? 306 HOH A O   1 
HETATM 1675 O O   . HOH B 2 .   ? -12.277 -2.950  -2.352  1.00 36.85 ? 307 HOH A O   1 
HETATM 1676 O O   . HOH B 2 .   ? 4.589   10.526  -4.713  1.00 45.16 ? 308 HOH A O   1 
HETATM 1677 O O   . HOH B 2 .   ? -12.733 -0.849  -0.487  1.00 36.83 ? 309 HOH A O   1 
HETATM 1678 O O   . HOH B 2 .   ? 13.807  3.800   9.388   1.00 45.98 ? 310 HOH A O   1 
HETATM 1679 O O   . HOH B 2 .   ? -0.136  6.807   -12.691 1.00 43.89 ? 311 HOH A O   1 
HETATM 1680 O O   . HOH B 2 .   ? 5.680   -6.688  6.081   1.00 46.58 ? 312 HOH A O   1 
HETATM 1681 O O   . HOH B 2 .   ? 4.474   0.874   -15.929 1.00 46.94 ? 313 HOH A O   1 
HETATM 1682 O O   . HOH B 2 .   ? 5.874   -16.124 -7.863  1.00 36.02 ? 314 HOH A O   1 
HETATM 1683 O O   . HOH B 2 .   ? 1.999   18.002  19.837  1.00 43.18 ? 315 HOH A O   1 
HETATM 1684 O O   . HOH B 2 .   ? 12.237  -9.100  1.478   1.00 62.14 ? 316 HOH A O   1 
HETATM 1685 O O   . HOH B 2 .   ? -8.842  -0.261  10.288  1.00 35.95 ? 317 HOH A O   1 
HETATM 1686 O O   . HOH B 2 .   ? 8.255   9.497   25.321  1.00 49.06 ? 318 HOH A O   1 
HETATM 1687 O O   . HOH B 2 .   ? -2.960  -23.342 -22.862 1.00 43.13 ? 319 HOH A O   1 
HETATM 1688 O O   . HOH B 2 .   ? 10.577  -8.317  -14.301 1.00 37.27 ? 320 HOH A O   1 
HETATM 1689 O O   . HOH B 2 .   ? 4.053   -6.706  -21.850 1.00 50.50 ? 321 HOH A O   1 
HETATM 1690 O O   . HOH B 2 .   ? 2.543   12.015  -5.838  1.00 50.33 ? 322 HOH A O   1 
HETATM 1691 O O   . HOH B 2 .   ? -9.289  -14.251 -6.514  1.00 32.57 ? 323 HOH A O   1 
HETATM 1692 O O   . HOH B 2 .   ? -11.434 11.619  19.295  1.00 40.26 ? 324 HOH A O   1 
HETATM 1693 O O   . HOH B 2 .   ? -5.869  16.366  19.582  1.00 45.11 ? 325 HOH A O   1 
HETATM 1694 O O   . HOH B 2 .   ? 1.711   -16.141 1.414   1.00 38.25 ? 326 HOH A O   1 
HETATM 1695 O O   . HOH B 2 .   ? 3.086   15.658  4.712   1.00 41.55 ? 327 HOH A O   1 
HETATM 1696 O O   . HOH B 2 .   ? -3.431  1.205   -15.953 1.00 41.87 ? 328 HOH A O   1 
HETATM 1697 O O   . HOH B 2 .   ? 11.380  5.393   25.737  1.00 39.33 ? 329 HOH A O   1 
HETATM 1698 O O   . HOH B 2 .   ? -12.541 -6.837  -18.078 1.00 33.35 ? 330 HOH A O   1 
HETATM 1699 O O   . HOH B 2 .   ? 11.669  -5.789  -14.513 1.00 39.88 ? 331 HOH A O   1 
HETATM 1700 O O   . HOH B 2 .   ? 13.348  9.211   0.073   1.00 41.59 ? 332 HOH A O   1 
HETATM 1701 O O   . HOH B 2 .   ? -8.020  -20.710 -20.631 1.00 41.00 ? 333 HOH A O   1 
HETATM 1702 O O   . HOH B 2 .   ? -0.446  1.037   -17.266 1.00 49.74 ? 334 HOH A O   1 
HETATM 1703 O O   . HOH B 2 .   ? 14.165  2.964   -1.389  1.00 46.84 ? 335 HOH A O   1 
HETATM 1704 O O   . HOH B 2 .   ? -8.475  -15.982 -8.211  1.00 31.14 ? 336 HOH A O   1 
HETATM 1705 O O   . HOH B 2 .   ? 3.255   1.818   25.420  1.00 46.82 ? 337 HOH A O   1 
HETATM 1706 O O   . HOH B 2 .   ? 3.620   20.789  24.659  1.00 47.20 ? 338 HOH A O   1 
HETATM 1707 O O   . HOH B 2 .   ? -4.088  -5.910  13.379  1.00 58.55 ? 339 HOH A O   1 
HETATM 1708 O O   . HOH B 2 .   ? -12.035 3.941   -7.020  1.00 36.47 ? 340 HOH A O   1 
HETATM 1709 O O   . HOH B 2 .   ? -0.812  -3.060  18.900  1.00 40.21 ? 341 HOH A O   1 
HETATM 1710 O O   . HOH B 2 .   ? -7.795  -18.267 -6.519  1.00 44.62 ? 342 HOH A O   1 
HETATM 1711 O O   . HOH B 2 .   ? -13.646 -7.756  -6.634  1.00 40.53 ? 343 HOH A O   1 
HETATM 1712 O O   . HOH B 2 .   ? 4.918   -25.175 -14.897 1.00 52.57 ? 344 HOH A O   1 
HETATM 1713 O O   . HOH B 2 .   ? -0.705  1.716   24.000  1.00 52.44 ? 345 HOH A O   1 
HETATM 1714 O O   . HOH B 2 .   ? -8.436  -20.455 -23.283 1.00 48.63 ? 346 HOH A O   1 
HETATM 1715 O O   . HOH B 2 .   ? -0.308  16.730  -1.010  1.00 47.03 ? 347 HOH A O   1 
HETATM 1716 O O   . HOH B 2 .   ? -2.001  -19.016 -5.445  1.00 46.04 ? 348 HOH A O   1 
HETATM 1717 O O   . HOH B 2 .   ? 6.477   -20.840 -13.331 1.00 32.76 ? 349 HOH A O   1 
HETATM 1718 O O   . HOH B 2 .   ? -5.869  -15.540 -3.615  1.00 44.47 ? 350 HOH A O   1 
HETATM 1719 O O   . HOH B 2 .   ? -3.819  -17.100 -3.256  1.00 52.08 ? 351 HOH A O   1 
HETATM 1720 O O   . HOH B 2 .   ? -7.661  13.104  -6.352  1.00 45.80 ? 352 HOH A O   1 
HETATM 1721 O O   . HOH B 2 .   ? 12.671  15.745  12.486  1.00 56.81 ? 353 HOH A O   1 
HETATM 1722 O O   . HOH B 2 .   ? -13.106 8.454   25.563  1.00 46.18 ? 354 HOH A O   1 
HETATM 1723 O O   . HOH B 2 .   ? 14.296  7.407   17.641  1.00 52.81 ? 355 HOH A O   1 
HETATM 1724 O O   . HOH B 2 .   ? 10.801  14.773  25.869  1.00 61.60 ? 356 HOH A O   1 
HETATM 1725 O O   . HOH B 2 .   ? 13.180  14.556  4.595   1.00 50.82 ? 357 HOH A O   1 
HETATM 1726 O O   . HOH B 2 .   ? -9.440  -3.109  -9.122  1.00 27.85 ? 358 HOH A O   1 
HETATM 1727 O O   . HOH B 2 .   ? -10.103 -17.210 -9.737  1.00 34.67 ? 359 HOH A O   1 
HETATM 1728 O O   . HOH B 2 .   ? -12.066 5.073   10.477  1.00 50.37 ? 360 HOH A O   1 
HETATM 1729 O O   . HOH B 2 .   ? -10.271 -5.347  -17.906 1.00 51.18 ? 361 HOH A O   1 
HETATM 1730 O O   . HOH B 2 .   ? 15.335  6.508   -0.093  1.00 44.55 ? 362 HOH A O   1 
HETATM 1731 O O   . HOH B 2 .   ? 2.969   -3.272  18.773  1.00 48.29 ? 363 HOH A O   1 
HETATM 1732 O O   . HOH B 2 .   ? 5.529   3.965   -8.898  1.00 48.04 ? 364 HOH A O   1 
HETATM 1733 O O   . HOH B 2 .   ? 9.454   10.371  -4.693  1.00 46.58 ? 365 HOH A O   1 
HETATM 1734 O O   . HOH B 2 .   ? 4.469   14.247  -4.370  1.00 45.41 ? 366 HOH A O   1 
HETATM 1735 O O   . HOH B 2 .   ? -11.372 -18.615 -12.931 1.00 54.78 ? 367 HOH A O   1 
HETATM 1736 O O   . HOH B 2 .   ? -2.493  -3.113  13.078  1.00 47.13 ? 368 HOH A O   1 
HETATM 1737 O O   . HOH B 2 .   ? -12.527 -9.797  -23.719 1.00 40.11 ? 369 HOH A O   1 
HETATM 1738 O O   . HOH B 2 .   ? 6.042   -1.871  18.906  1.00 44.87 ? 370 HOH A O   1 
HETATM 1739 O O   . HOH B 2 .   ? -0.221  -2.538  -20.093 1.00 49.79 ? 371 HOH A O   1 
# 
loop_
_pdbx_poly_seq_scheme.asym_id 
_pdbx_poly_seq_scheme.entity_id 
_pdbx_poly_seq_scheme.seq_id 
_pdbx_poly_seq_scheme.mon_id 
_pdbx_poly_seq_scheme.ndb_seq_num 
_pdbx_poly_seq_scheme.pdb_seq_num 
_pdbx_poly_seq_scheme.auth_seq_num 
_pdbx_poly_seq_scheme.pdb_mon_id 
_pdbx_poly_seq_scheme.auth_mon_id 
_pdbx_poly_seq_scheme.pdb_strand_id 
_pdbx_poly_seq_scheme.pdb_ins_code 
_pdbx_poly_seq_scheme.hetero 
A 1 1   MET 1   13  ?   ?   ?   A . n 
A 1 2   GLY 2   14  ?   ?   ?   A . n 
A 1 3   SER 3   15  ?   ?   ?   A . n 
A 1 4   SER 4   16  ?   ?   ?   A . n 
A 1 5   HIS 5   17  ?   ?   ?   A . n 
A 1 6   HIS 6   18  ?   ?   ?   A . n 
A 1 7   HIS 7   19  ?   ?   ?   A . n 
A 1 8   HIS 8   20  ?   ?   ?   A . n 
A 1 9   HIS 9   21  ?   ?   ?   A . n 
A 1 10  HIS 10  22  ?   ?   ?   A . n 
A 1 11  SER 11  23  ?   ?   ?   A . n 
A 1 12  SER 12  24  ?   ?   ?   A . n 
A 1 13  GLY 13  25  ?   ?   ?   A . n 
A 1 14  LEU 14  26  ?   ?   ?   A . n 
A 1 15  VAL 15  27  ?   ?   ?   A . n 
A 1 16  PRO 16  28  ?   ?   ?   A . n 
A 1 17  ARG 17  29  ?   ?   ?   A . n 
A 1 18  GLY 18  30  ?   ?   ?   A . n 
A 1 19  SER 19  31  ?   ?   ?   A . n 
A 1 20  HIS 20  32  ?   ?   ?   A . n 
A 1 21  MET 21  33  ?   ?   ?   A . n 
A 1 22  ALA 22  34  ?   ?   ?   A . n 
A 1 23  SER 23  35  ?   ?   ?   A . n 
A 1 24  GLU 24  36  36  GLU GLU A . n 
A 1 25  THR 25  37  37  THR THR A . n 
A 1 26  ILE 26  38  38  ILE ILE A . n 
A 1 27  THR 27  39  39  THR THR A . n 
A 1 28  VAL 28  40  40  VAL VAL A . n 
A 1 29  SER 29  41  41  SER SER A . n 
A 1 30  THR 30  42  42  THR THR A . n 
A 1 31  PRO 31  43  43  PRO PRO A . n 
A 1 32  ILE 32  44  44  ILE ILE A . n 
A 1 33  LYS 33  45  45  LYS LYS A . n 
A 1 34  GLN 34  46  46  GLN GLN A . n 
A 1 35  ILE 35  47  47  ILE ILE A . n 
A 1 36  PHE 36  48  48  PHE PHE A . n 
A 1 37  PRO 37  49  49  PRO PRO A . n 
A 1 38  ASP 38  50  50  ASP ASP A . n 
A 1 39  ALA 39  51  51  ALA ALA A . n 
A 1 40  ALA 40  52  52  ALA ALA A . n 
A 1 41  PHE 41  53  53  PHE PHE A . n 
A 1 42  ALA 42  54  54  ALA ALA A . n 
A 1 43  GLU 43  55  55  GLU GLU A . n 
A 1 44  THR 44  56  56  THR THR A . n 
A 1 45  ILE 45  57  57  ILE ILE A . n 
A 1 46  LYS 46  58  58  LYS LYS A . n 
A 1 47  ALA 47  59  59  ALA ALA A . n 
A 1 48  ASN 48  60  60  ASN ASN A . n 
A 1 49  LEU 49  61  61  LEU LEU A . n 
A 1 50  LYS 50  62  62  LYS LYS A . n 
A 1 51  LYS 51  63  63  LYS LYS A . n 
A 1 52  LYS 52  64  64  LYS LYS A . n 
A 1 53  SER 53  65  65  SER SER A . n 
A 1 54  VAL 54  66  66  VAL VAL A . n 
A 1 55  THR 55  67  67  THR THR A . n 
A 1 56  ASP 56  68  68  ASP ASP A . n 
A 1 57  ALA 57  69  69  ALA ALA A . n 
A 1 58  VAL 58  70  70  VAL VAL A . n 
A 1 59  THR 59  71  71  THR THR A . n 
A 1 60  GLN 60  72  72  GLN GLN A . n 
A 1 61  ASN 61  73  73  ASN ASN A . n 
A 1 62  GLU 62  74  74  GLU GLU A . n 
A 1 63  LEU 63  75  75  LEU LEU A . n 
A 1 64  ASN 64  76  76  ASN ASN A . n 
A 1 65  SER 65  77  77  SER SER A . n 
A 1 66  ILE 66  78  78  ILE ILE A . n 
A 1 67  ASP 67  79  79  ASP ASP A . n 
A 1 68  GLN 68  80  80  GLN GLN A . n 
A 1 69  ILE 69  81  81  ILE ILE A . n 
A 1 70  ILE 70  82  82  ILE ILE A . n 
A 1 71  ALA 71  83  83  ALA ALA A . n 
A 1 72  ASN 72  84  84  ASN ASN A . n 
A 1 73  ASN 73  85  85  ASN ASN A . n 
A 1 74  SER 74  86  86  SER SER A . n 
A 1 75  ASP 75  87  87  ASP ASP A . n 
A 1 76  ILE 76  88  88  ILE ILE A . n 
A 1 77  LYS 77  89  89  LYS LYS A . n 
A 1 78  SER 78  90  90  SER SER A . n 
A 1 79  VAL 79  91  91  VAL VAL A . n 
A 1 80  GLN 80  92  92  GLN GLN A . n 
A 1 81  GLY 81  93  93  GLY GLY A . n 
A 1 82  ILE 82  94  94  ILE ILE A . n 
A 1 83  GLN 83  95  95  GLN GLN A . n 
A 1 84  TYR 84  96  96  TYR TYR A . n 
A 1 85  LEU 85  97  97  LEU LEU A . n 
A 1 86  PRO 86  98  98  PRO PRO A . n 
A 1 87  ASN 87  99  99  ASN ASN A . n 
A 1 88  VAL 88  100 100 VAL VAL A . n 
A 1 89  THR 89  101 101 THR THR A . n 
A 1 90  LYS 90  102 102 LYS LYS A . n 
A 1 91  LEU 91  103 103 LEU LEU A . n 
A 1 92  PHE 92  104 104 PHE PHE A . n 
A 1 93  LEU 93  105 105 LEU LEU A . n 
A 1 94  ASN 94  106 106 ASN ASN A . n 
A 1 95  GLY 95  107 107 GLY GLY A . n 
A 1 96  ASN 96  108 108 ASN ASN A . n 
A 1 97  LYS 97  109 109 LYS LYS A . n 
A 1 98  LEU 98  110 110 LEU LEU A . n 
A 1 99  THR 99  111 111 THR THR A . n 
A 1 100 ASP 100 112 112 ASP ASP A . n 
A 1 101 ILE 101 113 113 ILE ILE A . n 
A 1 102 LYS 102 114 114 LYS LYS A . n 
A 1 103 PRO 103 115 115 PRO PRO A . n 
A 1 104 LEU 104 116 116 LEU LEU A . n 
A 1 105 THR 105 117 117 THR THR A . n 
A 1 106 ASN 106 118 118 ASN ASN A . n 
A 1 107 LEU 107 119 119 LEU LEU A . n 
A 1 108 LYS 108 120 120 LYS LYS A . n 
A 1 109 ASN 109 121 121 ASN ASN A . n 
A 1 110 LEU 110 122 122 LEU LEU A . n 
A 1 111 GLY 111 123 123 GLY GLY A . n 
A 1 112 TRP 112 124 124 TRP TRP A . n 
A 1 113 LEU 113 125 125 LEU LEU A . n 
A 1 114 PHE 114 126 126 PHE PHE A . n 
A 1 115 LEU 115 127 127 LEU LEU A . n 
A 1 116 ASP 116 128 128 ASP ASP A . n 
A 1 117 GLU 117 129 129 GLU GLU A . n 
A 1 118 ASN 118 130 130 ASN ASN A . n 
A 1 119 LYS 119 131 131 LYS LYS A . n 
A 1 120 ILE 120 132 132 ILE ILE A . n 
A 1 121 LYS 121 133 133 LYS LYS A . n 
A 1 122 ASP 122 134 134 ASP ASP A . n 
A 1 123 LEU 123 135 135 LEU LEU A . n 
A 1 124 SER 124 136 136 SER SER A . n 
A 1 125 SER 125 137 137 SER SER A . n 
A 1 126 LEU 126 138 138 LEU LEU A . n 
A 1 127 LYS 127 139 139 LYS LYS A . n 
A 1 128 ASP 128 140 140 ASP ASP A . n 
A 1 129 LEU 129 141 141 LEU LEU A . n 
A 1 130 LYS 130 142 142 LYS LYS A . n 
A 1 131 LYS 131 143 143 LYS LYS A . n 
A 1 132 LEU 132 144 144 LEU LEU A . n 
A 1 133 LYS 133 145 145 LYS LYS A . n 
A 1 134 SER 134 146 146 SER SER A . n 
A 1 135 LEU 135 147 147 LEU LEU A . n 
A 1 136 SER 136 148 148 SER SER A . n 
A 1 137 LEU 137 149 149 LEU LEU A . n 
A 1 138 GLU 138 150 150 GLU GLU A . n 
A 1 139 HIS 139 151 151 HIS HIS A . n 
A 1 140 ASN 140 152 152 ASN ASN A . n 
A 1 141 GLY 141 153 153 GLY GLY A . n 
A 1 142 ILE 142 154 154 ILE ILE A . n 
A 1 143 SER 143 155 155 SER SER A . n 
A 1 144 ASP 144 156 156 ASP ASP A . n 
A 1 145 ILE 145 157 157 ILE ILE A . n 
A 1 146 ASN 146 158 158 ASN ASN A . n 
A 1 147 GLY 147 159 159 GLY GLY A . n 
A 1 148 LEU 148 160 160 LEU LEU A . n 
A 1 149 VAL 149 161 161 VAL VAL A . n 
A 1 150 HIS 150 162 162 HIS HIS A . n 
A 1 151 LEU 151 163 163 LEU LEU A . n 
A 1 152 PRO 152 164 164 PRO PRO A . n 
A 1 153 GLN 153 165 165 GLN GLN A . n 
A 1 154 LEU 154 166 166 LEU LEU A . n 
A 1 155 GLU 155 167 167 GLU GLU A . n 
A 1 156 SER 156 168 168 SER SER A . n 
A 1 157 LEU 157 169 169 LEU LEU A . n 
A 1 158 TYR 158 170 170 TYR TYR A . n 
A 1 159 LEU 159 171 171 LEU LEU A . n 
A 1 160 GLY 160 172 172 GLY GLY A . n 
A 1 161 ASN 161 173 173 ASN ASN A . n 
A 1 162 ASN 162 174 174 ASN ASN A . n 
A 1 163 LYS 163 175 175 LYS LYS A . n 
A 1 164 ILE 164 176 176 ILE ILE A . n 
A 1 165 THR 165 177 177 THR THR A . n 
A 1 166 ASP 166 178 178 ASP ASP A . n 
A 1 167 ILE 167 179 179 ILE ILE A . n 
A 1 168 THR 168 180 180 THR THR A . n 
A 1 169 VAL 169 181 181 VAL VAL A . n 
A 1 170 LEU 170 182 182 LEU LEU A . n 
A 1 171 SER 171 183 183 SER SER A . n 
A 1 172 ARG 172 184 184 ARG ARG A . n 
A 1 173 LEU 173 185 185 LEU LEU A . n 
A 1 174 THR 174 186 186 THR THR A . n 
A 1 175 LYS 175 187 187 LYS LYS A . n 
A 1 176 LEU 176 188 188 LEU LEU A . n 
A 1 177 ASP 177 189 189 ASP ASP A . n 
A 1 178 THR 178 190 190 THR THR A . n 
A 1 179 LEU 179 191 191 LEU LEU A . n 
A 1 180 SER 180 192 192 SER SER A . n 
A 1 181 LEU 181 193 193 LEU LEU A . n 
A 1 182 GLU 182 194 194 GLU GLU A . n 
A 1 183 ASP 183 195 195 ASP ASP A . n 
A 1 184 ASN 184 196 196 ASN ASN A . n 
A 1 185 GLN 185 197 197 GLN GLN A . n 
A 1 186 ILE 186 198 198 ILE ILE A . n 
A 1 187 SER 187 199 199 SER SER A . n 
A 1 188 ASP 188 200 200 ASP ASP A . n 
A 1 189 ILE 189 201 201 ILE ILE A . n 
A 1 190 VAL 190 202 202 VAL VAL A . n 
A 1 191 PRO 191 203 203 PRO PRO A . n 
A 1 192 LEU 192 204 204 LEU LEU A . n 
A 1 193 ALA 193 205 205 ALA ALA A . n 
A 1 194 GLY 194 206 206 GLY GLY A . n 
A 1 195 LEU 195 207 207 LEU LEU A . n 
A 1 196 THR 196 208 208 THR THR A . n 
A 1 197 LYS 197 209 209 LYS LYS A . n 
A 1 198 LEU 198 210 210 LEU LEU A . n 
A 1 199 GLN 199 211 211 GLN GLN A . n 
A 1 200 ASN 200 212 212 ASN ASN A . n 
A 1 201 LEU 201 213 213 LEU LEU A . n 
A 1 202 TYR 202 214 214 TYR TYR A . n 
A 1 203 LEU 203 215 215 LEU LEU A . n 
A 1 204 SER 204 216 216 SER SER A . n 
A 1 205 LYS 205 217 217 LYS LYS A . n 
A 1 206 ASN 206 218 218 ASN ASN A . n 
A 1 207 HIS 207 219 219 HIS HIS A . n 
A 1 208 ILE 208 220 220 ILE ILE A . n 
A 1 209 SER 209 221 221 SER SER A . n 
A 1 210 ASP 210 222 222 ASP ASP A . n 
A 1 211 LEU 211 223 223 LEU LEU A . n 
A 1 212 ARG 212 224 224 ARG ARG A . n 
A 1 213 ALA 213 225 225 ALA ALA A . n 
A 1 214 LEU 214 226 226 LEU LEU A . n 
A 1 215 ALA 215 227 227 ALA ALA A . n 
A 1 216 GLY 216 228 228 GLY GLY A . n 
A 1 217 LEU 217 229 229 LEU LEU A . n 
A 1 218 LYS 218 230 230 LYS LYS A . n 
A 1 219 ASN 219 231 231 ASN ASN A . n 
A 1 220 LEU 220 232 232 LEU LEU A . n 
A 1 221 ASP 221 233 233 ASP ASP A . n 
A 1 222 VAL 222 234 234 VAL VAL A . n 
A 1 223 LEU 223 235 235 LEU LEU A . n 
A 1 224 GLU 224 236 236 GLU GLU A . n 
A 1 225 LEU 225 237 237 LEU LEU A . n 
A 1 226 PHE 226 238 238 PHE PHE A . n 
A 1 227 SER 227 239 239 SER SER A . n 
A 1 228 GLN 228 240 240 GLN GLN A . n 
A 1 229 GLU 229 241 241 GLU GLU A . n 
A 1 230 CYS 230 242 242 CYS CYS A . n 
A 1 231 LEU 231 243 ?   ?   ?   A . n 
A 1 232 ASN 232 244 ?   ?   ?   A . n 
A 1 233 LYS 233 245 ?   ?   ?   A . n 
A 1 234 PRO 234 246 ?   ?   ?   A . n 
A 1 235 ILE 235 247 ?   ?   ?   A . n 
A 1 236 ASN 236 248 ?   ?   ?   A . n 
# 
loop_
_pdbx_nonpoly_scheme.asym_id 
_pdbx_nonpoly_scheme.entity_id 
_pdbx_nonpoly_scheme.mon_id 
_pdbx_nonpoly_scheme.ndb_seq_num 
_pdbx_nonpoly_scheme.pdb_seq_num 
_pdbx_nonpoly_scheme.auth_seq_num 
_pdbx_nonpoly_scheme.pdb_mon_id 
_pdbx_nonpoly_scheme.auth_mon_id 
_pdbx_nonpoly_scheme.pdb_strand_id 
_pdbx_nonpoly_scheme.pdb_ins_code 
B 2 HOH 1   249 1   HOH HOH A . 
B 2 HOH 2   250 2   HOH HOH A . 
B 2 HOH 3   251 3   HOH HOH A . 
B 2 HOH 4   252 4   HOH HOH A . 
B 2 HOH 5   253 5   HOH HOH A . 
B 2 HOH 6   254 6   HOH HOH A . 
B 2 HOH 7   255 7   HOH HOH A . 
B 2 HOH 8   256 8   HOH HOH A . 
B 2 HOH 9   257 9   HOH HOH A . 
B 2 HOH 10  258 10  HOH HOH A . 
B 2 HOH 11  259 11  HOH HOH A . 
B 2 HOH 12  260 12  HOH HOH A . 
B 2 HOH 13  261 13  HOH HOH A . 
B 2 HOH 14  262 14  HOH HOH A . 
B 2 HOH 15  263 15  HOH HOH A . 
B 2 HOH 16  264 16  HOH HOH A . 
B 2 HOH 17  265 17  HOH HOH A . 
B 2 HOH 18  266 18  HOH HOH A . 
B 2 HOH 19  267 19  HOH HOH A . 
B 2 HOH 20  268 20  HOH HOH A . 
B 2 HOH 21  269 21  HOH HOH A . 
B 2 HOH 22  270 22  HOH HOH A . 
B 2 HOH 23  271 23  HOH HOH A . 
B 2 HOH 24  272 24  HOH HOH A . 
B 2 HOH 25  273 25  HOH HOH A . 
B 2 HOH 26  274 26  HOH HOH A . 
B 2 HOH 27  275 27  HOH HOH A . 
B 2 HOH 28  276 28  HOH HOH A . 
B 2 HOH 29  277 29  HOH HOH A . 
B 2 HOH 30  278 30  HOH HOH A . 
B 2 HOH 31  279 31  HOH HOH A . 
B 2 HOH 32  280 32  HOH HOH A . 
B 2 HOH 33  281 33  HOH HOH A . 
B 2 HOH 34  282 34  HOH HOH A . 
B 2 HOH 35  283 35  HOH HOH A . 
B 2 HOH 36  284 36  HOH HOH A . 
B 2 HOH 37  285 37  HOH HOH A . 
B 2 HOH 38  286 38  HOH HOH A . 
B 2 HOH 39  287 39  HOH HOH A . 
B 2 HOH 40  288 40  HOH HOH A . 
B 2 HOH 41  289 41  HOH HOH A . 
B 2 HOH 42  290 42  HOH HOH A . 
B 2 HOH 43  291 43  HOH HOH A . 
B 2 HOH 44  292 44  HOH HOH A . 
B 2 HOH 45  293 45  HOH HOH A . 
B 2 HOH 46  294 46  HOH HOH A . 
B 2 HOH 47  295 47  HOH HOH A . 
B 2 HOH 48  296 48  HOH HOH A . 
B 2 HOH 49  297 49  HOH HOH A . 
B 2 HOH 50  298 50  HOH HOH A . 
B 2 HOH 51  299 51  HOH HOH A . 
B 2 HOH 52  300 52  HOH HOH A . 
B 2 HOH 53  301 53  HOH HOH A . 
B 2 HOH 54  302 54  HOH HOH A . 
B 2 HOH 55  303 55  HOH HOH A . 
B 2 HOH 56  304 56  HOH HOH A . 
B 2 HOH 57  305 57  HOH HOH A . 
B 2 HOH 58  306 58  HOH HOH A . 
B 2 HOH 59  307 59  HOH HOH A . 
B 2 HOH 60  308 60  HOH HOH A . 
B 2 HOH 61  309 61  HOH HOH A . 
B 2 HOH 62  310 62  HOH HOH A . 
B 2 HOH 63  311 63  HOH HOH A . 
B 2 HOH 64  312 64  HOH HOH A . 
B 2 HOH 65  313 65  HOH HOH A . 
B 2 HOH 66  314 66  HOH HOH A . 
B 2 HOH 67  315 67  HOH HOH A . 
B 2 HOH 68  316 68  HOH HOH A . 
B 2 HOH 69  317 69  HOH HOH A . 
B 2 HOH 70  318 70  HOH HOH A . 
B 2 HOH 71  319 71  HOH HOH A . 
B 2 HOH 72  320 72  HOH HOH A . 
B 2 HOH 73  321 73  HOH HOH A . 
B 2 HOH 74  322 74  HOH HOH A . 
B 2 HOH 75  323 75  HOH HOH A . 
B 2 HOH 76  324 76  HOH HOH A . 
B 2 HOH 77  325 77  HOH HOH A . 
B 2 HOH 78  326 78  HOH HOH A . 
B 2 HOH 79  327 79  HOH HOH A . 
B 2 HOH 80  328 80  HOH HOH A . 
B 2 HOH 81  329 81  HOH HOH A . 
B 2 HOH 82  330 82  HOH HOH A . 
B 2 HOH 83  331 83  HOH HOH A . 
B 2 HOH 84  332 84  HOH HOH A . 
B 2 HOH 85  333 85  HOH HOH A . 
B 2 HOH 86  334 86  HOH HOH A . 
B 2 HOH 87  335 87  HOH HOH A . 
B 2 HOH 88  336 88  HOH HOH A . 
B 2 HOH 89  337 89  HOH HOH A . 
B 2 HOH 90  338 90  HOH HOH A . 
B 2 HOH 91  339 91  HOH HOH A . 
B 2 HOH 92  340 92  HOH HOH A . 
B 2 HOH 93  341 93  HOH HOH A . 
B 2 HOH 94  342 94  HOH HOH A . 
B 2 HOH 95  343 95  HOH HOH A . 
B 2 HOH 96  344 96  HOH HOH A . 
B 2 HOH 97  345 97  HOH HOH A . 
B 2 HOH 98  346 98  HOH HOH A . 
B 2 HOH 99  347 99  HOH HOH A . 
B 2 HOH 100 348 100 HOH HOH A . 
B 2 HOH 101 349 101 HOH HOH A . 
B 2 HOH 102 350 102 HOH HOH A . 
B 2 HOH 103 351 103 HOH HOH A . 
B 2 HOH 104 352 104 HOH HOH A . 
B 2 HOH 105 353 105 HOH HOH A . 
B 2 HOH 106 354 106 HOH HOH A . 
B 2 HOH 107 355 107 HOH HOH A . 
B 2 HOH 108 356 108 HOH HOH A . 
B 2 HOH 109 357 109 HOH HOH A . 
B 2 HOH 110 358 110 HOH HOH A . 
B 2 HOH 111 359 111 HOH HOH A . 
B 2 HOH 112 360 112 HOH HOH A . 
B 2 HOH 113 361 113 HOH HOH A . 
B 2 HOH 114 362 114 HOH HOH A . 
B 2 HOH 115 363 115 HOH HOH A . 
B 2 HOH 116 364 116 HOH HOH A . 
B 2 HOH 117 365 117 HOH HOH A . 
B 2 HOH 118 366 118 HOH HOH A . 
B 2 HOH 119 367 119 HOH HOH A . 
B 2 HOH 120 368 120 HOH HOH A . 
B 2 HOH 121 369 121 HOH HOH A . 
B 2 HOH 122 370 122 HOH HOH A . 
B 2 HOH 123 371 123 HOH HOH A . 
# 
_pdbx_struct_assembly.id                   1 
_pdbx_struct_assembly.details              author_defined_assembly 
_pdbx_struct_assembly.method_details       ? 
_pdbx_struct_assembly.oligomeric_details   monomeric 
_pdbx_struct_assembly.oligomeric_count     1 
# 
_pdbx_struct_assembly_gen.assembly_id       1 
_pdbx_struct_assembly_gen.oper_expression   1 
_pdbx_struct_assembly_gen.asym_id_list      A,B 
# 
_pdbx_struct_oper_list.id                   1 
_pdbx_struct_oper_list.type                 'identity operation' 
_pdbx_struct_oper_list.name                 1_555 
_pdbx_struct_oper_list.symmetry_operation   x,y,z 
_pdbx_struct_oper_list.matrix[1][1]         1.0000000000 
_pdbx_struct_oper_list.matrix[1][2]         0.0000000000 
_pdbx_struct_oper_list.matrix[1][3]         0.0000000000 
_pdbx_struct_oper_list.vector[1]            0.0000000000 
_pdbx_struct_oper_list.matrix[2][1]         0.0000000000 
_pdbx_struct_oper_list.matrix[2][2]         1.0000000000 
_pdbx_struct_oper_list.matrix[2][3]         0.0000000000 
_pdbx_struct_oper_list.vector[2]            0.0000000000 
_pdbx_struct_oper_list.matrix[3][1]         0.0000000000 
_pdbx_struct_oper_list.matrix[3][2]         0.0000000000 
_pdbx_struct_oper_list.matrix[3][3]         1.0000000000 
_pdbx_struct_oper_list.vector[3]            0.0000000000 
# 
loop_
_pdbx_audit_revision_history.ordinal 
_pdbx_audit_revision_history.data_content_type 
_pdbx_audit_revision_history.major_revision 
_pdbx_audit_revision_history.minor_revision 
_pdbx_audit_revision_history.revision_date 
1 'Structure model' 1 0 2004-03-30 
2 'Structure model' 1 1 2008-04-29 
3 'Structure model' 1 2 2011-07-13 
4 'Structure model' 1 3 2017-10-11 
5 'Structure model' 1 4 2021-10-27 
6 'Structure model' 1 5 2023-08-16 
# 
_pdbx_audit_revision_details.ordinal             1 
_pdbx_audit_revision_details.revision_ordinal    1 
_pdbx_audit_revision_details.data_content_type   'Structure model' 
_pdbx_audit_revision_details.provider            repository 
_pdbx_audit_revision_details.type                'Initial release' 
_pdbx_audit_revision_details.description         ? 
_pdbx_audit_revision_details.details             ? 
# 
loop_
_pdbx_audit_revision_group.ordinal 
_pdbx_audit_revision_group.revision_ordinal 
_pdbx_audit_revision_group.data_content_type 
_pdbx_audit_revision_group.group 
1 2 'Structure model' 'Version format compliance' 
2 3 'Structure model' 'Version format compliance' 
3 4 'Structure model' Advisory                    
4 4 'Structure model' 'Refinement description'    
5 5 'Structure model' Advisory                    
6 5 'Structure model' 'Database references'       
7 6 'Structure model' 'Data collection'           
8 6 'Structure model' 'Refinement description'    
# 
loop_
_pdbx_audit_revision_category.ordinal 
_pdbx_audit_revision_category.revision_ordinal 
_pdbx_audit_revision_category.data_content_type 
_pdbx_audit_revision_category.category 
1 4 'Structure model' pdbx_unobs_or_zero_occ_atoms  
2 4 'Structure model' software                      
3 5 'Structure model' database_2                    
4 5 'Structure model' pdbx_unobs_or_zero_occ_atoms  
5 5 'Structure model' struct_ref_seq_dif            
6 6 'Structure model' chem_comp_atom                
7 6 'Structure model' chem_comp_bond                
8 6 'Structure model' pdbx_initial_refinement_model 
# 
loop_
_pdbx_audit_revision_item.ordinal 
_pdbx_audit_revision_item.revision_ordinal 
_pdbx_audit_revision_item.data_content_type 
_pdbx_audit_revision_item.item 
1 5 'Structure model' '_database_2.pdbx_DOI'                
2 5 'Structure model' '_database_2.pdbx_database_accession' 
3 5 'Structure model' '_struct_ref_seq_dif.details'         
# 
loop_
_software.name 
_software.classification 
_software.version 
_software.citation_id 
_software.pdbx_ordinal 
MAR345    'data collection' . ? 1 
SCALEPACK 'data scaling'    . ? 2 
CNS       refinement        . ? 3 
CNS       phasing           . ? 4 
# 
loop_
_pdbx_validate_torsion.id 
_pdbx_validate_torsion.PDB_model_num 
_pdbx_validate_torsion.auth_comp_id 
_pdbx_validate_torsion.auth_asym_id 
_pdbx_validate_torsion.auth_seq_id 
_pdbx_validate_torsion.PDB_ins_code 
_pdbx_validate_torsion.label_alt_id 
_pdbx_validate_torsion.phi 
_pdbx_validate_torsion.psi 
1 1 ALA A 83  ? ? -140.91 52.75   
2 1 LEU A 97  ? ? -118.28 75.81   
3 1 ASN A 108 ? ? -123.38 -158.67 
4 1 THR A 111 ? ? -136.24 -35.20  
5 1 ASN A 174 ? ? -135.63 -157.18 
6 1 ASP A 195 ? ? 60.64   61.38   
7 1 ASN A 196 ? ? -138.63 -149.08 
# 
loop_
_pdbx_unobs_or_zero_occ_atoms.id 
_pdbx_unobs_or_zero_occ_atoms.PDB_model_num 
_pdbx_unobs_or_zero_occ_atoms.polymer_flag 
_pdbx_unobs_or_zero_occ_atoms.occupancy_flag 
_pdbx_unobs_or_zero_occ_atoms.auth_asym_id 
_pdbx_unobs_or_zero_occ_atoms.auth_comp_id 
_pdbx_unobs_or_zero_occ_atoms.auth_seq_id 
_pdbx_unobs_or_zero_occ_atoms.PDB_ins_code 
_pdbx_unobs_or_zero_occ_atoms.auth_atom_id 
_pdbx_unobs_or_zero_occ_atoms.label_alt_id 
_pdbx_unobs_or_zero_occ_atoms.label_asym_id 
_pdbx_unobs_or_zero_occ_atoms.label_comp_id 
_pdbx_unobs_or_zero_occ_atoms.label_seq_id 
_pdbx_unobs_or_zero_occ_atoms.label_atom_id 
1  1 Y 0 A LYS 62  ? CE  ? A LYS 50  CE  
2  1 Y 0 A LYS 62  ? NZ  ? A LYS 50  NZ  
3  1 Y 0 A LYS 64  ? CD  ? A LYS 52  CD  
4  1 Y 0 A LYS 64  ? CE  ? A LYS 52  CE  
5  1 Y 0 A LYS 64  ? NZ  ? A LYS 52  NZ  
6  1 Y 0 A LYS 120 ? CE  ? A LYS 108 CE  
7  1 Y 0 A LYS 120 ? NZ  ? A LYS 108 NZ  
8  1 Y 0 A LYS 217 ? CE  ? A LYS 205 CE  
9  1 Y 0 A LYS 217 ? NZ  ? A LYS 205 NZ  
10 1 Y 0 A GLU 241 ? CD  ? A GLU 229 CD  
11 1 Y 0 A GLU 241 ? OE1 ? A GLU 229 OE1 
12 1 Y 0 A GLU 241 ? OE2 ? A GLU 229 OE2 
# 
loop_
_pdbx_unobs_or_zero_occ_residues.id 
_pdbx_unobs_or_zero_occ_residues.PDB_model_num 
_pdbx_unobs_or_zero_occ_residues.polymer_flag 
_pdbx_unobs_or_zero_occ_residues.occupancy_flag 
_pdbx_unobs_or_zero_occ_residues.auth_asym_id 
_pdbx_unobs_or_zero_occ_residues.auth_comp_id 
_pdbx_unobs_or_zero_occ_residues.auth_seq_id 
_pdbx_unobs_or_zero_occ_residues.PDB_ins_code 
_pdbx_unobs_or_zero_occ_residues.label_asym_id 
_pdbx_unobs_or_zero_occ_residues.label_comp_id 
_pdbx_unobs_or_zero_occ_residues.label_seq_id 
1  1 Y 1 A MET 13  ? A MET 1   
2  1 Y 1 A GLY 14  ? A GLY 2   
3  1 Y 1 A SER 15  ? A SER 3   
4  1 Y 1 A SER 16  ? A SER 4   
5  1 Y 1 A HIS 17  ? A HIS 5   
6  1 Y 1 A HIS 18  ? A HIS 6   
7  1 Y 1 A HIS 19  ? A HIS 7   
8  1 Y 1 A HIS 20  ? A HIS 8   
9  1 Y 1 A HIS 21  ? A HIS 9   
10 1 Y 1 A HIS 22  ? A HIS 10  
11 1 Y 1 A SER 23  ? A SER 11  
12 1 Y 1 A SER 24  ? A SER 12  
13 1 Y 1 A GLY 25  ? A GLY 13  
14 1 Y 1 A LEU 26  ? A LEU 14  
15 1 Y 1 A VAL 27  ? A VAL 15  
16 1 Y 1 A PRO 28  ? A PRO 16  
17 1 Y 1 A ARG 29  ? A ARG 17  
18 1 Y 1 A GLY 30  ? A GLY 18  
19 1 Y 1 A SER 31  ? A SER 19  
20 1 Y 1 A HIS 32  ? A HIS 20  
21 1 Y 1 A MET 33  ? A MET 21  
22 1 Y 1 A ALA 34  ? A ALA 22  
23 1 Y 1 A SER 35  ? A SER 23  
24 1 Y 1 A LEU 243 ? A LEU 231 
25 1 Y 1 A ASN 244 ? A ASN 232 
26 1 Y 1 A LYS 245 ? A LYS 233 
27 1 Y 1 A PRO 246 ? A PRO 234 
28 1 Y 1 A ILE 247 ? A ILE 235 
29 1 Y 1 A ASN 248 ? A ASN 236 
# 
loop_
_chem_comp_atom.comp_id 
_chem_comp_atom.atom_id 
_chem_comp_atom.type_symbol 
_chem_comp_atom.pdbx_aromatic_flag 
_chem_comp_atom.pdbx_stereo_config 
_chem_comp_atom.pdbx_ordinal 
ALA N    N N N 1   
ALA CA   C N S 2   
ALA C    C N N 3   
ALA O    O N N 4   
ALA CB   C N N 5   
ALA OXT  O N N 6   
ALA H    H N N 7   
ALA H2   H N N 8   
ALA HA   H N N 9   
ALA HB1  H N N 10  
ALA HB2  H N N 11  
ALA HB3  H N N 12  
ALA HXT  H N N 13  
ARG N    N N N 14  
ARG CA   C N S 15  
ARG C    C N N 16  
ARG O    O N N 17  
ARG CB   C N N 18  
ARG CG   C N N 19  
ARG CD   C N N 20  
ARG NE   N N N 21  
ARG CZ   C N N 22  
ARG NH1  N N N 23  
ARG NH2  N N N 24  
ARG OXT  O N N 25  
ARG H    H N N 26  
ARG H2   H N N 27  
ARG HA   H N N 28  
ARG HB2  H N N 29  
ARG HB3  H N N 30  
ARG HG2  H N N 31  
ARG HG3  H N N 32  
ARG HD2  H N N 33  
ARG HD3  H N N 34  
ARG HE   H N N 35  
ARG HH11 H N N 36  
ARG HH12 H N N 37  
ARG HH21 H N N 38  
ARG HH22 H N N 39  
ARG HXT  H N N 40  
ASN N    N N N 41  
ASN CA   C N S 42  
ASN C    C N N 43  
ASN O    O N N 44  
ASN CB   C N N 45  
ASN CG   C N N 46  
ASN OD1  O N N 47  
ASN ND2  N N N 48  
ASN OXT  O N N 49  
ASN H    H N N 50  
ASN H2   H N N 51  
ASN HA   H N N 52  
ASN HB2  H N N 53  
ASN HB3  H N N 54  
ASN HD21 H N N 55  
ASN HD22 H N N 56  
ASN HXT  H N N 57  
ASP N    N N N 58  
ASP CA   C N S 59  
ASP C    C N N 60  
ASP O    O N N 61  
ASP CB   C N N 62  
ASP CG   C N N 63  
ASP OD1  O N N 64  
ASP OD2  O N N 65  
ASP OXT  O N N 66  
ASP H    H N N 67  
ASP H2   H N N 68  
ASP HA   H N N 69  
ASP HB2  H N N 70  
ASP HB3  H N N 71  
ASP HD2  H N N 72  
ASP HXT  H N N 73  
CYS N    N N N 74  
CYS CA   C N R 75  
CYS C    C N N 76  
CYS O    O N N 77  
CYS CB   C N N 78  
CYS SG   S N N 79  
CYS OXT  O N N 80  
CYS H    H N N 81  
CYS H2   H N N 82  
CYS HA   H N N 83  
CYS HB2  H N N 84  
CYS HB3  H N N 85  
CYS HG   H N N 86  
CYS HXT  H N N 87  
GLN N    N N N 88  
GLN CA   C N S 89  
GLN C    C N N 90  
GLN O    O N N 91  
GLN CB   C N N 92  
GLN CG   C N N 93  
GLN CD   C N N 94  
GLN OE1  O N N 95  
GLN NE2  N N N 96  
GLN OXT  O N N 97  
GLN H    H N N 98  
GLN H2   H N N 99  
GLN HA   H N N 100 
GLN HB2  H N N 101 
GLN HB3  H N N 102 
GLN HG2  H N N 103 
GLN HG3  H N N 104 
GLN HE21 H N N 105 
GLN HE22 H N N 106 
GLN HXT  H N N 107 
GLU N    N N N 108 
GLU CA   C N S 109 
GLU C    C N N 110 
GLU O    O N N 111 
GLU CB   C N N 112 
GLU CG   C N N 113 
GLU CD   C N N 114 
GLU OE1  O N N 115 
GLU OE2  O N N 116 
GLU OXT  O N N 117 
GLU H    H N N 118 
GLU H2   H N N 119 
GLU HA   H N N 120 
GLU HB2  H N N 121 
GLU HB3  H N N 122 
GLU HG2  H N N 123 
GLU HG3  H N N 124 
GLU HE2  H N N 125 
GLU HXT  H N N 126 
GLY N    N N N 127 
GLY CA   C N N 128 
GLY C    C N N 129 
GLY O    O N N 130 
GLY OXT  O N N 131 
GLY H    H N N 132 
GLY H2   H N N 133 
GLY HA2  H N N 134 
GLY HA3  H N N 135 
GLY HXT  H N N 136 
HIS N    N N N 137 
HIS CA   C N S 138 
HIS C    C N N 139 
HIS O    O N N 140 
HIS CB   C N N 141 
HIS CG   C Y N 142 
HIS ND1  N Y N 143 
HIS CD2  C Y N 144 
HIS CE1  C Y N 145 
HIS NE2  N Y N 146 
HIS OXT  O N N 147 
HIS H    H N N 148 
HIS H2   H N N 149 
HIS HA   H N N 150 
HIS HB2  H N N 151 
HIS HB3  H N N 152 
HIS HD1  H N N 153 
HIS HD2  H N N 154 
HIS HE1  H N N 155 
HIS HE2  H N N 156 
HIS HXT  H N N 157 
HOH O    O N N 158 
HOH H1   H N N 159 
HOH H2   H N N 160 
ILE N    N N N 161 
ILE CA   C N S 162 
ILE C    C N N 163 
ILE O    O N N 164 
ILE CB   C N S 165 
ILE CG1  C N N 166 
ILE CG2  C N N 167 
ILE CD1  C N N 168 
ILE OXT  O N N 169 
ILE H    H N N 170 
ILE H2   H N N 171 
ILE HA   H N N 172 
ILE HB   H N N 173 
ILE HG12 H N N 174 
ILE HG13 H N N 175 
ILE HG21 H N N 176 
ILE HG22 H N N 177 
ILE HG23 H N N 178 
ILE HD11 H N N 179 
ILE HD12 H N N 180 
ILE HD13 H N N 181 
ILE HXT  H N N 182 
LEU N    N N N 183 
LEU CA   C N S 184 
LEU C    C N N 185 
LEU O    O N N 186 
LEU CB   C N N 187 
LEU CG   C N N 188 
LEU CD1  C N N 189 
LEU CD2  C N N 190 
LEU OXT  O N N 191 
LEU H    H N N 192 
LEU H2   H N N 193 
LEU HA   H N N 194 
LEU HB2  H N N 195 
LEU HB3  H N N 196 
LEU HG   H N N 197 
LEU HD11 H N N 198 
LEU HD12 H N N 199 
LEU HD13 H N N 200 
LEU HD21 H N N 201 
LEU HD22 H N N 202 
LEU HD23 H N N 203 
LEU HXT  H N N 204 
LYS N    N N N 205 
LYS CA   C N S 206 
LYS C    C N N 207 
LYS O    O N N 208 
LYS CB   C N N 209 
LYS CG   C N N 210 
LYS CD   C N N 211 
LYS CE   C N N 212 
LYS NZ   N N N 213 
LYS OXT  O N N 214 
LYS H    H N N 215 
LYS H2   H N N 216 
LYS HA   H N N 217 
LYS HB2  H N N 218 
LYS HB3  H N N 219 
LYS HG2  H N N 220 
LYS HG3  H N N 221 
LYS HD2  H N N 222 
LYS HD3  H N N 223 
LYS HE2  H N N 224 
LYS HE3  H N N 225 
LYS HZ1  H N N 226 
LYS HZ2  H N N 227 
LYS HZ3  H N N 228 
LYS HXT  H N N 229 
MET N    N N N 230 
MET CA   C N S 231 
MET C    C N N 232 
MET O    O N N 233 
MET CB   C N N 234 
MET CG   C N N 235 
MET SD   S N N 236 
MET CE   C N N 237 
MET OXT  O N N 238 
MET H    H N N 239 
MET H2   H N N 240 
MET HA   H N N 241 
MET HB2  H N N 242 
MET HB3  H N N 243 
MET HG2  H N N 244 
MET HG3  H N N 245 
MET HE1  H N N 246 
MET HE2  H N N 247 
MET HE3  H N N 248 
MET HXT  H N N 249 
PHE N    N N N 250 
PHE CA   C N S 251 
PHE C    C N N 252 
PHE O    O N N 253 
PHE CB   C N N 254 
PHE CG   C Y N 255 
PHE CD1  C Y N 256 
PHE CD2  C Y N 257 
PHE CE1  C Y N 258 
PHE CE2  C Y N 259 
PHE CZ   C Y N 260 
PHE OXT  O N N 261 
PHE H    H N N 262 
PHE H2   H N N 263 
PHE HA   H N N 264 
PHE HB2  H N N 265 
PHE HB3  H N N 266 
PHE HD1  H N N 267 
PHE HD2  H N N 268 
PHE HE1  H N N 269 
PHE HE2  H N N 270 
PHE HZ   H N N 271 
PHE HXT  H N N 272 
PRO N    N N N 273 
PRO CA   C N S 274 
PRO C    C N N 275 
PRO O    O N N 276 
PRO CB   C N N 277 
PRO CG   C N N 278 
PRO CD   C N N 279 
PRO OXT  O N N 280 
PRO H    H N N 281 
PRO HA   H N N 282 
PRO HB2  H N N 283 
PRO HB3  H N N 284 
PRO HG2  H N N 285 
PRO HG3  H N N 286 
PRO HD2  H N N 287 
PRO HD3  H N N 288 
PRO HXT  H N N 289 
SER N    N N N 290 
SER CA   C N S 291 
SER C    C N N 292 
SER O    O N N 293 
SER CB   C N N 294 
SER OG   O N N 295 
SER OXT  O N N 296 
SER H    H N N 297 
SER H2   H N N 298 
SER HA   H N N 299 
SER HB2  H N N 300 
SER HB3  H N N 301 
SER HG   H N N 302 
SER HXT  H N N 303 
THR N    N N N 304 
THR CA   C N S 305 
THR C    C N N 306 
THR O    O N N 307 
THR CB   C N R 308 
THR OG1  O N N 309 
THR CG2  C N N 310 
THR OXT  O N N 311 
THR H    H N N 312 
THR H2   H N N 313 
THR HA   H N N 314 
THR HB   H N N 315 
THR HG1  H N N 316 
THR HG21 H N N 317 
THR HG22 H N N 318 
THR HG23 H N N 319 
THR HXT  H N N 320 
TRP N    N N N 321 
TRP CA   C N S 322 
TRP C    C N N 323 
TRP O    O N N 324 
TRP CB   C N N 325 
TRP CG   C Y N 326 
TRP CD1  C Y N 327 
TRP CD2  C Y N 328 
TRP NE1  N Y N 329 
TRP CE2  C Y N 330 
TRP CE3  C Y N 331 
TRP CZ2  C Y N 332 
TRP CZ3  C Y N 333 
TRP CH2  C Y N 334 
TRP OXT  O N N 335 
TRP H    H N N 336 
TRP H2   H N N 337 
TRP HA   H N N 338 
TRP HB2  H N N 339 
TRP HB3  H N N 340 
TRP HD1  H N N 341 
TRP HE1  H N N 342 
TRP HE3  H N N 343 
TRP HZ2  H N N 344 
TRP HZ3  H N N 345 
TRP HH2  H N N 346 
TRP HXT  H N N 347 
TYR N    N N N 348 
TYR CA   C N S 349 
TYR C    C N N 350 
TYR O    O N N 351 
TYR CB   C N N 352 
TYR CG   C Y N 353 
TYR CD1  C Y N 354 
TYR CD2  C Y N 355 
TYR CE1  C Y N 356 
TYR CE2  C Y N 357 
TYR CZ   C Y N 358 
TYR OH   O N N 359 
TYR OXT  O N N 360 
TYR H    H N N 361 
TYR H2   H N N 362 
TYR HA   H N N 363 
TYR HB2  H N N 364 
TYR HB3  H N N 365 
TYR HD1  H N N 366 
TYR HD2  H N N 367 
TYR HE1  H N N 368 
TYR HE2  H N N 369 
TYR HH   H N N 370 
TYR HXT  H N N 371 
VAL N    N N N 372 
VAL CA   C N S 373 
VAL C    C N N 374 
VAL O    O N N 375 
VAL CB   C N N 376 
VAL CG1  C N N 377 
VAL CG2  C N N 378 
VAL OXT  O N N 379 
VAL H    H N N 380 
VAL H2   H N N 381 
VAL HA   H N N 382 
VAL HB   H N N 383 
VAL HG11 H N N 384 
VAL HG12 H N N 385 
VAL HG13 H N N 386 
VAL HG21 H N N 387 
VAL HG22 H N N 388 
VAL HG23 H N N 389 
VAL HXT  H N N 390 
# 
loop_
_chem_comp_bond.comp_id 
_chem_comp_bond.atom_id_1 
_chem_comp_bond.atom_id_2 
_chem_comp_bond.value_order 
_chem_comp_bond.pdbx_aromatic_flag 
_chem_comp_bond.pdbx_stereo_config 
_chem_comp_bond.pdbx_ordinal 
ALA N   CA   sing N N 1   
ALA N   H    sing N N 2   
ALA N   H2   sing N N 3   
ALA CA  C    sing N N 4   
ALA CA  CB   sing N N 5   
ALA CA  HA   sing N N 6   
ALA C   O    doub N N 7   
ALA C   OXT  sing N N 8   
ALA CB  HB1  sing N N 9   
ALA CB  HB2  sing N N 10  
ALA CB  HB3  sing N N 11  
ALA OXT HXT  sing N N 12  
ARG N   CA   sing N N 13  
ARG N   H    sing N N 14  
ARG N   H2   sing N N 15  
ARG CA  C    sing N N 16  
ARG CA  CB   sing N N 17  
ARG CA  HA   sing N N 18  
ARG C   O    doub N N 19  
ARG C   OXT  sing N N 20  
ARG CB  CG   sing N N 21  
ARG CB  HB2  sing N N 22  
ARG CB  HB3  sing N N 23  
ARG CG  CD   sing N N 24  
ARG CG  HG2  sing N N 25  
ARG CG  HG3  sing N N 26  
ARG CD  NE   sing N N 27  
ARG CD  HD2  sing N N 28  
ARG CD  HD3  sing N N 29  
ARG NE  CZ   sing N N 30  
ARG NE  HE   sing N N 31  
ARG CZ  NH1  sing N N 32  
ARG CZ  NH2  doub N N 33  
ARG NH1 HH11 sing N N 34  
ARG NH1 HH12 sing N N 35  
ARG NH2 HH21 sing N N 36  
ARG NH2 HH22 sing N N 37  
ARG OXT HXT  sing N N 38  
ASN N   CA   sing N N 39  
ASN N   H    sing N N 40  
ASN N   H2   sing N N 41  
ASN CA  C    sing N N 42  
ASN CA  CB   sing N N 43  
ASN CA  HA   sing N N 44  
ASN C   O    doub N N 45  
ASN C   OXT  sing N N 46  
ASN CB  CG   sing N N 47  
ASN CB  HB2  sing N N 48  
ASN CB  HB3  sing N N 49  
ASN CG  OD1  doub N N 50  
ASN CG  ND2  sing N N 51  
ASN ND2 HD21 sing N N 52  
ASN ND2 HD22 sing N N 53  
ASN OXT HXT  sing N N 54  
ASP N   CA   sing N N 55  
ASP N   H    sing N N 56  
ASP N   H2   sing N N 57  
ASP CA  C    sing N N 58  
ASP CA  CB   sing N N 59  
ASP CA  HA   sing N N 60  
ASP C   O    doub N N 61  
ASP C   OXT  sing N N 62  
ASP CB  CG   sing N N 63  
ASP CB  HB2  sing N N 64  
ASP CB  HB3  sing N N 65  
ASP CG  OD1  doub N N 66  
ASP CG  OD2  sing N N 67  
ASP OD2 HD2  sing N N 68  
ASP OXT HXT  sing N N 69  
CYS N   CA   sing N N 70  
CYS N   H    sing N N 71  
CYS N   H2   sing N N 72  
CYS CA  C    sing N N 73  
CYS CA  CB   sing N N 74  
CYS CA  HA   sing N N 75  
CYS C   O    doub N N 76  
CYS C   OXT  sing N N 77  
CYS CB  SG   sing N N 78  
CYS CB  HB2  sing N N 79  
CYS CB  HB3  sing N N 80  
CYS SG  HG   sing N N 81  
CYS OXT HXT  sing N N 82  
GLN N   CA   sing N N 83  
GLN N   H    sing N N 84  
GLN N   H2   sing N N 85  
GLN CA  C    sing N N 86  
GLN CA  CB   sing N N 87  
GLN CA  HA   sing N N 88  
GLN C   O    doub N N 89  
GLN C   OXT  sing N N 90  
GLN CB  CG   sing N N 91  
GLN CB  HB2  sing N N 92  
GLN CB  HB3  sing N N 93  
GLN CG  CD   sing N N 94  
GLN CG  HG2  sing N N 95  
GLN CG  HG3  sing N N 96  
GLN CD  OE1  doub N N 97  
GLN CD  NE2  sing N N 98  
GLN NE2 HE21 sing N N 99  
GLN NE2 HE22 sing N N 100 
GLN OXT HXT  sing N N 101 
GLU N   CA   sing N N 102 
GLU N   H    sing N N 103 
GLU N   H2   sing N N 104 
GLU CA  C    sing N N 105 
GLU CA  CB   sing N N 106 
GLU CA  HA   sing N N 107 
GLU C   O    doub N N 108 
GLU C   OXT  sing N N 109 
GLU CB  CG   sing N N 110 
GLU CB  HB2  sing N N 111 
GLU CB  HB3  sing N N 112 
GLU CG  CD   sing N N 113 
GLU CG  HG2  sing N N 114 
GLU CG  HG3  sing N N 115 
GLU CD  OE1  doub N N 116 
GLU CD  OE2  sing N N 117 
GLU OE2 HE2  sing N N 118 
GLU OXT HXT  sing N N 119 
GLY N   CA   sing N N 120 
GLY N   H    sing N N 121 
GLY N   H2   sing N N 122 
GLY CA  C    sing N N 123 
GLY CA  HA2  sing N N 124 
GLY CA  HA3  sing N N 125 
GLY C   O    doub N N 126 
GLY C   OXT  sing N N 127 
GLY OXT HXT  sing N N 128 
HIS N   CA   sing N N 129 
HIS N   H    sing N N 130 
HIS N   H2   sing N N 131 
HIS CA  C    sing N N 132 
HIS CA  CB   sing N N 133 
HIS CA  HA   sing N N 134 
HIS C   O    doub N N 135 
HIS C   OXT  sing N N 136 
HIS CB  CG   sing N N 137 
HIS CB  HB2  sing N N 138 
HIS CB  HB3  sing N N 139 
HIS CG  ND1  sing Y N 140 
HIS CG  CD2  doub Y N 141 
HIS ND1 CE1  doub Y N 142 
HIS ND1 HD1  sing N N 143 
HIS CD2 NE2  sing Y N 144 
HIS CD2 HD2  sing N N 145 
HIS CE1 NE2  sing Y N 146 
HIS CE1 HE1  sing N N 147 
HIS NE2 HE2  sing N N 148 
HIS OXT HXT  sing N N 149 
HOH O   H1   sing N N 150 
HOH O   H2   sing N N 151 
ILE N   CA   sing N N 152 
ILE N   H    sing N N 153 
ILE N   H2   sing N N 154 
ILE CA  C    sing N N 155 
ILE CA  CB   sing N N 156 
ILE CA  HA   sing N N 157 
ILE C   O    doub N N 158 
ILE C   OXT  sing N N 159 
ILE CB  CG1  sing N N 160 
ILE CB  CG2  sing N N 161 
ILE CB  HB   sing N N 162 
ILE CG1 CD1  sing N N 163 
ILE CG1 HG12 sing N N 164 
ILE CG1 HG13 sing N N 165 
ILE CG2 HG21 sing N N 166 
ILE CG2 HG22 sing N N 167 
ILE CG2 HG23 sing N N 168 
ILE CD1 HD11 sing N N 169 
ILE CD1 HD12 sing N N 170 
ILE CD1 HD13 sing N N 171 
ILE OXT HXT  sing N N 172 
LEU N   CA   sing N N 173 
LEU N   H    sing N N 174 
LEU N   H2   sing N N 175 
LEU CA  C    sing N N 176 
LEU CA  CB   sing N N 177 
LEU CA  HA   sing N N 178 
LEU C   O    doub N N 179 
LEU C   OXT  sing N N 180 
LEU CB  CG   sing N N 181 
LEU CB  HB2  sing N N 182 
LEU CB  HB3  sing N N 183 
LEU CG  CD1  sing N N 184 
LEU CG  CD2  sing N N 185 
LEU CG  HG   sing N N 186 
LEU CD1 HD11 sing N N 187 
LEU CD1 HD12 sing N N 188 
LEU CD1 HD13 sing N N 189 
LEU CD2 HD21 sing N N 190 
LEU CD2 HD22 sing N N 191 
LEU CD2 HD23 sing N N 192 
LEU OXT HXT  sing N N 193 
LYS N   CA   sing N N 194 
LYS N   H    sing N N 195 
LYS N   H2   sing N N 196 
LYS CA  C    sing N N 197 
LYS CA  CB   sing N N 198 
LYS CA  HA   sing N N 199 
LYS C   O    doub N N 200 
LYS C   OXT  sing N N 201 
LYS CB  CG   sing N N 202 
LYS CB  HB2  sing N N 203 
LYS CB  HB3  sing N N 204 
LYS CG  CD   sing N N 205 
LYS CG  HG2  sing N N 206 
LYS CG  HG3  sing N N 207 
LYS CD  CE   sing N N 208 
LYS CD  HD2  sing N N 209 
LYS CD  HD3  sing N N 210 
LYS CE  NZ   sing N N 211 
LYS CE  HE2  sing N N 212 
LYS CE  HE3  sing N N 213 
LYS NZ  HZ1  sing N N 214 
LYS NZ  HZ2  sing N N 215 
LYS NZ  HZ3  sing N N 216 
LYS OXT HXT  sing N N 217 
MET N   CA   sing N N 218 
MET N   H    sing N N 219 
MET N   H2   sing N N 220 
MET CA  C    sing N N 221 
MET CA  CB   sing N N 222 
MET CA  HA   sing N N 223 
MET C   O    doub N N 224 
MET C   OXT  sing N N 225 
MET CB  CG   sing N N 226 
MET CB  HB2  sing N N 227 
MET CB  HB3  sing N N 228 
MET CG  SD   sing N N 229 
MET CG  HG2  sing N N 230 
MET CG  HG3  sing N N 231 
MET SD  CE   sing N N 232 
MET CE  HE1  sing N N 233 
MET CE  HE2  sing N N 234 
MET CE  HE3  sing N N 235 
MET OXT HXT  sing N N 236 
PHE N   CA   sing N N 237 
PHE N   H    sing N N 238 
PHE N   H2   sing N N 239 
PHE CA  C    sing N N 240 
PHE CA  CB   sing N N 241 
PHE CA  HA   sing N N 242 
PHE C   O    doub N N 243 
PHE C   OXT  sing N N 244 
PHE CB  CG   sing N N 245 
PHE CB  HB2  sing N N 246 
PHE CB  HB3  sing N N 247 
PHE CG  CD1  doub Y N 248 
PHE CG  CD2  sing Y N 249 
PHE CD1 CE1  sing Y N 250 
PHE CD1 HD1  sing N N 251 
PHE CD2 CE2  doub Y N 252 
PHE CD2 HD2  sing N N 253 
PHE CE1 CZ   doub Y N 254 
PHE CE1 HE1  sing N N 255 
PHE CE2 CZ   sing Y N 256 
PHE CE2 HE2  sing N N 257 
PHE CZ  HZ   sing N N 258 
PHE OXT HXT  sing N N 259 
PRO N   CA   sing N N 260 
PRO N   CD   sing N N 261 
PRO N   H    sing N N 262 
PRO CA  C    sing N N 263 
PRO CA  CB   sing N N 264 
PRO CA  HA   sing N N 265 
PRO C   O    doub N N 266 
PRO C   OXT  sing N N 267 
PRO CB  CG   sing N N 268 
PRO CB  HB2  sing N N 269 
PRO CB  HB3  sing N N 270 
PRO CG  CD   sing N N 271 
PRO CG  HG2  sing N N 272 
PRO CG  HG3  sing N N 273 
PRO CD  HD2  sing N N 274 
PRO CD  HD3  sing N N 275 
PRO OXT HXT  sing N N 276 
SER N   CA   sing N N 277 
SER N   H    sing N N 278 
SER N   H2   sing N N 279 
SER CA  C    sing N N 280 
SER CA  CB   sing N N 281 
SER CA  HA   sing N N 282 
SER C   O    doub N N 283 
SER C   OXT  sing N N 284 
SER CB  OG   sing N N 285 
SER CB  HB2  sing N N 286 
SER CB  HB3  sing N N 287 
SER OG  HG   sing N N 288 
SER OXT HXT  sing N N 289 
THR N   CA   sing N N 290 
THR N   H    sing N N 291 
THR N   H2   sing N N 292 
THR CA  C    sing N N 293 
THR CA  CB   sing N N 294 
THR CA  HA   sing N N 295 
THR C   O    doub N N 296 
THR C   OXT  sing N N 297 
THR CB  OG1  sing N N 298 
THR CB  CG2  sing N N 299 
THR CB  HB   sing N N 300 
THR OG1 HG1  sing N N 301 
THR CG2 HG21 sing N N 302 
THR CG2 HG22 sing N N 303 
THR CG2 HG23 sing N N 304 
THR OXT HXT  sing N N 305 
TRP N   CA   sing N N 306 
TRP N   H    sing N N 307 
TRP N   H2   sing N N 308 
TRP CA  C    sing N N 309 
TRP CA  CB   sing N N 310 
TRP CA  HA   sing N N 311 
TRP C   O    doub N N 312 
TRP C   OXT  sing N N 313 
TRP CB  CG   sing N N 314 
TRP CB  HB2  sing N N 315 
TRP CB  HB3  sing N N 316 
TRP CG  CD1  doub Y N 317 
TRP CG  CD2  sing Y N 318 
TRP CD1 NE1  sing Y N 319 
TRP CD1 HD1  sing N N 320 
TRP CD2 CE2  doub Y N 321 
TRP CD2 CE3  sing Y N 322 
TRP NE1 CE2  sing Y N 323 
TRP NE1 HE1  sing N N 324 
TRP CE2 CZ2  sing Y N 325 
TRP CE3 CZ3  doub Y N 326 
TRP CE3 HE3  sing N N 327 
TRP CZ2 CH2  doub Y N 328 
TRP CZ2 HZ2  sing N N 329 
TRP CZ3 CH2  sing Y N 330 
TRP CZ3 HZ3  sing N N 331 
TRP CH2 HH2  sing N N 332 
TRP OXT HXT  sing N N 333 
TYR N   CA   sing N N 334 
TYR N   H    sing N N 335 
TYR N   H2   sing N N 336 
TYR CA  C    sing N N 337 
TYR CA  CB   sing N N 338 
TYR CA  HA   sing N N 339 
TYR C   O    doub N N 340 
TYR C   OXT  sing N N 341 
TYR CB  CG   sing N N 342 
TYR CB  HB2  sing N N 343 
TYR CB  HB3  sing N N 344 
TYR CG  CD1  doub Y N 345 
TYR CG  CD2  sing Y N 346 
TYR CD1 CE1  sing Y N 347 
TYR CD1 HD1  sing N N 348 
TYR CD2 CE2  doub Y N 349 
TYR CD2 HD2  sing N N 350 
TYR CE1 CZ   doub Y N 351 
TYR CE1 HE1  sing N N 352 
TYR CE2 CZ   sing Y N 353 
TYR CE2 HE2  sing N N 354 
TYR CZ  OH   sing N N 355 
TYR OH  HH   sing N N 356 
TYR OXT HXT  sing N N 357 
VAL N   CA   sing N N 358 
VAL N   H    sing N N 359 
VAL N   H2   sing N N 360 
VAL CA  C    sing N N 361 
VAL CA  CB   sing N N 362 
VAL CA  HA   sing N N 363 
VAL C   O    doub N N 364 
VAL C   OXT  sing N N 365 
VAL CB  CG1  sing N N 366 
VAL CB  CG2  sing N N 367 
VAL CB  HB   sing N N 368 
VAL CG1 HG11 sing N N 369 
VAL CG1 HG12 sing N N 370 
VAL CG1 HG13 sing N N 371 
VAL CG2 HG21 sing N N 372 
VAL CG2 HG22 sing N N 373 
VAL CG2 HG23 sing N N 374 
VAL OXT HXT  sing N N 375 
# 
_pdbx_entity_nonpoly.entity_id   2 
_pdbx_entity_nonpoly.name        water 
_pdbx_entity_nonpoly.comp_id     HOH 
# 
_pdbx_initial_refinement_model.id               1 
_pdbx_initial_refinement_model.entity_id_list   ? 
_pdbx_initial_refinement_model.type             'experimental model' 
_pdbx_initial_refinement_model.source_name      PDB 
_pdbx_initial_refinement_model.accession_code   1D0B 
_pdbx_initial_refinement_model.details          'PDB ENTRY 1d0b' 
# 
